data_4ZK1
#
_entry.id   4ZK1
#
_cell.length_a   86.045
_cell.length_b   127.998
_cell.length_c   122.600
_cell.angle_alpha   90.000
_cell.angle_beta   110.220
_cell.angle_gamma   90.000
#
_symmetry.space_group_name_H-M   'P 1 21 1'
#
loop_
_entity.id
_entity.type
_entity.pdbx_description
1 polymer 'Acetylcholine-binding protein'
2 non-polymer 'PHOSPHATE ION'
3 non-polymer "(3E)-3-(1H-pyrrol-3-ylmethylidene)-3,4,5,6-tetrahydro-2,3'-bipyridine"
4 water water
#
_entity_poly.entity_id   1
_entity_poly.type   'polypeptide(L)'
_entity_poly.pdbx_seq_one_letter_code
;DYKDDDDKLDRADILYNIRQTSRPDVIPTQRDRPVAVSVSLKFINILEVNEITNEVDVVFWQQTTWSDRTLAWNSSHSPD
QVSVPISSLWVPDLAAYNAISKPEVLTPQLARVVSDGEVLYMPSIRQRFSCDVSGVDTESGATCRIKIGSWTHHSREISV
DPTTENSDDSEYFSQYSRFEILDVTQKKNSVTYSCCPEAYEDVEVSLNFRKKGRSEIL
;
_entity_poly.pdbx_strand_id   A,B,C,D,E,F,G,H,I,J
#
loop_
_chem_comp.id
_chem_comp.type
_chem_comp.name
_chem_comp.formula
4P7 non-polymer (3E)-3-(1H-pyrrol-3-ylmethylidene)-3,4,5,6-tetrahydro-2,3'-bipyridine 'C15 H15 N3'
PO4 non-polymer 'PHOSPHATE ION' 'O4 P -3'
#
# COMPACT_ATOMS: atom_id res chain seq x y z
N LYS A 3 23.14 -18.72 25.11
CA LYS A 3 22.87 -17.72 26.15
C LYS A 3 22.12 -16.51 25.58
N ASP A 4 22.20 -16.32 24.27
CA ASP A 4 21.52 -15.21 23.61
C ASP A 4 20.26 -15.65 22.89
N ASP A 5 19.97 -16.95 22.91
CA ASP A 5 18.79 -17.51 22.25
C ASP A 5 17.49 -16.78 22.63
N ASP A 6 17.33 -16.46 23.90
CA ASP A 6 16.08 -15.88 24.38
C ASP A 6 16.05 -14.35 24.41
N ASP A 7 16.95 -13.71 23.66
CA ASP A 7 16.86 -12.27 23.53
C ASP A 7 15.84 -11.94 22.46
N LYS A 8 14.67 -11.46 22.87
CA LYS A 8 13.54 -11.28 21.95
C LYS A 8 13.84 -10.29 20.84
N LEU A 9 14.46 -9.17 21.20
CA LEU A 9 14.74 -8.13 20.23
C LEU A 9 15.70 -8.65 19.16
N ASP A 10 16.66 -9.46 19.59
CA ASP A 10 17.58 -10.08 18.66
C ASP A 10 16.83 -11.00 17.70
N ARG A 11 15.88 -11.80 18.22
CA ARG A 11 15.11 -12.68 17.35
C ARG A 11 14.28 -11.89 16.34
N ALA A 12 13.64 -10.83 16.80
CA ALA A 12 12.87 -9.96 15.93
C ALA A 12 13.74 -9.37 14.82
N ASP A 13 14.97 -9.00 15.17
CA ASP A 13 15.89 -8.43 14.18
C ASP A 13 16.35 -9.49 13.20
N ILE A 14 16.54 -10.71 13.67
CA ILE A 14 16.92 -11.78 12.76
C ILE A 14 15.79 -12.04 11.76
N LEU A 15 14.55 -12.08 12.25
CA LEU A 15 13.42 -12.31 11.36
C LEU A 15 13.32 -11.18 10.32
N TYR A 16 13.49 -9.95 10.77
CA TYR A 16 13.55 -8.81 9.86
C TYR A 16 14.64 -8.99 8.80
N ASN A 17 15.83 -9.40 9.23
CA ASN A 17 16.95 -9.60 8.28
C ASN A 17 16.61 -10.69 7.27
N ILE A 18 16.02 -11.79 7.74
CA ILE A 18 15.68 -12.89 6.86
C ILE A 18 14.65 -12.43 5.83
N ARG A 19 13.67 -11.64 6.25
CA ARG A 19 12.63 -11.23 5.32
C ARG A 19 13.12 -10.20 4.33
N GLN A 20 14.14 -9.43 4.72
CA GLN A 20 14.74 -8.49 3.78
C GLN A 20 15.53 -9.22 2.70
N THR A 21 16.19 -10.32 3.05
CA THR A 21 17.07 -11.00 2.10
C THR A 21 16.40 -12.15 1.35
N SER A 22 15.39 -12.76 1.97
CA SER A 22 14.76 -13.93 1.41
C SER A 22 14.05 -13.64 0.10
N ARG A 23 14.22 -14.53 -0.88
CA ARG A 23 13.45 -14.49 -2.11
C ARG A 23 12.64 -15.75 -2.21
N PRO A 24 11.38 -15.75 -1.75
CA PRO A 24 10.63 -17.00 -1.62
C PRO A 24 10.36 -17.74 -2.93
N ASP A 25 10.44 -17.02 -4.05
CA ASP A 25 10.06 -17.63 -5.32
C ASP A 25 11.24 -17.96 -6.24
N VAL A 26 12.46 -17.71 -5.77
CA VAL A 26 13.65 -17.98 -6.55
C VAL A 26 14.52 -19.07 -5.92
N ILE A 27 14.95 -20.05 -6.71
CA ILE A 27 15.77 -21.12 -6.12
C ILE A 27 17.11 -20.54 -5.63
N PRO A 28 17.55 -20.96 -4.42
CA PRO A 28 18.76 -20.37 -3.84
C PRO A 28 20.03 -21.04 -4.35
N THR A 29 20.29 -20.92 -5.64
CA THR A 29 21.46 -21.54 -6.22
C THR A 29 22.68 -20.70 -5.85
N GLN A 30 23.72 -21.37 -5.37
CA GLN A 30 24.95 -20.72 -4.94
C GLN A 30 26.14 -21.35 -5.65
N ARG A 31 27.12 -20.53 -6.02
CA ARG A 31 28.35 -21.02 -6.64
C ARG A 31 28.06 -21.77 -7.95
N ASP A 32 27.09 -21.25 -8.72
CA ASP A 32 26.64 -21.89 -9.96
C ASP A 32 26.44 -23.40 -9.86
N ARG A 33 25.89 -23.84 -8.73
CA ARG A 33 25.59 -25.24 -8.51
C ARG A 33 24.10 -25.40 -8.22
N PRO A 34 23.54 -26.57 -8.52
CA PRO A 34 22.14 -26.78 -8.16
C PRO A 34 21.93 -26.71 -6.65
N VAL A 35 20.70 -26.47 -6.22
CA VAL A 35 20.38 -26.50 -4.81
C VAL A 35 20.38 -27.94 -4.34
N ALA A 36 21.21 -28.26 -3.36
CA ALA A 36 21.23 -29.60 -2.81
C ALA A 36 20.20 -29.71 -1.71
N VAL A 37 19.14 -30.48 -1.96
CA VAL A 37 18.09 -30.67 -0.97
C VAL A 37 18.18 -32.08 -0.39
N SER A 38 18.24 -32.17 0.93
CA SER A 38 18.27 -33.47 1.60
C SER A 38 16.88 -33.78 2.12
N VAL A 39 16.42 -34.99 1.86
CA VAL A 39 15.10 -35.42 2.31
C VAL A 39 15.23 -36.74 3.04
N SER A 40 14.66 -36.83 4.23
CA SER A 40 14.59 -38.11 4.92
C SER A 40 13.21 -38.26 5.52
N LEU A 41 12.49 -39.32 5.14
CA LEU A 41 11.17 -39.54 5.72
C LEU A 41 11.28 -40.38 6.97
N LYS A 42 10.71 -39.90 8.07
CA LYS A 42 10.62 -40.72 9.28
C LYS A 42 9.19 -41.23 9.39
N PHE A 43 8.96 -42.53 9.19
CA PHE A 43 7.60 -43.01 9.22
C PHE A 43 7.09 -43.09 10.63
N ILE A 44 5.87 -42.59 10.82
CA ILE A 44 5.25 -42.54 12.14
C ILE A 44 4.13 -43.55 12.24
N ASN A 45 3.38 -43.71 11.15
CA ASN A 45 2.32 -44.72 11.17
C ASN A 45 1.96 -45.20 9.78
N ILE A 46 1.43 -46.41 9.73
CA ILE A 46 0.80 -46.95 8.56
C ILE A 46 -0.64 -47.21 8.95
N LEU A 47 -1.56 -46.48 8.36
CA LEU A 47 -2.92 -46.42 8.86
C LEU A 47 -3.85 -47.38 8.16
N GLU A 48 -3.66 -47.51 6.86
CA GLU A 48 -4.49 -48.39 6.06
C GLU A 48 -3.66 -48.94 4.93
N VAL A 49 -3.89 -50.20 4.58
CA VAL A 49 -3.28 -50.74 3.39
C VAL A 49 -4.32 -51.59 2.69
N ASN A 50 -4.28 -51.54 1.37
CA ASN A 50 -5.25 -52.28 0.57
C ASN A 50 -4.50 -53.14 -0.43
N GLU A 51 -4.57 -54.45 -0.26
CA GLU A 51 -3.78 -55.36 -1.06
C GLU A 51 -4.42 -55.57 -2.43
N ILE A 52 -5.73 -55.38 -2.49
CA ILE A 52 -6.46 -55.46 -3.75
C ILE A 52 -6.13 -54.29 -4.67
N THR A 53 -6.17 -53.08 -4.11
CA THR A 53 -5.95 -51.88 -4.93
C THR A 53 -4.51 -51.38 -4.95
N ASN A 54 -3.65 -51.96 -4.11
CA ASN A 54 -2.26 -51.54 -3.98
C ASN A 54 -2.15 -50.08 -3.56
N GLU A 55 -2.78 -49.76 -2.44
CA GLU A 55 -2.73 -48.38 -1.92
C GLU A 55 -2.40 -48.41 -0.44
N VAL A 56 -1.63 -47.41 0.01
CA VAL A 56 -1.34 -47.29 1.44
C VAL A 56 -1.65 -45.88 1.90
N ASP A 57 -1.98 -45.76 3.17
CA ASP A 57 -2.24 -44.47 3.82
C ASP A 57 -1.26 -44.34 4.98
N VAL A 58 -0.37 -43.36 4.93
CA VAL A 58 0.70 -43.29 5.93
C VAL A 58 0.89 -41.89 6.50
N VAL A 59 1.57 -41.83 7.65
CA VAL A 59 1.98 -40.58 8.25
C VAL A 59 3.50 -40.60 8.43
N PHE A 60 4.17 -39.55 7.99
CA PHE A 60 5.61 -39.48 8.10
C PHE A 60 6.06 -38.05 8.37
N TRP A 61 7.19 -37.92 9.05
CA TRP A 61 7.84 -36.62 9.21
C TRP A 61 8.81 -36.45 8.06
N GLN A 62 8.62 -35.40 7.28
CA GLN A 62 9.45 -35.20 6.10
C GLN A 62 10.59 -34.24 6.42
N GLN A 63 11.71 -34.79 6.88
CA GLN A 63 12.85 -33.96 7.26
C GLN A 63 13.52 -33.42 6.00
N THR A 64 13.43 -32.11 5.81
CA THR A 64 13.88 -31.47 4.58
C THR A 64 14.89 -30.39 4.93
N THR A 65 16.11 -30.47 4.38
CA THR A 65 17.11 -29.46 4.68
C THR A 65 17.81 -29.01 3.41
N TRP A 66 18.22 -27.75 3.43
CA TRP A 66 19.00 -27.14 2.37
C TRP A 66 19.69 -25.90 2.92
N SER A 67 20.60 -25.34 2.14
CA SER A 67 21.28 -24.13 2.54
C SER A 67 20.85 -22.93 1.69
N ASP A 68 20.80 -21.76 2.33
CA ASP A 68 20.83 -20.49 1.61
C ASP A 68 21.71 -19.54 2.41
N ARG A 69 22.96 -19.43 2.01
CA ARG A 69 23.92 -18.64 2.78
C ARG A 69 23.61 -17.15 2.81
N THR A 70 22.74 -16.68 1.92
CA THR A 70 22.34 -15.28 1.94
C THR A 70 21.55 -14.94 3.21
N LEU A 71 21.06 -15.97 3.88
CA LEU A 71 20.27 -15.82 5.12
C LEU A 71 21.12 -15.84 6.38
N ALA A 72 22.39 -16.19 6.22
CA ALA A 72 23.31 -16.36 7.35
C ALA A 72 23.59 -15.04 8.08
N TRP A 73 23.90 -15.14 9.36
CA TRP A 73 24.27 -13.98 10.16
C TRP A 73 25.30 -14.40 11.20
N ASN A 74 26.00 -13.42 11.75
CA ASN A 74 26.98 -13.64 12.81
C ASN A 74 26.27 -13.82 14.14
N SER A 75 26.34 -15.03 14.70
CA SER A 75 25.61 -15.32 15.93
C SER A 75 26.54 -15.39 17.14
N SER A 76 27.68 -14.69 17.07
CA SER A 76 28.61 -14.62 18.21
C SER A 76 27.90 -14.09 19.44
N HIS A 77 27.01 -13.13 19.27
CA HIS A 77 26.28 -12.57 20.40
C HIS A 77 24.78 -12.44 20.11
N SER A 78 24.25 -13.42 19.37
CA SER A 78 22.83 -13.43 19.06
C SER A 78 22.35 -14.87 18.91
N PRO A 79 21.02 -15.08 18.84
CA PRO A 79 20.47 -16.43 18.67
C PRO A 79 21.09 -17.18 17.50
N ASP A 80 21.28 -18.50 17.66
CA ASP A 80 21.86 -19.36 16.64
C ASP A 80 20.82 -19.84 15.62
N GLN A 81 19.55 -19.80 16.02
CA GLN A 81 18.43 -20.32 15.24
C GLN A 81 17.16 -19.59 15.58
N VAL A 82 16.29 -19.42 14.58
CA VAL A 82 14.94 -18.91 14.83
C VAL A 82 13.93 -19.70 14.02
N SER A 83 12.67 -19.67 14.46
CA SER A 83 11.59 -20.26 13.68
C SER A 83 11.02 -19.21 12.72
N VAL A 84 10.72 -19.63 11.50
CA VAL A 84 10.26 -18.70 10.47
C VAL A 84 9.07 -19.32 9.72
N PRO A 85 7.99 -18.57 9.52
CA PRO A 85 6.89 -19.08 8.69
C PRO A 85 7.40 -19.45 7.30
N ILE A 86 7.03 -20.59 6.73
CA ILE A 86 7.59 -20.96 5.43
C ILE A 86 7.14 -20.01 4.34
N SER A 87 6.07 -19.25 4.58
CA SER A 87 5.63 -18.28 3.57
C SER A 87 6.68 -17.18 3.36
N SER A 88 7.60 -17.04 4.31
CA SER A 88 8.66 -16.03 4.23
C SER A 88 9.91 -16.58 3.53
N LEU A 89 9.91 -17.87 3.23
CA LEU A 89 11.10 -18.53 2.70
C LEU A 89 10.85 -19.21 1.38
N TRP A 90 11.92 -19.40 0.60
CA TRP A 90 11.84 -20.38 -0.47
C TRP A 90 11.87 -21.77 0.16
N VAL A 91 10.99 -22.64 -0.32
CA VAL A 91 11.01 -24.05 0.07
C VAL A 91 10.93 -24.89 -1.20
N PRO A 92 11.61 -26.05 -1.20
CA PRO A 92 11.63 -26.88 -2.40
C PRO A 92 10.24 -27.34 -2.78
N ASP A 93 9.96 -27.35 -4.08
CA ASP A 93 8.65 -27.75 -4.59
C ASP A 93 8.54 -29.27 -4.73
N LEU A 94 8.69 -29.97 -3.60
CA LEU A 94 8.72 -31.43 -3.63
C LEU A 94 7.33 -32.03 -3.86
N ALA A 95 7.30 -33.15 -4.58
CA ALA A 95 6.07 -33.94 -4.74
C ALA A 95 6.42 -35.40 -4.80
N ALA A 96 5.52 -36.26 -4.34
CA ALA A 96 5.67 -37.69 -4.50
C ALA A 96 5.02 -38.13 -5.82
N TYR A 97 5.80 -38.78 -6.67
CA TYR A 97 5.34 -39.15 -8.01
C TYR A 97 4.15 -40.10 -8.00
N ASN A 98 4.05 -40.90 -6.95
CA ASN A 98 2.98 -41.89 -6.85
C ASN A 98 1.97 -41.57 -5.74
N ALA A 99 1.88 -40.30 -5.36
CA ALA A 99 0.83 -39.89 -4.42
C ALA A 99 -0.53 -39.89 -5.10
N ILE A 100 -1.55 -40.35 -4.40
CA ILE A 100 -2.91 -40.35 -4.95
C ILE A 100 -3.87 -39.52 -4.08
N SER A 101 -3.31 -38.78 -3.14
CA SER A 101 -4.08 -37.80 -2.37
C SER A 101 -3.19 -36.58 -2.11
N LYS A 102 -3.80 -35.45 -1.77
CA LYS A 102 -3.04 -34.24 -1.41
C LYS A 102 -2.22 -34.51 -0.16
N PRO A 103 -1.02 -33.94 -0.10
CA PRO A 103 -0.31 -34.06 1.19
C PRO A 103 -1.05 -33.26 2.25
N GLU A 104 -1.43 -33.89 3.35
CA GLU A 104 -2.12 -33.22 4.44
C GLU A 104 -1.10 -32.87 5.51
N VAL A 105 -0.76 -31.59 5.61
CA VAL A 105 0.23 -31.20 6.59
C VAL A 105 -0.42 -31.05 7.97
N LEU A 106 0.10 -31.81 8.93
CA LEU A 106 -0.57 -31.92 10.23
C LEU A 106 -0.02 -30.96 11.28
N THR A 107 1.07 -30.27 10.94
CA THR A 107 1.82 -29.49 11.92
C THR A 107 1.93 -28.02 11.50
N PRO A 108 2.32 -27.14 12.43
CA PRO A 108 2.51 -25.72 12.09
C PRO A 108 3.54 -25.52 10.97
N GLN A 109 3.22 -24.67 10.00
CA GLN A 109 4.09 -24.50 8.83
C GLN A 109 5.21 -23.48 9.08
N LEU A 110 6.12 -23.92 9.94
CA LEU A 110 7.29 -23.16 10.38
C LEU A 110 8.55 -23.96 10.07
N ALA A 111 9.58 -23.26 9.62
CA ALA A 111 10.90 -23.86 9.43
C ALA A 111 11.86 -23.28 10.44
N ARG A 112 12.98 -23.97 10.66
CA ARG A 112 14.07 -23.38 11.41
C ARG A 112 15.12 -22.84 10.45
N VAL A 113 15.58 -21.62 10.71
CA VAL A 113 16.73 -21.08 10.00
C VAL A 113 17.89 -20.94 10.98
N VAL A 114 19.03 -21.53 10.60
CA VAL A 114 20.24 -21.53 11.43
C VAL A 114 21.18 -20.43 10.97
N SER A 115 22.00 -19.89 11.88
CA SER A 115 22.80 -18.71 11.55
C SER A 115 23.80 -18.96 10.43
N ASP A 116 24.09 -20.21 10.12
CA ASP A 116 24.99 -20.47 8.98
C ASP A 116 24.21 -20.55 7.66
N GLY A 117 22.90 -20.34 7.72
CA GLY A 117 22.09 -20.36 6.50
C GLY A 117 21.41 -21.69 6.21
N GLU A 118 21.60 -22.69 7.07
CA GLU A 118 20.88 -23.93 6.87
C GLU A 118 19.42 -23.72 7.23
N VAL A 119 18.53 -24.35 6.47
CA VAL A 119 17.12 -24.28 6.72
C VAL A 119 16.62 -25.70 6.96
N LEU A 120 15.83 -25.89 8.00
CA LEU A 120 15.22 -27.20 8.24
C LEU A 120 13.72 -27.04 8.32
N TYR A 121 13.03 -27.81 7.50
CA TYR A 121 11.56 -27.82 7.50
C TYR A 121 11.14 -29.27 7.63
N MET A 122 10.31 -29.58 8.62
CA MET A 122 9.92 -30.97 8.85
C MET A 122 8.44 -31.08 9.18
N PRO A 123 7.58 -30.96 8.16
CA PRO A 123 6.16 -31.17 8.35
C PRO A 123 5.83 -32.63 8.65
N SER A 124 4.84 -32.84 9.51
CA SER A 124 4.22 -34.17 9.58
C SER A 124 3.16 -34.23 8.51
N ILE A 125 3.27 -35.24 7.64
CA ILE A 125 2.38 -35.35 6.49
C ILE A 125 1.60 -36.67 6.53
N ARG A 126 0.29 -36.59 6.31
CA ARG A 126 -0.49 -37.79 6.02
C ARG A 126 -0.81 -37.79 4.55
N GLN A 127 -0.58 -38.91 3.87
CA GLN A 127 -0.80 -38.98 2.43
C GLN A 127 -1.00 -40.40 1.98
N ARG A 128 -1.72 -40.55 0.87
CA ARG A 128 -1.98 -41.88 0.31
C ARG A 128 -1.18 -42.08 -0.97
N PHE A 129 -0.74 -43.32 -1.17
CA PHE A 129 0.14 -43.67 -2.29
C PHE A 129 -0.29 -44.93 -2.99
N SER A 130 0.04 -44.99 -4.28
CA SER A 130 -0.09 -46.21 -5.09
C SER A 130 1.25 -46.93 -5.10
N CYS A 131 1.31 -48.12 -4.52
CA CYS A 131 2.59 -48.83 -4.44
C CYS A 131 2.36 -50.32 -4.18
N ASP A 132 3.43 -51.11 -4.23
CA ASP A 132 3.31 -52.55 -4.11
C ASP A 132 3.04 -52.99 -2.67
N VAL A 133 1.81 -53.44 -2.40
CA VAL A 133 1.43 -53.87 -1.06
C VAL A 133 1.48 -55.40 -0.96
N SER A 134 1.82 -56.06 -2.06
CA SER A 134 1.84 -57.52 -2.08
C SER A 134 2.84 -58.06 -1.05
N GLY A 135 2.42 -59.07 -0.30
CA GLY A 135 3.27 -59.69 0.70
C GLY A 135 3.18 -59.09 2.10
N VAL A 136 2.28 -58.13 2.30
CA VAL A 136 2.17 -57.43 3.57
C VAL A 136 1.80 -58.40 4.71
N ASP A 137 1.14 -59.50 4.38
CA ASP A 137 0.76 -60.48 5.39
C ASP A 137 1.75 -61.64 5.51
N THR A 138 2.96 -61.45 5.02
CA THR A 138 3.99 -62.49 5.07
C THR A 138 5.15 -62.09 5.97
N GLU A 139 6.02 -63.05 6.24
CA GLU A 139 7.23 -62.80 7.04
C GLU A 139 8.15 -61.73 6.44
N SER A 140 8.34 -61.78 5.12
CA SER A 140 9.26 -60.83 4.48
C SER A 140 8.55 -59.50 4.21
N GLY A 141 7.22 -59.51 4.23
CA GLY A 141 6.45 -58.28 4.17
C GLY A 141 6.34 -57.65 2.79
N ALA A 142 5.79 -56.45 2.74
CA ALA A 142 5.65 -55.74 1.47
C ALA A 142 6.74 -54.69 1.39
N THR A 143 7.04 -54.24 0.18
CA THR A 143 7.98 -53.14 0.00
C THR A 143 7.31 -52.13 -0.89
N CYS A 144 6.90 -51.03 -0.26
CA CYS A 144 6.20 -49.94 -0.90
C CYS A 144 7.23 -48.88 -1.22
N ARG A 145 7.35 -48.50 -2.50
CA ARG A 145 8.35 -47.51 -2.89
C ARG A 145 7.69 -46.18 -3.21
N ILE A 146 8.26 -45.13 -2.63
CA ILE A 146 7.75 -43.78 -2.78
C ILE A 146 8.86 -42.92 -3.38
N LYS A 147 8.57 -42.25 -4.48
CA LYS A 147 9.59 -41.43 -5.15
C LYS A 147 9.24 -39.98 -4.95
N ILE A 148 10.17 -39.21 -4.39
CA ILE A 148 9.96 -37.80 -4.10
C ILE A 148 11.03 -36.97 -4.79
N GLY A 149 10.61 -35.91 -5.46
CA GLY A 149 11.58 -35.02 -6.08
C GLY A 149 10.96 -33.67 -6.32
N SER A 150 11.73 -32.77 -6.88
CA SER A 150 11.19 -31.46 -7.28
C SER A 150 10.18 -31.61 -8.43
N TRP A 151 9.04 -30.94 -8.33
CA TRP A 151 8.05 -31.08 -9.38
C TRP A 151 8.44 -30.34 -10.66
N THR A 152 9.11 -29.19 -10.53
CA THR A 152 9.33 -28.37 -11.72
C THR A 152 10.79 -28.05 -11.98
N HIS A 153 11.68 -28.42 -11.06
CA HIS A 153 13.10 -28.13 -11.26
C HIS A 153 13.89 -29.39 -11.61
N HIS A 154 14.52 -29.39 -12.78
CA HIS A 154 15.33 -30.53 -13.19
C HIS A 154 16.69 -30.56 -12.48
N SER A 155 17.49 -31.57 -12.79
CA SER A 155 18.72 -31.87 -12.05
C SER A 155 19.78 -30.76 -12.03
N ARG A 156 19.78 -29.90 -13.03
CA ARG A 156 20.76 -28.83 -13.08
C ARG A 156 20.38 -27.72 -12.10
N GLU A 157 19.14 -27.75 -11.62
CA GLU A 157 18.59 -26.71 -10.75
C GLU A 157 18.44 -27.17 -9.30
N ILE A 158 17.91 -28.38 -9.11
CA ILE A 158 17.78 -28.96 -7.78
C ILE A 158 18.22 -30.42 -7.80
N SER A 159 19.05 -30.80 -6.84
CA SER A 159 19.30 -32.21 -6.59
C SER A 159 18.62 -32.59 -5.28
N VAL A 160 17.79 -33.62 -5.33
CA VAL A 160 17.12 -34.12 -4.14
C VAL A 160 17.79 -35.42 -3.69
N ASP A 161 18.42 -35.38 -2.51
CA ASP A 161 19.28 -36.48 -2.06
C ASP A 161 18.86 -37.04 -0.69
N PRO A 162 19.13 -38.34 -0.46
CA PRO A 162 18.88 -38.95 0.86
C PRO A 162 20.01 -38.61 1.83
N THR A 163 19.77 -38.79 3.12
CA THR A 163 20.79 -38.51 4.12
C THR A 163 21.53 -39.77 4.55
N SER A 167 17.47 -47.82 8.11
CA SER A 167 16.85 -47.65 9.43
C SER A 167 15.50 -48.35 9.54
N ASP A 168 15.16 -48.81 10.74
CA ASP A 168 13.85 -49.41 10.99
C ASP A 168 12.92 -48.40 11.65
N ASP A 169 13.40 -47.16 11.75
CA ASP A 169 12.64 -46.04 12.30
C ASP A 169 12.07 -46.32 13.71
N SER A 170 12.81 -47.08 14.51
CA SER A 170 12.30 -47.50 15.82
C SER A 170 12.03 -46.33 16.76
N GLU A 171 12.76 -45.23 16.55
CA GLU A 171 12.58 -44.05 17.39
C GLU A 171 11.31 -43.26 17.06
N TYR A 172 10.76 -43.50 15.88
CA TYR A 172 9.67 -42.69 15.37
C TYR A 172 8.35 -43.42 15.20
N PHE A 173 8.42 -44.70 14.82
CA PHE A 173 7.21 -45.41 14.42
C PHE A 173 6.34 -45.78 15.60
N SER A 174 5.04 -45.53 15.45
CA SER A 174 4.05 -45.84 16.49
C SER A 174 4.05 -47.32 16.91
N GLN A 175 4.13 -47.57 18.21
CA GLN A 175 4.02 -48.94 18.70
C GLN A 175 2.59 -49.43 18.62
N TYR A 176 1.66 -48.54 18.27
CA TYR A 176 0.24 -48.90 18.25
C TYR A 176 -0.31 -49.09 16.84
N SER A 177 0.56 -49.03 15.85
CA SER A 177 0.19 -49.41 14.49
C SER A 177 -0.14 -50.89 14.39
N ARG A 178 -1.00 -51.26 13.44
CA ARG A 178 -1.30 -52.66 13.20
C ARG A 178 -0.20 -53.27 12.35
N PHE A 179 0.73 -52.41 11.91
CA PHE A 179 1.87 -52.85 11.10
C PHE A 179 3.18 -52.60 11.83
N GLU A 180 4.26 -53.19 11.32
CA GLU A 180 5.57 -52.95 11.87
C GLU A 180 6.56 -52.76 10.73
N ILE A 181 7.57 -51.94 10.97
CA ILE A 181 8.55 -51.62 9.92
C ILE A 181 9.77 -52.52 10.01
N LEU A 182 10.09 -53.19 8.92
CA LEU A 182 11.27 -54.05 8.84
C LEU A 182 12.49 -53.23 8.46
N ASP A 183 12.35 -52.38 7.44
CA ASP A 183 13.48 -51.58 6.98
C ASP A 183 12.98 -50.44 6.11
N VAL A 184 13.66 -49.31 6.20
CA VAL A 184 13.40 -48.18 5.30
C VAL A 184 14.71 -47.75 4.66
N THR A 185 14.83 -47.93 3.35
CA THR A 185 16.01 -47.47 2.65
C THR A 185 15.65 -46.26 1.79
N GLN A 186 16.58 -45.33 1.68
CA GLN A 186 16.32 -44.12 0.92
C GLN A 186 17.53 -43.90 0.04
N LYS A 187 17.32 -43.97 -1.26
CA LYS A 187 18.41 -43.93 -2.24
C LYS A 187 18.23 -42.81 -3.26
N LYS A 188 19.35 -42.31 -3.78
CA LYS A 188 19.33 -41.42 -4.94
C LYS A 188 18.72 -42.13 -6.14
N ASN A 189 17.95 -41.40 -6.92
CA ASN A 189 17.34 -41.94 -8.13
C ASN A 189 17.24 -40.81 -9.16
N SER A 190 17.39 -41.16 -10.43
CA SER A 190 17.28 -40.17 -11.49
C SER A 190 16.18 -40.59 -12.44
N VAL A 191 15.37 -39.63 -12.87
CA VAL A 191 14.26 -39.95 -13.75
C VAL A 191 14.30 -39.13 -15.02
N THR A 192 14.07 -39.79 -16.14
CA THR A 192 14.02 -39.12 -17.43
C THR A 192 12.87 -39.71 -18.23
N TYR A 193 12.27 -38.90 -19.09
CA TYR A 193 11.18 -39.36 -19.92
C TYR A 193 11.62 -39.28 -21.37
N SER A 194 11.14 -40.21 -22.19
CA SER A 194 11.66 -40.36 -23.56
C SER A 194 11.44 -39.10 -24.40
N CYS A 195 10.43 -38.32 -24.03
CA CYS A 195 10.06 -37.12 -24.79
C CYS A 195 11.08 -35.99 -24.68
N CYS A 196 11.76 -35.92 -23.55
CA CYS A 196 12.46 -34.69 -23.17
C CYS A 196 13.83 -34.94 -22.55
N PRO A 197 14.72 -33.94 -22.65
CA PRO A 197 16.12 -34.01 -22.23
C PRO A 197 16.32 -33.95 -20.71
N GLU A 198 15.44 -33.23 -20.02
CA GLU A 198 15.61 -32.99 -18.59
C GLU A 198 15.64 -34.29 -17.80
N ALA A 199 16.53 -34.34 -16.81
CA ALA A 199 16.47 -35.41 -15.81
C ALA A 199 16.00 -34.80 -14.49
N TYR A 200 15.27 -35.59 -13.72
CA TYR A 200 14.85 -35.18 -12.40
C TYR A 200 15.53 -36.05 -11.36
N GLU A 201 16.14 -35.41 -10.38
CA GLU A 201 16.74 -36.14 -9.30
C GLU A 201 15.70 -36.35 -8.24
N ASP A 202 15.67 -37.53 -7.65
CA ASP A 202 14.70 -37.76 -6.61
C ASP A 202 15.28 -38.73 -5.60
N VAL A 203 14.57 -38.87 -4.49
CA VAL A 203 14.90 -39.90 -3.52
C VAL A 203 13.85 -40.99 -3.64
N GLU A 204 14.31 -42.24 -3.72
CA GLU A 204 13.40 -43.36 -3.75
C GLU A 204 13.38 -43.95 -2.36
N VAL A 205 12.22 -43.89 -1.72
CA VAL A 205 12.07 -44.39 -0.37
C VAL A 205 11.42 -45.76 -0.43
N SER A 206 12.12 -46.78 0.06
CA SER A 206 11.58 -48.14 0.05
C SER A 206 11.16 -48.53 1.45
N LEU A 207 9.86 -48.61 1.66
CA LEU A 207 9.33 -48.92 2.98
C LEU A 207 8.99 -50.41 3.02
N ASN A 208 9.78 -51.19 3.74
CA ASN A 208 9.54 -52.63 3.90
C ASN A 208 8.83 -52.87 5.23
N PHE A 209 7.59 -53.32 5.16
CA PHE A 209 6.74 -53.45 6.34
C PHE A 209 5.85 -54.67 6.26
N ARG A 210 5.23 -55.01 7.37
CA ARG A 210 4.34 -56.17 7.39
C ARG A 210 3.32 -56.03 8.51
N LYS A 211 2.23 -56.78 8.40
CA LYS A 211 1.22 -56.77 9.43
C LYS A 211 1.77 -57.41 10.71
N LYS A 212 1.50 -56.78 11.84
CA LYS A 212 1.88 -57.31 13.13
C LYS A 212 1.10 -58.57 13.47
N GLY A 213 1.75 -59.47 14.20
CA GLY A 213 1.09 -60.63 14.77
C GLY A 213 0.32 -61.45 13.75
N ARG A 214 0.99 -61.79 12.66
CA ARG A 214 0.37 -62.49 11.56
C ARG A 214 0.11 -63.94 11.93
N SER A 215 -1.00 -64.49 11.43
CA SER A 215 -1.30 -65.91 11.58
C SER A 215 -0.90 -66.65 10.30
N GLU A 216 -0.05 -67.66 10.44
CA GLU A 216 0.50 -68.39 9.30
C GLU A 216 0.04 -69.85 9.31
N ILE A 217 0.22 -70.51 8.17
CA ILE A 217 0.07 -71.96 8.09
C ILE A 217 1.46 -72.58 8.06
N LEU A 218 1.84 -73.27 9.12
CA LEU A 218 3.17 -73.87 9.23
C LEU A 218 3.20 -75.33 8.80
N TYR B 2 22.43 -22.90 -21.01
CA TYR B 2 22.37 -23.95 -19.99
C TYR B 2 23.39 -23.69 -18.89
N LYS B 3 24.51 -23.06 -19.28
CA LYS B 3 25.58 -22.78 -18.34
C LYS B 3 25.16 -21.72 -17.33
N ASP B 4 24.07 -21.03 -17.62
CA ASP B 4 23.64 -19.92 -16.78
C ASP B 4 22.38 -20.24 -15.96
N ASP B 5 21.92 -21.49 -16.03
CA ASP B 5 20.72 -21.89 -15.28
C ASP B 5 20.76 -21.54 -13.79
N ASP B 6 21.94 -21.66 -13.18
CA ASP B 6 22.04 -21.47 -11.74
C ASP B 6 22.47 -20.04 -11.33
N ASP B 7 22.37 -19.09 -12.26
CA ASP B 7 22.68 -17.69 -11.95
C ASP B 7 21.48 -17.09 -11.22
N LYS B 8 21.55 -17.00 -9.89
CA LYS B 8 20.37 -16.65 -9.10
C LYS B 8 19.82 -15.27 -9.41
N LEU B 9 20.69 -14.29 -9.53
CA LEU B 9 20.23 -12.94 -9.81
C LEU B 9 19.54 -12.88 -11.16
N ASP B 10 20.06 -13.64 -12.12
CA ASP B 10 19.43 -13.72 -13.45
C ASP B 10 18.01 -14.24 -13.32
N ARG B 11 17.85 -15.30 -12.53
CA ARG B 11 16.53 -15.90 -12.32
C ARG B 11 15.56 -14.92 -11.66
N ALA B 12 16.03 -14.20 -10.66
CA ALA B 12 15.21 -13.22 -9.96
C ALA B 12 14.75 -12.11 -10.90
N ASP B 13 15.65 -11.68 -11.78
CA ASP B 13 15.34 -10.61 -12.71
C ASP B 13 14.37 -11.08 -13.79
N ILE B 14 14.52 -12.33 -14.24
CA ILE B 14 13.56 -12.91 -15.19
C ILE B 14 12.17 -12.95 -14.56
N LEU B 15 12.11 -13.40 -13.31
CA LEU B 15 10.84 -13.45 -12.59
C LEU B 15 10.21 -12.07 -12.44
N TYR B 16 11.04 -11.06 -12.13
CA TYR B 16 10.58 -9.69 -12.06
C TYR B 16 10.02 -9.25 -13.40
N ASN B 17 10.74 -9.58 -14.47
CA ASN B 17 10.32 -9.17 -15.81
C ASN B 17 8.99 -9.80 -16.17
N ILE B 18 8.85 -11.08 -15.86
CA ILE B 18 7.62 -11.81 -16.16
C ILE B 18 6.47 -11.15 -15.39
N ARG B 19 6.71 -10.82 -14.13
CA ARG B 19 5.67 -10.18 -13.33
C ARG B 19 5.35 -8.74 -13.75
N GLN B 20 6.30 -8.04 -14.37
CA GLN B 20 5.99 -6.72 -14.90
C GLN B 20 5.13 -6.80 -16.15
N THR B 21 5.34 -7.85 -16.93
CA THR B 21 4.74 -7.95 -18.27
C THR B 21 3.44 -8.74 -18.26
N SER B 22 3.36 -9.69 -17.34
CA SER B 22 2.23 -10.62 -17.33
C SER B 22 0.89 -9.92 -17.05
N ARG B 23 -0.13 -10.28 -17.83
CA ARG B 23 -1.49 -9.86 -17.54
C ARG B 23 -2.29 -11.11 -17.22
N PRO B 24 -2.41 -11.47 -15.93
CA PRO B 24 -2.97 -12.78 -15.55
C PRO B 24 -4.42 -12.98 -15.95
N ASP B 25 -5.16 -11.92 -16.22
CA ASP B 25 -6.58 -12.06 -16.50
C ASP B 25 -6.95 -11.77 -17.95
N VAL B 26 -5.95 -11.51 -18.80
CA VAL B 26 -6.19 -11.23 -20.21
C VAL B 26 -5.64 -12.35 -21.11
N ILE B 27 -6.43 -12.83 -22.06
CA ILE B 27 -5.90 -13.91 -22.91
C ILE B 27 -4.74 -13.38 -23.77
N PRO B 28 -3.68 -14.18 -23.89
CA PRO B 28 -2.48 -13.74 -24.62
C PRO B 28 -2.63 -13.93 -26.12
N THR B 29 -3.58 -13.24 -26.73
CA THR B 29 -3.76 -13.39 -28.16
C THR B 29 -2.65 -12.62 -28.88
N GLN B 30 -2.00 -13.30 -29.81
CA GLN B 30 -0.94 -12.71 -30.62
C GLN B 30 -1.45 -12.56 -32.03
N ARG B 31 -1.07 -11.47 -32.68
CA ARG B 31 -1.74 -11.03 -33.89
C ARG B 31 -3.20 -10.83 -33.54
N ASP B 32 -4.09 -11.30 -34.39
CA ASP B 32 -5.51 -11.33 -34.07
C ASP B 32 -6.00 -12.77 -34.17
N ARG B 33 -5.24 -13.67 -33.56
CA ARG B 33 -5.51 -15.11 -33.65
C ARG B 33 -5.82 -15.70 -32.27
N PRO B 34 -6.57 -16.80 -32.25
CA PRO B 34 -6.91 -17.47 -31.00
C PRO B 34 -5.66 -17.98 -30.29
N VAL B 35 -5.72 -18.06 -28.98
CA VAL B 35 -4.63 -18.65 -28.22
C VAL B 35 -4.65 -20.14 -28.45
N ALA B 36 -3.56 -20.72 -28.95
CA ALA B 36 -3.51 -22.15 -29.20
C ALA B 36 -3.06 -22.88 -27.94
N VAL B 37 -3.97 -23.60 -27.31
CA VAL B 37 -3.65 -24.30 -26.08
C VAL B 37 -3.54 -25.79 -26.36
N SER B 38 -2.40 -26.37 -26.01
CA SER B 38 -2.22 -27.81 -26.16
C SER B 38 -2.45 -28.52 -24.84
N VAL B 39 -3.24 -29.60 -24.87
CA VAL B 39 -3.49 -30.37 -23.67
C VAL B 39 -3.24 -31.85 -23.92
N SER B 40 -2.54 -32.49 -23.01
CA SER B 40 -2.33 -33.93 -23.08
C SER B 40 -2.45 -34.52 -21.69
N LEU B 41 -3.37 -35.47 -21.50
CA LEU B 41 -3.50 -36.10 -20.19
C LEU B 41 -2.64 -37.35 -20.16
N LYS B 42 -1.77 -37.44 -19.16
CA LYS B 42 -0.98 -38.65 -18.94
C LYS B 42 -1.58 -39.33 -17.74
N PHE B 43 -2.25 -40.45 -17.95
CA PHE B 43 -2.90 -41.09 -16.81
C PHE B 43 -1.88 -41.81 -15.93
N ILE B 44 -2.02 -41.63 -14.62
CA ILE B 44 -1.12 -42.26 -13.66
C ILE B 44 -1.79 -43.39 -12.88
N ASN B 45 -3.00 -43.15 -12.41
CA ASN B 45 -3.71 -44.13 -11.59
C ASN B 45 -5.21 -44.10 -11.94
N ILE B 46 -5.85 -45.25 -11.83
CA ILE B 46 -7.31 -45.32 -11.88
C ILE B 46 -7.72 -45.90 -10.53
N LEU B 47 -8.31 -45.05 -9.69
CA LEU B 47 -8.48 -45.36 -8.27
C LEU B 47 -9.75 -46.12 -7.99
N GLU B 48 -10.78 -45.80 -8.75
CA GLU B 48 -12.08 -46.41 -8.53
C GLU B 48 -12.87 -46.38 -9.81
N VAL B 49 -13.54 -47.49 -10.11
CA VAL B 49 -14.44 -47.56 -11.23
C VAL B 49 -15.74 -48.12 -10.70
N ASN B 50 -16.81 -47.36 -10.81
CA ASN B 50 -18.09 -47.78 -10.26
C ASN B 50 -19.01 -48.16 -11.40
N GLU B 51 -19.19 -49.48 -11.57
CA GLU B 51 -20.02 -50.01 -12.63
C GLU B 51 -21.50 -49.72 -12.38
N ILE B 52 -21.87 -49.53 -11.13
CA ILE B 52 -23.27 -49.22 -10.83
C ILE B 52 -23.62 -47.83 -11.38
N THR B 53 -22.73 -46.88 -11.18
CA THR B 53 -23.05 -45.47 -11.39
C THR B 53 -22.41 -44.85 -12.63
N ASN B 54 -21.53 -45.60 -13.30
CA ASN B 54 -20.82 -45.09 -14.46
C ASN B 54 -19.96 -43.90 -14.03
N GLU B 55 -19.14 -44.12 -13.01
CA GLU B 55 -18.22 -43.07 -12.55
C GLU B 55 -16.82 -43.64 -12.40
N VAL B 56 -15.82 -42.79 -12.65
CA VAL B 56 -14.43 -43.16 -12.46
C VAL B 56 -13.72 -42.09 -11.65
N ASP B 57 -12.77 -42.50 -10.82
CA ASP B 57 -11.93 -41.59 -10.03
C ASP B 57 -10.51 -41.83 -10.50
N VAL B 58 -9.87 -40.83 -11.11
CA VAL B 58 -8.58 -41.05 -11.74
C VAL B 58 -7.56 -39.99 -11.32
N VAL B 59 -6.28 -40.30 -11.51
CA VAL B 59 -5.19 -39.31 -11.34
C VAL B 59 -4.46 -39.18 -12.65
N PHE B 60 -4.29 -37.97 -13.14
CA PHE B 60 -3.57 -37.76 -14.39
C PHE B 60 -2.70 -36.53 -14.29
N TRP B 61 -1.63 -36.51 -15.06
CA TRP B 61 -0.81 -35.32 -15.23
C TRP B 61 -1.37 -34.54 -16.42
N GLN B 62 -1.81 -33.30 -16.18
CA GLN B 62 -2.44 -32.56 -17.26
C GLN B 62 -1.40 -31.65 -17.91
N GLN B 63 -0.78 -32.16 -18.97
CA GLN B 63 0.28 -31.40 -19.65
C GLN B 63 -0.34 -30.29 -20.49
N THR B 64 -0.16 -29.05 -20.05
CA THR B 64 -0.83 -27.91 -20.67
C THR B 64 0.19 -26.90 -21.15
N THR B 65 0.19 -26.60 -22.45
CA THR B 65 1.17 -25.65 -22.98
C THR B 65 0.51 -24.62 -23.87
N TRP B 66 1.09 -23.42 -23.88
CA TRP B 66 0.65 -22.34 -24.74
C TRP B 66 1.78 -21.34 -24.79
N SER B 67 1.63 -20.32 -25.61
CA SER B 67 2.70 -19.33 -25.70
CA SER B 67 2.69 -19.32 -25.78
C SER B 67 2.20 -17.93 -25.38
N ASP B 68 3.08 -17.16 -24.74
CA ASP B 68 2.85 -15.74 -24.60
C ASP B 68 4.18 -15.10 -24.93
N ARG B 69 4.32 -14.65 -26.16
CA ARG B 69 5.61 -14.15 -26.62
C ARG B 69 6.05 -12.87 -25.91
N THR B 70 5.11 -12.16 -25.26
CA THR B 70 5.51 -10.97 -24.52
C THR B 70 6.34 -11.34 -23.29
N LEU B 71 6.32 -12.61 -22.90
CA LEU B 71 7.11 -13.07 -21.75
C LEU B 71 8.52 -13.49 -22.16
N ALA B 72 8.80 -13.51 -23.46
CA ALA B 72 10.07 -14.03 -23.95
C ALA B 72 11.24 -13.13 -23.56
N TRP B 73 12.41 -13.73 -23.45
CA TRP B 73 13.63 -12.97 -23.19
C TRP B 73 14.79 -13.61 -23.94
N ASN B 74 15.88 -12.86 -24.07
CA ASN B 74 17.08 -13.38 -24.70
C ASN B 74 17.87 -14.21 -23.71
N SER B 75 18.00 -15.51 -23.96
CA SER B 75 18.67 -16.39 -23.01
C SER B 75 20.05 -16.84 -23.49
N SER B 76 20.65 -16.05 -24.39
CA SER B 76 22.01 -16.29 -24.86
C SER B 76 22.96 -16.49 -23.69
N HIS B 77 22.83 -15.63 -22.68
CA HIS B 77 23.67 -15.74 -21.50
C HIS B 77 22.86 -15.68 -20.21
N SER B 78 21.68 -16.29 -20.21
CA SER B 78 20.88 -16.31 -19.00
C SER B 78 20.07 -17.61 -19.01
N PRO B 79 19.41 -17.93 -17.89
CA PRO B 79 18.63 -19.16 -17.78
C PRO B 79 17.63 -19.32 -18.91
N ASP B 80 17.47 -20.55 -19.41
CA ASP B 80 16.55 -20.85 -20.51
C ASP B 80 15.08 -20.94 -20.04
N GLN B 81 14.91 -21.20 -18.75
CA GLN B 81 13.59 -21.40 -18.16
C GLN B 81 13.60 -21.01 -16.70
N VAL B 82 12.44 -20.63 -16.18
CA VAL B 82 12.31 -20.49 -14.73
C VAL B 82 10.94 -21.03 -14.30
N SER B 83 10.81 -21.37 -13.02
CA SER B 83 9.52 -21.79 -12.47
C SER B 83 8.81 -20.55 -11.93
N VAL B 84 7.50 -20.47 -12.14
CA VAL B 84 6.73 -19.26 -11.81
C VAL B 84 5.41 -19.71 -11.16
N PRO B 85 5.03 -19.09 -10.03
CA PRO B 85 3.72 -19.43 -9.45
C PRO B 85 2.59 -19.13 -10.43
N ILE B 86 1.62 -20.02 -10.60
CA ILE B 86 0.61 -19.79 -11.63
C ILE B 86 -0.23 -18.55 -11.36
N SER B 87 -0.29 -18.12 -10.10
CA SER B 87 -1.00 -16.87 -9.78
C SER B 87 -0.41 -15.64 -10.48
N SER B 88 0.85 -15.74 -10.93
CA SER B 88 1.49 -14.62 -11.61
C SER B 88 1.25 -14.62 -13.12
N LEU B 89 0.62 -15.69 -13.61
CA LEU B 89 0.45 -15.93 -15.05
C LEU B 89 -1.02 -16.04 -15.47
N TRP B 90 -1.31 -15.69 -16.72
CA TRP B 90 -2.57 -16.15 -17.31
C TRP B 90 -2.47 -17.66 -17.51
N VAL B 91 -3.52 -18.38 -17.14
CA VAL B 91 -3.60 -19.80 -17.45
C VAL B 91 -4.96 -20.04 -18.09
N PRO B 92 -5.04 -20.99 -19.03
CA PRO B 92 -6.34 -21.21 -19.68
C PRO B 92 -7.39 -21.71 -18.70
N ASP B 93 -8.64 -21.24 -18.87
CA ASP B 93 -9.73 -21.58 -17.96
C ASP B 93 -10.34 -22.91 -18.37
N LEU B 94 -9.53 -23.96 -18.33
CA LEU B 94 -10.00 -25.27 -18.78
C LEU B 94 -10.97 -25.89 -17.78
N ALA B 95 -11.93 -26.64 -18.32
CA ALA B 95 -12.83 -27.44 -17.50
C ALA B 95 -13.17 -28.71 -18.24
N ALA B 96 -13.39 -29.77 -17.49
CA ALA B 96 -13.89 -31.01 -18.08
C ALA B 96 -15.41 -31.03 -18.00
N TYR B 97 -16.05 -31.16 -19.16
CA TYR B 97 -17.50 -31.09 -19.26
C TYR B 97 -18.21 -32.18 -18.45
N ASN B 98 -17.57 -33.32 -18.30
CA ASN B 98 -18.20 -34.43 -17.59
C ASN B 98 -17.56 -34.72 -16.24
N ALA B 99 -16.84 -33.75 -15.70
CA ALA B 99 -16.32 -33.91 -14.36
C ALA B 99 -17.45 -33.80 -13.35
N ILE B 100 -17.42 -34.62 -12.31
CA ILE B 100 -18.43 -34.51 -11.26
C ILE B 100 -17.80 -34.22 -9.89
N SER B 101 -16.52 -33.82 -9.89
CA SER B 101 -15.86 -33.32 -8.69
C SER B 101 -14.90 -32.23 -9.13
N LYS B 102 -14.52 -31.36 -8.19
CA LYS B 102 -13.51 -30.33 -8.49
C LYS B 102 -12.21 -31.03 -8.84
N PRO B 103 -11.39 -30.40 -9.71
CA PRO B 103 -10.06 -30.95 -9.92
C PRO B 103 -9.25 -30.74 -8.65
N GLU B 104 -8.71 -31.82 -8.11
CA GLU B 104 -7.88 -31.70 -6.93
C GLU B 104 -6.42 -31.70 -7.35
N VAL B 105 -5.73 -30.58 -7.17
CA VAL B 105 -4.34 -30.49 -7.61
C VAL B 105 -3.42 -31.04 -6.54
N LEU B 106 -2.65 -32.07 -6.89
CA LEU B 106 -1.83 -32.80 -5.92
C LEU B 106 -0.43 -32.24 -5.78
N THR B 107 -0.04 -31.34 -6.68
CA THR B 107 1.36 -30.92 -6.84
C THR B 107 1.51 -29.41 -6.66
N PRO B 108 2.75 -28.93 -6.49
CA PRO B 108 3.00 -27.48 -6.36
C PRO B 108 2.50 -26.70 -7.57
N GLN B 109 1.84 -25.57 -7.34
CA GLN B 109 1.18 -24.85 -8.43
C GLN B 109 2.14 -23.86 -9.07
N LEU B 110 3.12 -24.44 -9.75
CA LEU B 110 4.19 -23.72 -10.44
C LEU B 110 4.14 -24.13 -11.91
N ALA B 111 4.35 -23.17 -12.78
CA ALA B 111 4.51 -23.42 -14.21
C ALA B 111 5.96 -23.15 -14.59
N ARG B 112 6.35 -23.65 -15.76
CA ARG B 112 7.64 -23.28 -16.33
C ARG B 112 7.41 -22.26 -17.42
N VAL B 113 8.20 -21.19 -17.40
CA VAL B 113 8.19 -20.23 -18.49
C VAL B 113 9.52 -20.35 -19.19
N VAL B 114 9.46 -20.58 -20.50
CA VAL B 114 10.62 -20.81 -21.35
C VAL B 114 10.98 -19.50 -22.03
N SER B 115 12.26 -19.29 -22.36
CA SER B 115 12.69 -17.97 -22.82
C SER B 115 12.06 -17.59 -24.16
N ASP B 116 11.50 -18.56 -24.88
CA ASP B 116 10.84 -18.20 -26.15
C ASP B 116 9.37 -17.83 -25.94
N GLY B 117 8.94 -17.83 -24.68
CA GLY B 117 7.58 -17.43 -24.35
C GLY B 117 6.64 -18.61 -24.16
N GLU B 118 7.14 -19.83 -24.36
CA GLU B 118 6.32 -21.01 -24.11
C GLU B 118 6.08 -21.13 -22.61
N VAL B 119 4.86 -21.47 -22.23
CA VAL B 119 4.51 -21.77 -20.85
C VAL B 119 4.08 -23.22 -20.74
N LEU B 120 4.57 -23.91 -19.71
CA LEU B 120 4.20 -25.29 -19.44
C LEU B 120 3.69 -25.40 -18.02
N TYR B 121 2.44 -25.83 -17.88
CA TYR B 121 1.85 -26.08 -16.58
C TYR B 121 1.38 -27.53 -16.58
N MET B 122 1.86 -28.33 -15.62
CA MET B 122 1.47 -29.75 -15.61
C MET B 122 1.15 -30.22 -14.20
N PRO B 123 -0.04 -29.85 -13.72
CA PRO B 123 -0.46 -30.34 -12.40
C PRO B 123 -0.81 -31.81 -12.45
N SER B 124 -0.56 -32.52 -11.36
CA SER B 124 -1.16 -33.84 -11.17
C SER B 124 -2.52 -33.61 -10.58
N ILE B 125 -3.55 -34.16 -11.21
CA ILE B 125 -4.92 -33.90 -10.81
C ILE B 125 -5.63 -35.20 -10.47
N ARG B 126 -6.33 -35.21 -9.34
CA ARG B 126 -7.26 -36.29 -9.03
C ARG B 126 -8.66 -35.75 -9.28
N GLN B 127 -9.43 -36.46 -10.09
CA GLN B 127 -10.77 -35.99 -10.39
C GLN B 127 -11.71 -37.13 -10.72
N ARG B 128 -13.00 -36.90 -10.47
CA ARG B 128 -14.04 -37.89 -10.78
C ARG B 128 -14.87 -37.48 -11.99
N PHE B 129 -15.23 -38.47 -12.81
CA PHE B 129 -15.94 -38.22 -14.05
C PHE B 129 -17.11 -39.15 -14.21
N SER B 130 -18.16 -38.65 -14.86
CA SER B 130 -19.27 -39.47 -15.35
C SER B 130 -18.93 -39.95 -16.76
N CYS B 131 -18.74 -41.25 -16.94
CA CYS B 131 -18.45 -41.74 -18.28
C CYS B 131 -18.86 -43.21 -18.43
N ASP B 132 -18.69 -43.74 -19.63
CA ASP B 132 -19.14 -45.11 -19.89
C ASP B 132 -18.13 -46.13 -19.38
N VAL B 133 -18.43 -46.81 -18.29
CA VAL B 133 -17.49 -47.80 -17.76
C VAL B 133 -17.88 -49.22 -18.16
N SER B 134 -18.88 -49.34 -19.02
CA SER B 134 -19.32 -50.67 -19.44
C SER B 134 -18.19 -51.36 -20.19
N GLY B 135 -18.00 -52.65 -19.94
CA GLY B 135 -16.94 -53.39 -20.60
C GLY B 135 -15.59 -53.39 -19.88
N VAL B 136 -15.51 -52.75 -18.71
CA VAL B 136 -14.23 -52.67 -18.00
C VAL B 136 -13.67 -54.07 -17.62
N ASP B 137 -14.55 -55.05 -17.45
CA ASP B 137 -14.10 -56.39 -17.05
C ASP B 137 -13.99 -57.34 -18.24
N THR B 138 -13.89 -56.77 -19.45
CA THR B 138 -13.80 -57.56 -20.67
C THR B 138 -12.49 -57.32 -21.39
N GLU B 139 -12.18 -58.16 -22.38
CA GLU B 139 -10.93 -58.05 -23.12
C GLU B 139 -10.79 -56.70 -23.84
N SER B 140 -11.89 -56.20 -24.39
CA SER B 140 -11.83 -54.96 -25.17
C SER B 140 -11.86 -53.73 -24.27
N GLY B 141 -12.24 -53.94 -23.02
CA GLY B 141 -12.18 -52.89 -22.02
C GLY B 141 -13.32 -51.89 -22.08
N ALA B 142 -13.28 -50.91 -21.19
CA ALA B 142 -14.20 -49.79 -21.24
C ALA B 142 -13.50 -48.64 -21.93
N THR B 143 -14.28 -47.73 -22.51
CA THR B 143 -13.72 -46.49 -23.06
C THR B 143 -14.44 -45.31 -22.42
N CYS B 144 -13.73 -44.65 -21.52
CA CYS B 144 -14.23 -43.50 -20.79
C CYS B 144 -13.76 -42.25 -21.52
N ARG B 145 -14.70 -41.41 -21.97
CA ARG B 145 -14.32 -40.21 -22.70
C ARG B 145 -14.47 -38.97 -21.83
N ILE B 146 -13.43 -38.14 -21.87
CA ILE B 146 -13.37 -36.93 -21.07
C ILE B 146 -13.26 -35.76 -22.03
N LYS B 147 -14.17 -34.80 -21.93
CA LYS B 147 -14.16 -33.66 -22.82
C LYS B 147 -13.68 -32.42 -22.09
N ILE B 148 -12.59 -31.82 -22.58
CA ILE B 148 -11.98 -30.67 -21.91
C ILE B 148 -11.90 -29.47 -22.86
N GLY B 149 -12.28 -28.30 -22.36
CA GLY B 149 -12.18 -27.10 -23.18
C GLY B 149 -12.18 -25.86 -22.32
N SER B 150 -12.00 -24.70 -22.95
CA SER B 150 -12.14 -23.44 -22.21
C SER B 150 -13.58 -23.25 -21.75
N TRP B 151 -13.77 -22.85 -20.50
CA TRP B 151 -15.12 -22.68 -20.00
C TRP B 151 -15.78 -21.41 -20.56
N THR B 152 -15.02 -20.33 -20.76
CA THR B 152 -15.68 -19.09 -21.12
C THR B 152 -15.19 -18.47 -22.43
N HIS B 153 -14.18 -19.07 -23.04
CA HIS B 153 -13.67 -18.54 -24.31
C HIS B 153 -14.03 -19.43 -25.48
N HIS B 154 -14.73 -18.86 -26.45
CA HIS B 154 -15.13 -19.63 -27.61
C HIS B 154 -13.97 -19.74 -28.61
N SER B 155 -14.20 -20.45 -29.71
CA SER B 155 -13.13 -20.84 -30.61
C SER B 155 -12.38 -19.67 -31.28
N ARG B 156 -12.98 -18.50 -31.36
CA ARG B 156 -12.27 -17.35 -31.94
C ARG B 156 -11.20 -16.82 -30.97
N GLU B 157 -11.34 -17.17 -29.69
CA GLU B 157 -10.46 -16.67 -28.64
C GLU B 157 -9.47 -17.72 -28.16
N ILE B 158 -9.94 -18.95 -27.97
CA ILE B 158 -9.05 -20.04 -27.57
C ILE B 158 -9.33 -21.29 -28.37
N SER B 159 -8.27 -21.92 -28.86
CA SER B 159 -8.40 -23.26 -29.42
C SER B 159 -7.71 -24.25 -28.51
N VAL B 160 -8.41 -25.31 -28.13
CA VAL B 160 -7.82 -26.34 -27.29
C VAL B 160 -7.58 -27.58 -28.11
N ASP B 161 -6.31 -27.87 -28.37
CA ASP B 161 -5.92 -28.93 -29.30
C ASP B 161 -5.08 -30.02 -28.65
N PRO B 162 -5.16 -31.23 -29.18
CA PRO B 162 -4.36 -32.35 -28.66
C PRO B 162 -2.90 -32.27 -29.08
N THR B 163 -2.02 -32.98 -28.37
CA THR B 163 -0.62 -33.07 -28.78
C THR B 163 -0.37 -34.40 -29.49
N THR B 164 -0.38 -35.48 -28.72
CA THR B 164 -0.16 -36.82 -29.25
C THR B 164 -1.49 -37.56 -29.40
N GLU B 165 -1.70 -38.18 -30.55
CA GLU B 165 -2.99 -38.78 -30.89
C GLU B 165 -3.26 -40.08 -30.14
N ASN B 166 -2.24 -40.95 -30.06
CA ASN B 166 -2.38 -42.28 -29.47
C ASN B 166 -1.20 -42.69 -28.58
N SER B 167 -1.50 -43.42 -27.52
CA SER B 167 -0.47 -43.89 -26.58
C SER B 167 -1.08 -44.82 -25.53
N ASP B 168 -0.28 -45.70 -24.95
CA ASP B 168 -0.77 -46.53 -23.85
C ASP B 168 -0.23 -46.02 -22.52
N ASP B 169 0.41 -44.84 -22.54
CA ASP B 169 0.92 -44.21 -21.33
C ASP B 169 1.85 -45.11 -20.52
N SER B 170 2.60 -45.97 -21.20
CA SER B 170 3.46 -46.93 -20.51
C SER B 170 4.51 -46.27 -19.63
N GLU B 171 4.93 -45.06 -19.99
CA GLU B 171 5.93 -44.36 -19.19
C GLU B 171 5.32 -43.73 -17.95
N TYR B 172 3.98 -43.66 -17.89
CA TYR B 172 3.33 -42.90 -16.83
C TYR B 172 2.44 -43.72 -15.91
N PHE B 173 1.69 -44.67 -16.49
CA PHE B 173 0.66 -45.35 -15.71
C PHE B 173 1.28 -46.32 -14.71
N SER B 174 0.77 -46.28 -13.48
CA SER B 174 1.26 -47.15 -12.39
C SER B 174 1.15 -48.64 -12.72
N GLN B 175 2.28 -49.34 -12.63
CA GLN B 175 2.27 -50.78 -12.83
C GLN B 175 1.52 -51.50 -11.70
N TYR B 176 1.17 -50.78 -10.64
CA TYR B 176 0.54 -51.41 -9.47
C TYR B 176 -0.98 -51.22 -9.42
N SER B 177 -1.51 -50.50 -10.40
CA SER B 177 -2.96 -50.33 -10.51
C SER B 177 -3.68 -51.66 -10.69
N ARG B 178 -4.94 -51.69 -10.27
CA ARG B 178 -5.84 -52.83 -10.51
C ARG B 178 -6.21 -52.92 -11.99
N PHE B 179 -5.94 -51.83 -12.72
CA PHE B 179 -6.34 -51.68 -14.11
C PHE B 179 -5.14 -51.56 -15.04
N GLU B 180 -5.38 -51.70 -16.33
CA GLU B 180 -4.31 -51.50 -17.30
C GLU B 180 -4.84 -50.72 -18.48
N ILE B 181 -4.00 -49.87 -19.04
CA ILE B 181 -4.43 -49.01 -20.13
C ILE B 181 -4.19 -49.68 -21.47
N LEU B 182 -5.19 -49.66 -22.33
CA LEU B 182 -5.07 -50.24 -23.66
C LEU B 182 -4.70 -49.17 -24.67
N ASP B 183 -5.31 -48.00 -24.53
CA ASP B 183 -5.03 -46.91 -25.45
C ASP B 183 -5.64 -45.64 -24.91
N VAL B 184 -4.95 -44.52 -25.17
CA VAL B 184 -5.47 -43.21 -24.85
C VAL B 184 -5.41 -42.41 -26.14
N THR B 185 -6.57 -42.00 -26.64
CA THR B 185 -6.63 -41.23 -27.87
C THR B 185 -7.14 -39.84 -27.54
N GLN B 186 -6.61 -38.84 -28.22
CA GLN B 186 -7.01 -37.47 -27.93
C GLN B 186 -7.30 -36.79 -29.24
N LYS B 187 -8.54 -36.33 -29.41
CA LYS B 187 -8.99 -35.78 -30.67
C LYS B 187 -9.58 -34.38 -30.52
N LYS B 188 -9.38 -33.54 -31.53
CA LYS B 188 -10.05 -32.26 -31.57
C LYS B 188 -11.56 -32.48 -31.67
N ASN B 189 -12.33 -31.61 -31.03
CA ASN B 189 -13.77 -31.68 -31.04
C ASN B 189 -14.38 -30.29 -30.93
N SER B 190 -15.31 -29.98 -31.81
CA SER B 190 -15.95 -28.67 -31.81
C SER B 190 -17.38 -28.80 -31.34
N VAL B 191 -17.75 -28.01 -30.35
CA VAL B 191 -19.07 -28.13 -29.73
C VAL B 191 -19.85 -26.83 -29.85
N THR B 192 -21.07 -26.93 -30.35
CA THR B 192 -21.97 -25.79 -30.41
C THR B 192 -23.33 -26.23 -29.90
N TYR B 193 -24.05 -25.32 -29.25
CA TYR B 193 -25.39 -25.63 -28.76
C TYR B 193 -26.40 -24.88 -29.60
N SER B 194 -27.50 -25.55 -29.93
CA SER B 194 -28.47 -25.00 -30.88
C SER B 194 -29.03 -23.65 -30.42
N CYS B 195 -28.88 -23.35 -29.14
CA CYS B 195 -29.37 -22.09 -28.59
C CYS B 195 -28.56 -20.90 -29.08
N CYS B 196 -27.27 -21.10 -29.30
CA CYS B 196 -26.34 -19.99 -29.46
C CYS B 196 -25.29 -20.23 -30.57
N PRO B 197 -24.68 -19.14 -31.07
CA PRO B 197 -23.83 -19.14 -32.27
C PRO B 197 -22.38 -19.56 -32.04
N GLU B 198 -21.85 -19.27 -30.85
CA GLU B 198 -20.45 -19.56 -30.56
C GLU B 198 -20.17 -21.06 -30.57
N ALA B 199 -18.97 -21.42 -31.01
CA ALA B 199 -18.48 -22.78 -30.89
C ALA B 199 -17.34 -22.81 -29.89
N TYR B 200 -17.23 -23.92 -29.16
CA TYR B 200 -16.11 -24.14 -28.24
C TYR B 200 -15.22 -25.27 -28.77
N GLU B 201 -13.93 -24.99 -28.90
CA GLU B 201 -13.00 -25.96 -29.50
C GLU B 201 -12.30 -26.77 -28.42
N ASP B 202 -12.76 -28.02 -28.24
CA ASP B 202 -12.32 -28.85 -27.13
C ASP B 202 -11.46 -30.05 -27.54
N VAL B 203 -10.94 -30.76 -26.54
CA VAL B 203 -10.25 -32.02 -26.76
C VAL B 203 -11.09 -33.13 -26.15
N GLU B 204 -11.31 -34.19 -26.93
CA GLU B 204 -11.97 -35.38 -26.41
C GLU B 204 -10.91 -36.41 -26.10
N VAL B 205 -10.79 -36.79 -24.82
CA VAL B 205 -9.79 -37.76 -24.42
C VAL B 205 -10.48 -39.10 -24.20
N SER B 206 -10.10 -40.10 -24.99
CA SER B 206 -10.73 -41.42 -24.87
C SER B 206 -9.81 -42.40 -24.16
N LEU B 207 -10.18 -42.79 -22.96
CA LEU B 207 -9.35 -43.68 -22.15
C LEU B 207 -9.89 -45.10 -22.23
N ASN B 208 -9.17 -45.95 -22.95
CA ASN B 208 -9.56 -47.35 -23.13
C ASN B 208 -8.74 -48.20 -22.17
N PHE B 209 -9.40 -48.80 -21.19
CA PHE B 209 -8.72 -49.52 -20.11
C PHE B 209 -9.52 -50.74 -19.68
N ARG B 210 -8.89 -51.62 -18.92
CA ARG B 210 -9.60 -52.79 -18.43
C ARG B 210 -9.02 -53.26 -17.10
N LYS B 211 -9.84 -54.01 -16.37
CA LYS B 211 -9.40 -54.60 -15.14
C LYS B 211 -8.38 -55.70 -15.44
N LYS B 212 -7.32 -55.78 -14.64
CA LYS B 212 -6.41 -56.93 -14.70
C LYS B 212 -7.08 -58.16 -14.10
N GLY B 213 -6.66 -59.34 -14.52
CA GLY B 213 -7.16 -60.59 -13.95
C GLY B 213 -8.67 -60.75 -14.09
N ARG B 214 -9.15 -60.68 -15.32
CA ARG B 214 -10.58 -60.62 -15.58
C ARG B 214 -11.25 -61.99 -15.41
N SER B 215 -10.46 -63.04 -15.60
CA SER B 215 -10.95 -64.41 -15.41
C SER B 215 -10.73 -64.84 -13.97
N GLU B 216 -11.82 -64.98 -13.24
CA GLU B 216 -11.74 -65.33 -11.83
C GLU B 216 -12.32 -66.70 -11.55
N ILE B 217 -11.99 -67.23 -10.37
CA ILE B 217 -12.72 -68.36 -9.83
C ILE B 217 -13.91 -67.79 -9.05
N LEU B 218 -15.09 -68.00 -9.64
CA LEU B 218 -16.37 -67.41 -9.24
C LEU B 218 -16.59 -66.01 -9.85
N ASP C 4 -11.66 -7.70 -34.30
CA ASP C 4 -11.08 -6.92 -33.21
C ASP C 4 -11.10 -7.66 -31.88
N ASP C 5 -11.81 -8.78 -31.83
CA ASP C 5 -11.96 -9.54 -30.59
C ASP C 5 -10.62 -9.95 -29.98
N ASP C 6 -9.66 -10.31 -30.82
CA ASP C 6 -8.38 -10.81 -30.33
C ASP C 6 -7.29 -9.73 -30.25
N ASP C 7 -7.71 -8.47 -30.22
CA ASP C 7 -6.80 -7.35 -29.96
C ASP C 7 -6.49 -7.32 -28.46
N LYS C 8 -5.30 -7.75 -28.07
CA LYS C 8 -5.01 -7.96 -26.64
C LYS C 8 -5.05 -6.67 -25.84
N LEU C 9 -4.47 -5.60 -26.38
CA LEU C 9 -4.44 -4.34 -25.66
C LEU C 9 -5.86 -3.81 -25.47
N ASP C 10 -6.71 -4.02 -26.47
CA ASP C 10 -8.10 -3.61 -26.36
C ASP C 10 -8.75 -4.37 -25.21
N ARG C 11 -8.48 -5.68 -25.13
CA ARG C 11 -9.06 -6.52 -24.08
C ARG C 11 -8.58 -6.06 -22.70
N ALA C 12 -7.28 -5.77 -22.58
CA ALA C 12 -6.74 -5.28 -21.33
C ALA C 12 -7.40 -3.97 -20.93
N ASP C 13 -7.64 -3.10 -21.91
CA ASP C 13 -8.22 -1.80 -21.62
C ASP C 13 -9.67 -1.95 -21.17
N ILE C 14 -10.41 -2.87 -21.80
CA ILE C 14 -11.79 -3.12 -21.39
C ILE C 14 -11.82 -3.64 -19.95
N LEU C 15 -10.89 -4.53 -19.60
CA LEU C 15 -10.84 -5.06 -18.25
C LEU C 15 -10.53 -3.95 -17.26
N TYR C 16 -9.59 -3.08 -17.63
CA TYR C 16 -9.29 -1.90 -16.82
C TYR C 16 -10.52 -1.03 -16.64
N ASN C 17 -11.24 -0.78 -17.72
CA ASN C 17 -12.46 0.05 -17.66
C ASN C 17 -13.52 -0.59 -16.76
N ILE C 18 -13.69 -1.89 -16.89
CA ILE C 18 -14.69 -2.59 -16.08
C ILE C 18 -14.30 -2.46 -14.61
N ARG C 19 -13.02 -2.59 -14.31
CA ARG C 19 -12.59 -2.53 -12.91
C ARG C 19 -12.65 -1.10 -12.35
N GLN C 20 -12.55 -0.09 -13.21
CA GLN C 20 -12.66 1.29 -12.73
C GLN C 20 -14.11 1.63 -12.36
N THR C 21 -15.06 1.01 -13.05
CA THR C 21 -16.46 1.38 -12.88
C THR C 21 -17.23 0.37 -12.05
N SER C 22 -16.74 -0.85 -12.00
CA SER C 22 -17.42 -1.92 -11.26
C SER C 22 -17.43 -1.60 -9.77
N ARG C 23 -18.58 -1.77 -9.15
CA ARG C 23 -18.69 -1.75 -7.70
C ARG C 23 -19.15 -3.12 -7.23
N PRO C 24 -18.20 -4.03 -6.95
CA PRO C 24 -18.58 -5.44 -6.72
C PRO C 24 -19.52 -5.67 -5.55
N ASP C 25 -19.59 -4.73 -4.60
CA ASP C 25 -20.43 -4.93 -3.44
C ASP C 25 -21.75 -4.16 -3.44
N VAL C 26 -22.04 -3.44 -4.53
CA VAL C 26 -23.24 -2.62 -4.62
C VAL C 26 -24.14 -3.15 -5.74
N ILE C 27 -25.43 -3.34 -5.46
CA ILE C 27 -26.30 -3.86 -6.52
C ILE C 27 -26.45 -2.82 -7.65
N PRO C 28 -26.40 -3.29 -8.90
CA PRO C 28 -26.42 -2.37 -10.05
C PRO C 28 -27.83 -1.95 -10.42
N THR C 29 -28.51 -1.28 -9.49
CA THR C 29 -29.88 -0.87 -9.72
C THR C 29 -29.87 0.30 -10.69
N GLN C 30 -30.65 0.18 -11.76
CA GLN C 30 -30.72 1.21 -12.78
C GLN C 30 -32.11 1.84 -12.75
N ARG C 31 -32.17 3.14 -13.03
CA ARG C 31 -33.44 3.86 -13.05
C ARG C 31 -34.22 3.66 -11.75
N ASP C 32 -33.50 3.39 -10.66
CA ASP C 32 -34.14 3.16 -9.37
C ASP C 32 -35.18 2.03 -9.44
N ARG C 33 -34.82 0.96 -10.12
CA ARG C 33 -35.65 -0.23 -10.26
C ARG C 33 -34.85 -1.45 -9.83
N PRO C 34 -35.52 -2.55 -9.48
CA PRO C 34 -34.76 -3.71 -9.01
C PRO C 34 -33.90 -4.32 -10.10
N VAL C 35 -32.78 -4.92 -9.71
CA VAL C 35 -31.93 -5.65 -10.66
C VAL C 35 -32.68 -6.87 -11.18
N ALA C 36 -32.86 -6.95 -12.49
CA ALA C 36 -33.52 -8.08 -13.11
C ALA C 36 -32.51 -9.17 -13.45
N VAL C 37 -32.53 -10.23 -12.66
CA VAL C 37 -31.63 -11.36 -12.83
C VAL C 37 -32.38 -12.51 -13.45
N SER C 38 -31.86 -13.06 -14.54
CA SER C 38 -32.48 -14.21 -15.18
C SER C 38 -31.68 -15.46 -14.84
N VAL C 39 -32.35 -16.54 -14.49
CA VAL C 39 -31.66 -17.78 -14.14
C VAL C 39 -32.31 -18.96 -14.84
N SER C 40 -31.50 -19.86 -15.39
CA SER C 40 -32.01 -21.10 -15.98
C SER C 40 -31.03 -22.21 -15.64
N LEU C 41 -31.52 -23.27 -15.03
CA LEU C 41 -30.65 -24.42 -14.71
C LEU C 41 -30.67 -25.39 -15.87
N LYS C 42 -29.50 -25.84 -16.29
CA LYS C 42 -29.41 -26.94 -17.24
C LYS C 42 -28.91 -28.17 -16.50
N PHE C 43 -29.75 -29.19 -16.36
CA PHE C 43 -29.30 -30.34 -15.59
C PHE C 43 -28.33 -31.20 -16.39
N ILE C 44 -27.21 -31.53 -15.76
CA ILE C 44 -26.17 -32.36 -16.37
C ILE C 44 -26.19 -33.78 -15.82
N ASN C 45 -26.44 -33.93 -14.52
CA ASN C 45 -26.47 -35.27 -13.96
C ASN C 45 -27.27 -35.36 -12.68
N ILE C 46 -27.65 -36.59 -12.34
CA ILE C 46 -28.33 -36.92 -11.11
C ILE C 46 -27.54 -38.09 -10.54
N LEU C 47 -27.03 -37.91 -9.32
CA LEU C 47 -25.99 -38.78 -8.75
C LEU C 47 -26.32 -39.07 -7.30
N GLU C 48 -25.73 -40.13 -6.76
CA GLU C 48 -25.78 -40.42 -5.32
C GLU C 48 -27.18 -40.29 -4.75
N VAL C 49 -28.12 -40.95 -5.40
CA VAL C 49 -29.50 -40.95 -4.98
C VAL C 49 -29.67 -41.96 -3.85
N ASN C 50 -30.14 -41.49 -2.70
CA ASN C 50 -30.26 -42.34 -1.52
C ASN C 50 -31.72 -42.48 -1.14
N GLU C 51 -32.28 -43.67 -1.35
CA GLU C 51 -33.70 -43.90 -1.11
C GLU C 51 -34.01 -44.02 0.39
N ILE C 52 -33.02 -44.41 1.18
CA ILE C 52 -33.19 -44.51 2.64
C ILE C 52 -33.32 -43.11 3.27
N THR C 53 -32.45 -42.18 2.85
CA THR C 53 -32.41 -40.87 3.48
C THR C 53 -33.17 -39.78 2.70
N ASN C 54 -33.67 -40.12 1.52
CA ASN C 54 -34.37 -39.16 0.67
C ASN C 54 -33.47 -37.98 0.34
N GLU C 55 -32.28 -38.29 -0.18
CA GLU C 55 -31.35 -37.24 -0.60
C GLU C 55 -30.86 -37.54 -2.00
N VAL C 56 -30.45 -36.49 -2.71
CA VAL C 56 -30.08 -36.60 -4.11
C VAL C 56 -28.99 -35.58 -4.41
N ASP C 57 -27.98 -35.97 -5.19
CA ASP C 57 -27.01 -35.00 -5.73
C ASP C 57 -27.40 -34.62 -7.15
N VAL C 58 -27.33 -33.33 -7.47
CA VAL C 58 -27.51 -32.94 -8.85
C VAL C 58 -26.27 -32.16 -9.30
N VAL C 59 -25.96 -32.25 -10.61
CA VAL C 59 -24.99 -31.37 -11.24
C VAL C 59 -25.77 -30.56 -12.24
N PHE C 60 -25.61 -29.24 -12.18
CA PHE C 60 -26.33 -28.38 -13.12
C PHE C 60 -25.49 -27.17 -13.48
N TRP C 61 -25.70 -26.69 -14.71
CA TRP C 61 -25.12 -25.42 -15.13
C TRP C 61 -26.11 -24.33 -14.76
N GLN C 62 -25.66 -23.34 -13.99
CA GLN C 62 -26.60 -22.31 -13.52
C GLN C 62 -26.42 -21.06 -14.37
N GLN C 63 -27.17 -21.00 -15.47
CA GLN C 63 -27.05 -19.87 -16.39
C GLN C 63 -27.67 -18.63 -15.76
N THR C 64 -26.83 -17.64 -15.49
CA THR C 64 -27.25 -16.43 -14.76
C THR C 64 -26.90 -15.20 -15.57
N THR C 65 -27.89 -14.36 -15.88
CA THR C 65 -27.62 -13.14 -16.65
C THR C 65 -28.31 -11.93 -16.03
N TRP C 66 -27.69 -10.77 -16.21
CA TRP C 66 -28.24 -9.50 -15.73
C TRP C 66 -27.49 -8.42 -16.48
N SER C 67 -27.92 -7.18 -16.33
CA SER C 67 -27.18 -6.11 -16.98
C SER C 67 -26.67 -5.09 -15.97
N ASP C 68 -25.55 -4.47 -16.32
CA ASP C 68 -25.07 -3.30 -15.62
C ASP C 68 -24.58 -2.37 -16.71
N ARG C 69 -25.43 -1.41 -17.08
CA ARG C 69 -25.18 -0.54 -18.21
C ARG C 69 -23.95 0.34 -18.01
N THR C 70 -23.53 0.52 -16.75
CA THR C 70 -22.34 1.32 -16.48
C THR C 70 -21.07 0.60 -16.96
N LEU C 71 -21.16 -0.70 -17.19
CA LEU C 71 -20.05 -1.47 -17.75
C LEU C 71 -19.94 -1.41 -19.28
N ALA C 72 -20.94 -0.85 -19.94
CA ALA C 72 -21.01 -0.91 -21.40
C ALA C 72 -19.89 -0.09 -22.05
N TRP C 73 -19.48 -0.51 -23.24
CA TRP C 73 -18.51 0.25 -24.03
C TRP C 73 -18.85 0.20 -25.52
N ASN C 74 -18.29 1.15 -26.26
CA ASN C 74 -18.45 1.20 -27.70
C ASN C 74 -17.52 0.19 -28.35
N SER C 75 -18.09 -0.87 -28.92
CA SER C 75 -17.29 -1.94 -29.52
C SER C 75 -17.31 -1.89 -31.04
N SER C 76 -17.51 -0.71 -31.61
CA SER C 76 -17.50 -0.57 -33.05
C SER C 76 -16.12 -0.94 -33.62
N HIS C 77 -15.07 -0.72 -32.84
CA HIS C 77 -13.72 -1.09 -33.24
C HIS C 77 -12.93 -1.76 -32.12
N SER C 78 -13.62 -2.56 -31.32
CA SER C 78 -12.97 -3.28 -30.24
C SER C 78 -13.77 -4.54 -29.91
N PRO C 79 -13.23 -5.40 -29.04
CA PRO C 79 -13.87 -6.66 -28.68
C PRO C 79 -15.33 -6.49 -28.23
N ASP C 80 -16.17 -7.42 -28.64
CA ASP C 80 -17.59 -7.46 -28.27
C ASP C 80 -17.84 -7.96 -26.85
N GLN C 81 -16.92 -8.78 -26.35
CA GLN C 81 -17.07 -9.49 -25.08
C GLN C 81 -15.71 -9.77 -24.50
N VAL C 82 -15.62 -9.86 -23.18
CA VAL C 82 -14.39 -10.33 -22.54
C VAL C 82 -14.78 -11.22 -21.36
N SER C 83 -13.85 -12.06 -20.93
CA SER C 83 -14.01 -12.81 -19.68
C SER C 83 -13.41 -12.04 -18.51
N VAL C 84 -14.11 -12.06 -17.37
CA VAL C 84 -13.74 -11.28 -16.19
C VAL C 84 -13.86 -12.17 -14.96
N PRO C 85 -12.85 -12.15 -14.07
CA PRO C 85 -12.99 -12.88 -12.80
C PRO C 85 -14.18 -12.35 -12.04
N ILE C 86 -14.99 -13.20 -11.42
CA ILE C 86 -16.19 -12.69 -10.76
C ILE C 86 -15.84 -11.79 -9.57
N SER C 87 -14.64 -11.93 -9.03
CA SER C 87 -14.22 -11.05 -7.93
C SER C 87 -14.13 -9.57 -8.35
N SER C 88 -14.11 -9.30 -9.66
CA SER C 88 -14.03 -7.93 -10.16
C SER C 88 -15.40 -7.33 -10.45
N LEU C 89 -16.44 -8.15 -10.31
CA LEU C 89 -17.80 -7.79 -10.69
C LEU C 89 -18.75 -7.88 -9.52
N TRP C 90 -19.83 -7.12 -9.55
CA TRP C 90 -20.97 -7.51 -8.73
C TRP C 90 -21.61 -8.73 -9.36
N VAL C 91 -21.92 -9.74 -8.56
CA VAL C 91 -22.65 -10.93 -9.01
C VAL C 91 -23.78 -11.13 -8.03
N PRO C 92 -24.96 -11.54 -8.52
CA PRO C 92 -26.05 -11.74 -7.56
C PRO C 92 -25.73 -12.81 -6.53
N ASP C 93 -26.15 -12.56 -5.30
CA ASP C 93 -25.85 -13.47 -4.19
C ASP C 93 -26.85 -14.61 -4.16
N LEU C 94 -26.94 -15.36 -5.26
CA LEU C 94 -27.92 -16.45 -5.34
C LEU C 94 -27.58 -17.60 -4.40
N ALA C 95 -28.61 -18.24 -3.88
CA ALA C 95 -28.46 -19.45 -3.10
C ALA C 95 -29.65 -20.37 -3.37
N ALA C 96 -29.40 -21.67 -3.29
CA ALA C 96 -30.48 -22.66 -3.25
C ALA C 96 -30.95 -22.72 -1.80
N TYR C 97 -32.09 -22.08 -1.52
CA TYR C 97 -32.50 -21.86 -0.13
C TYR C 97 -32.56 -23.16 0.68
N ASN C 98 -32.96 -24.23 -0.01
CA ASN C 98 -33.30 -25.49 0.63
C ASN C 98 -32.19 -26.56 0.57
N ALA C 99 -31.01 -26.18 0.10
CA ALA C 99 -29.95 -27.16 -0.13
C ALA C 99 -29.44 -27.73 1.18
N ILE C 100 -28.91 -28.96 1.16
CA ILE C 100 -28.37 -29.54 2.38
C ILE C 100 -26.86 -29.81 2.29
N SER C 101 -26.20 -29.22 1.31
CA SER C 101 -24.73 -29.27 1.25
C SER C 101 -24.22 -27.98 0.64
N LYS C 102 -22.93 -27.70 0.82
CA LYS C 102 -22.33 -26.54 0.16
C LYS C 102 -22.34 -26.74 -1.33
N PRO C 103 -22.63 -25.68 -2.10
CA PRO C 103 -22.49 -25.83 -3.55
C PRO C 103 -21.04 -26.02 -3.90
N GLU C 104 -20.77 -27.04 -4.70
CA GLU C 104 -19.42 -27.30 -5.17
C GLU C 104 -19.30 -26.73 -6.58
N VAL C 105 -18.54 -25.64 -6.73
CA VAL C 105 -18.40 -25.02 -8.05
C VAL C 105 -17.31 -25.76 -8.80
N LEU C 106 -17.67 -26.37 -9.92
CA LEU C 106 -16.77 -27.28 -10.64
C LEU C 106 -15.95 -26.57 -11.72
N THR C 107 -16.29 -25.32 -12.02
CA THR C 107 -15.73 -24.62 -13.19
C THR C 107 -15.01 -23.32 -12.80
N PRO C 108 -14.15 -22.79 -13.70
CA PRO C 108 -13.46 -21.53 -13.44
C PRO C 108 -14.45 -20.41 -13.13
N GLN C 109 -14.13 -19.57 -12.14
CA GLN C 109 -15.09 -18.57 -11.68
C GLN C 109 -14.90 -17.27 -12.46
N LEU C 110 -15.27 -17.37 -13.73
CA LEU C 110 -15.16 -16.27 -14.70
C LEU C 110 -16.54 -15.99 -15.27
N ALA C 111 -16.85 -14.71 -15.48
CA ALA C 111 -18.07 -14.31 -16.15
C ALA C 111 -17.73 -13.72 -17.51
N ARG C 112 -18.74 -13.63 -18.37
CA ARG C 112 -18.58 -12.89 -19.61
C ARG C 112 -19.25 -11.54 -19.52
N VAL C 113 -18.56 -10.49 -19.95
CA VAL C 113 -19.16 -9.18 -19.98
C VAL C 113 -19.27 -8.75 -21.43
N VAL C 114 -20.49 -8.42 -21.84
CA VAL C 114 -20.79 -8.02 -23.23
C VAL C 114 -20.76 -6.49 -23.35
N SER C 115 -20.40 -5.97 -24.52
CA SER C 115 -20.19 -4.52 -24.65
C SER C 115 -21.45 -3.70 -24.37
N ASP C 116 -22.62 -4.33 -24.38
CA ASP C 116 -23.84 -3.60 -24.07
C ASP C 116 -24.17 -3.62 -22.58
N GLY C 117 -23.27 -4.19 -21.78
CA GLY C 117 -23.43 -4.21 -20.33
C GLY C 117 -24.08 -5.49 -19.78
N GLU C 118 -24.41 -6.43 -20.66
CA GLU C 118 -24.97 -7.70 -20.22
C GLU C 118 -23.87 -8.53 -19.59
N VAL C 119 -24.20 -9.25 -18.51
CA VAL C 119 -23.23 -10.15 -17.87
C VAL C 119 -23.79 -11.55 -17.88
N LEU C 120 -22.95 -12.53 -18.22
CA LEU C 120 -23.33 -13.93 -18.15
C LEU C 120 -22.34 -14.68 -17.26
N TYR C 121 -22.88 -15.30 -16.22
CA TYR C 121 -22.09 -16.14 -15.34
C TYR C 121 -22.78 -17.50 -15.27
N MET C 122 -22.04 -18.56 -15.56
CA MET C 122 -22.67 -19.89 -15.59
C MET C 122 -21.77 -20.94 -14.97
N PRO C 123 -21.76 -21.00 -13.64
CA PRO C 123 -21.00 -22.07 -12.97
C PRO C 123 -21.66 -23.42 -13.14
N SER C 124 -20.85 -24.47 -13.24
CA SER C 124 -21.34 -25.83 -13.06
C SER C 124 -21.29 -26.14 -11.57
N ILE C 125 -22.42 -26.58 -11.03
CA ILE C 125 -22.54 -26.75 -9.59
C ILE C 125 -22.96 -28.17 -9.27
N ARG C 126 -22.28 -28.80 -8.31
CA ARG C 126 -22.78 -30.05 -7.73
C ARG C 126 -23.28 -29.77 -6.31
N GLN C 127 -24.49 -30.22 -6.00
CA GLN C 127 -25.08 -29.91 -4.70
C GLN C 127 -26.10 -30.94 -4.29
N ARG C 128 -26.29 -31.10 -2.99
CA ARG C 128 -27.21 -32.13 -2.49
C ARG C 128 -28.51 -31.53 -1.98
N PHE C 129 -29.61 -32.27 -2.18
CA PHE C 129 -30.93 -31.80 -1.80
C PHE C 129 -31.72 -32.88 -1.12
N SER C 130 -32.71 -32.46 -0.34
CA SER C 130 -33.68 -33.37 0.26
C SER C 130 -34.86 -33.53 -0.69
N CYS C 131 -35.11 -34.76 -1.13
CA CYS C 131 -36.09 -35.03 -2.17
C CYS C 131 -36.94 -36.24 -1.83
N ASP C 132 -38.14 -36.31 -2.40
CA ASP C 132 -38.94 -37.52 -2.29
C ASP C 132 -38.46 -38.55 -3.29
N VAL C 133 -37.68 -39.50 -2.80
CA VAL C 133 -37.02 -40.50 -3.64
C VAL C 133 -37.78 -41.82 -3.61
N SER C 134 -38.88 -41.87 -2.84
CA SER C 134 -39.58 -43.14 -2.61
C SER C 134 -40.02 -43.79 -3.92
N GLY C 135 -40.43 -42.98 -4.90
CA GLY C 135 -40.91 -43.53 -6.16
C GLY C 135 -39.91 -43.60 -7.30
N VAL C 136 -38.61 -43.52 -6.98
CA VAL C 136 -37.59 -43.36 -8.03
C VAL C 136 -37.53 -44.53 -9.00
N ASP C 137 -37.90 -45.72 -8.54
CA ASP C 137 -37.87 -46.92 -9.38
C ASP C 137 -39.25 -47.25 -9.99
N THR C 138 -40.17 -46.28 -9.97
CA THR C 138 -41.50 -46.47 -10.56
C THR C 138 -41.66 -45.64 -11.82
N GLU C 139 -42.73 -45.88 -12.57
CA GLU C 139 -42.98 -45.11 -13.79
C GLU C 139 -43.17 -43.62 -13.47
N SER C 140 -43.76 -43.31 -12.31
CA SER C 140 -44.04 -41.92 -11.98
C SER C 140 -42.81 -41.19 -11.44
N GLY C 141 -41.87 -41.94 -10.88
CA GLY C 141 -40.57 -41.38 -10.53
C GLY C 141 -40.47 -40.60 -9.24
N ALA C 142 -39.39 -39.83 -9.13
CA ALA C 142 -39.05 -39.08 -7.94
C ALA C 142 -39.09 -37.59 -8.27
N THR C 143 -39.17 -36.75 -7.24
CA THR C 143 -39.21 -35.31 -7.48
C THR C 143 -38.28 -34.57 -6.54
N CYS C 144 -37.48 -33.68 -7.13
CA CYS C 144 -36.65 -32.75 -6.37
C CYS C 144 -37.17 -31.35 -6.64
N ARG C 145 -37.30 -30.54 -5.61
CA ARG C 145 -37.68 -29.14 -5.78
C ARG C 145 -36.54 -28.29 -5.30
N ILE C 146 -36.09 -27.36 -6.14
CA ILE C 146 -34.96 -26.51 -5.82
C ILE C 146 -35.41 -25.07 -5.91
N LYS C 147 -35.20 -24.30 -4.85
CA LYS C 147 -35.61 -22.90 -4.86
C LYS C 147 -34.39 -22.04 -4.84
N ILE C 148 -34.20 -21.26 -5.91
CA ILE C 148 -33.02 -20.40 -6.02
C ILE C 148 -33.41 -18.92 -6.04
N GLY C 149 -32.79 -18.14 -5.18
CA GLY C 149 -33.06 -16.72 -5.18
C GLY C 149 -31.91 -15.98 -4.54
N SER C 150 -32.02 -14.66 -4.43
CA SER C 150 -31.03 -13.87 -3.71
C SER C 150 -31.06 -14.24 -2.24
N TRP C 151 -29.90 -14.40 -1.61
CA TRP C 151 -29.89 -14.71 -0.19
C TRP C 151 -30.28 -13.50 0.66
N THR C 152 -29.86 -12.30 0.27
CA THR C 152 -30.08 -11.15 1.16
C THR C 152 -30.89 -10.01 0.58
N HIS C 153 -31.18 -10.05 -0.71
CA HIS C 153 -31.90 -8.96 -1.38
C HIS C 153 -33.35 -9.36 -1.67
N HIS C 154 -34.30 -8.60 -1.11
CA HIS C 154 -35.71 -8.90 -1.32
C HIS C 154 -36.19 -8.32 -2.65
N SER C 155 -37.49 -8.48 -2.93
CA SER C 155 -38.01 -8.25 -4.28
C SER C 155 -37.92 -6.80 -4.77
N ARG C 156 -37.82 -5.83 -3.85
CA ARG C 156 -37.69 -4.45 -4.28
C ARG C 156 -36.28 -4.17 -4.82
N GLU C 157 -35.33 -5.04 -4.47
CA GLU C 157 -33.92 -4.85 -4.85
C GLU C 157 -33.45 -5.78 -5.97
N ILE C 158 -33.88 -7.03 -5.92
CA ILE C 158 -33.52 -7.99 -6.94
C ILE C 158 -34.73 -8.83 -7.32
N SER C 159 -34.99 -8.93 -8.62
CA SER C 159 -35.98 -9.90 -9.10
CA SER C 159 -35.98 -9.88 -9.12
C SER C 159 -35.24 -11.05 -9.75
N VAL C 160 -35.63 -12.28 -9.41
CA VAL C 160 -34.93 -13.44 -9.99
C VAL C 160 -35.92 -14.27 -10.77
N ASP C 161 -35.84 -14.18 -12.10
CA ASP C 161 -36.83 -14.80 -12.98
C ASP C 161 -36.27 -15.87 -13.92
N PRO C 162 -37.11 -16.84 -14.28
CA PRO C 162 -36.71 -17.94 -15.16
C PRO C 162 -36.53 -17.44 -16.57
N THR C 163 -35.44 -17.84 -17.22
CA THR C 163 -35.12 -17.30 -18.54
C THR C 163 -36.14 -17.79 -19.55
N THR C 164 -36.53 -16.92 -20.47
CA THR C 164 -37.53 -17.28 -21.47
C THR C 164 -36.89 -18.03 -22.65
N SER C 170 -31.80 -32.33 -23.42
CA SER C 170 -31.12 -33.51 -23.92
C SER C 170 -29.77 -33.13 -24.52
N GLU C 171 -29.57 -31.84 -24.70
CA GLU C 171 -28.30 -31.36 -25.21
C GLU C 171 -27.26 -31.39 -24.11
N TYR C 172 -27.72 -31.43 -22.86
CA TYR C 172 -26.82 -31.23 -21.74
C TYR C 172 -26.74 -32.43 -20.81
N PHE C 173 -27.85 -33.16 -20.65
CA PHE C 173 -27.89 -34.21 -19.62
C PHE C 173 -26.99 -35.37 -20.00
N SER C 174 -26.26 -35.89 -19.02
CA SER C 174 -25.34 -36.99 -19.26
C SER C 174 -26.04 -38.23 -19.77
N GLN C 175 -25.53 -38.82 -20.85
CA GLN C 175 -26.12 -40.06 -21.32
C GLN C 175 -25.75 -41.25 -20.44
N TYR C 176 -24.85 -41.05 -19.48
CA TYR C 176 -24.38 -42.14 -18.62
C TYR C 176 -24.94 -42.10 -17.20
N SER C 177 -25.88 -41.20 -16.94
CA SER C 177 -26.58 -41.18 -15.66
C SER C 177 -27.37 -42.47 -15.46
N ARG C 178 -27.52 -42.90 -14.21
CA ARG C 178 -28.42 -44.01 -13.89
C ARG C 178 -29.87 -43.62 -14.11
N PHE C 179 -30.13 -42.32 -14.19
CA PHE C 179 -31.50 -41.81 -14.21
C PHE C 179 -31.86 -41.06 -15.47
N GLU C 180 -33.15 -40.87 -15.68
CA GLU C 180 -33.62 -40.10 -16.82
C GLU C 180 -34.64 -39.08 -16.34
N ILE C 181 -34.67 -37.94 -17.03
CA ILE C 181 -35.53 -36.83 -16.64
C ILE C 181 -36.91 -36.99 -17.29
N LEU C 182 -37.96 -36.95 -16.48
CA LEU C 182 -39.34 -37.03 -16.98
C LEU C 182 -39.87 -35.64 -17.30
N ASP C 183 -39.47 -34.66 -16.48
CA ASP C 183 -39.91 -33.28 -16.67
C ASP C 183 -39.06 -32.34 -15.83
N VAL C 184 -38.82 -31.16 -16.38
CA VAL C 184 -38.27 -30.06 -15.59
C VAL C 184 -39.11 -28.82 -15.81
N THR C 185 -39.56 -28.18 -14.73
CA THR C 185 -40.15 -26.85 -14.85
C THR C 185 -39.31 -25.88 -14.03
N GLN C 186 -39.31 -24.64 -14.48
CA GLN C 186 -38.60 -23.56 -13.80
C GLN C 186 -39.55 -22.38 -13.76
N LYS C 187 -40.11 -22.13 -12.57
CA LYS C 187 -41.24 -21.21 -12.44
C LYS C 187 -40.92 -20.04 -11.53
N LYS C 188 -41.47 -18.88 -11.86
CA LYS C 188 -41.43 -17.73 -10.98
C LYS C 188 -42.18 -18.03 -9.69
N ASN C 189 -41.56 -17.72 -8.56
CA ASN C 189 -42.21 -17.89 -7.27
C ASN C 189 -41.78 -16.74 -6.36
N SER C 190 -42.70 -16.31 -5.50
CA SER C 190 -42.42 -15.25 -4.54
C SER C 190 -42.55 -15.87 -3.16
N VAL C 191 -41.48 -15.82 -2.39
CA VAL C 191 -41.46 -16.46 -1.07
C VAL C 191 -41.56 -15.43 0.04
N THR C 192 -42.52 -15.63 0.93
CA THR C 192 -42.66 -14.78 2.10
C THR C 192 -42.80 -15.69 3.31
N TYR C 193 -42.38 -15.18 4.45
CA TYR C 193 -42.47 -15.93 5.70
C TYR C 193 -43.40 -15.17 6.63
N SER C 194 -44.16 -15.89 7.46
CA SER C 194 -45.20 -15.27 8.27
C SER C 194 -44.65 -14.19 9.19
N CYS C 195 -43.41 -14.36 9.61
CA CYS C 195 -42.78 -13.46 10.57
C CYS C 195 -42.53 -12.05 10.03
N CYS C 196 -42.32 -11.95 8.72
CA CYS C 196 -41.68 -10.75 8.18
C CYS C 196 -42.32 -10.29 6.86
N PRO C 197 -42.24 -8.98 6.56
CA PRO C 197 -42.94 -8.41 5.41
C PRO C 197 -42.25 -8.59 4.06
N GLU C 198 -40.95 -8.84 4.05
CA GLU C 198 -40.19 -8.90 2.79
C GLU C 198 -40.57 -10.13 1.97
N ALA C 199 -40.62 -9.96 0.65
CA ALA C 199 -40.78 -11.09 -0.26
C ALA C 199 -39.48 -11.32 -1.03
N TYR C 200 -39.16 -12.58 -1.30
CA TYR C 200 -37.97 -12.94 -2.06
C TYR C 200 -38.39 -13.57 -3.36
N GLU C 201 -37.99 -12.98 -4.47
CA GLU C 201 -38.35 -13.57 -5.74
C GLU C 201 -37.41 -14.72 -5.97
N ASP C 202 -37.94 -15.84 -6.41
CA ASP C 202 -37.07 -16.97 -6.66
C ASP C 202 -37.50 -17.69 -7.91
N VAL C 203 -36.65 -18.60 -8.36
CA VAL C 203 -37.05 -19.55 -9.39
C VAL C 203 -37.22 -20.89 -8.70
N GLU C 204 -38.40 -21.50 -8.88
CA GLU C 204 -38.65 -22.80 -8.32
C GLU C 204 -38.44 -23.82 -9.42
N VAL C 205 -37.45 -24.68 -9.23
CA VAL C 205 -37.10 -25.68 -10.21
C VAL C 205 -37.60 -27.04 -9.75
N SER C 206 -38.50 -27.62 -10.53
CA SER C 206 -39.04 -28.93 -10.21
C SER C 206 -38.42 -29.95 -11.14
N LEU C 207 -37.70 -30.90 -10.56
CA LEU C 207 -37.02 -31.92 -11.35
C LEU C 207 -37.67 -33.28 -11.10
N ASN C 208 -38.30 -33.81 -12.14
CA ASN C 208 -38.94 -35.10 -12.06
C ASN C 208 -38.12 -36.13 -12.81
N PHE C 209 -37.73 -37.22 -12.15
CA PHE C 209 -36.80 -38.18 -12.73
C PHE C 209 -37.08 -39.60 -12.24
N ARG C 210 -36.53 -40.59 -12.94
CA ARG C 210 -36.69 -41.97 -12.50
C ARG C 210 -35.49 -42.79 -12.92
N LYS C 211 -35.27 -43.92 -12.26
CA LYS C 211 -34.23 -44.84 -12.69
C LYS C 211 -34.54 -45.36 -14.08
N LYS C 212 -33.52 -45.40 -14.94
CA LYS C 212 -33.68 -45.91 -16.31
C LYS C 212 -34.14 -47.37 -16.29
N GLY C 213 -34.91 -47.74 -17.30
CA GLY C 213 -35.47 -49.08 -17.40
C GLY C 213 -36.94 -49.07 -17.75
N LYS D 3 -38.83 3.82 -1.41
CA LYS D 3 -38.85 4.45 -2.72
C LYS D 3 -37.47 4.92 -3.15
N ASP D 4 -36.54 4.94 -2.19
CA ASP D 4 -35.16 5.31 -2.47
C ASP D 4 -34.23 4.11 -2.31
N ASP D 5 -34.82 2.94 -2.07
CA ASP D 5 -34.03 1.71 -1.90
C ASP D 5 -33.09 1.44 -3.08
N ASP D 6 -33.55 1.70 -4.29
CA ASP D 6 -32.75 1.34 -5.47
C ASP D 6 -31.92 2.50 -6.03
N ASP D 7 -31.71 3.52 -5.21
CA ASP D 7 -30.80 4.61 -5.57
C ASP D 7 -29.36 4.12 -5.39
N LYS D 8 -28.68 3.80 -6.50
CA LYS D 8 -27.41 3.08 -6.41
C LYS D 8 -26.32 3.88 -5.72
N LEU D 9 -26.17 5.13 -6.11
CA LEU D 9 -25.14 5.98 -5.50
C LEU D 9 -25.35 6.09 -3.99
N ASP D 10 -26.62 6.20 -3.60
CA ASP D 10 -26.99 6.21 -2.18
C ASP D 10 -26.47 4.95 -1.50
N ARG D 11 -26.72 3.78 -2.10
CA ARG D 11 -26.25 2.52 -1.52
C ARG D 11 -24.70 2.48 -1.39
N ALA D 12 -24.00 2.91 -2.43
CA ALA D 12 -22.54 2.94 -2.43
C ALA D 12 -22.01 3.84 -1.30
N ASP D 13 -22.70 4.95 -1.10
CA ASP D 13 -22.30 5.91 -0.08
C ASP D 13 -22.55 5.35 1.31
N ILE D 14 -23.68 4.65 1.47
CA ILE D 14 -23.98 4.01 2.75
C ILE D 14 -22.91 2.96 3.06
N LEU D 15 -22.54 2.16 2.07
CA LEU D 15 -21.53 1.12 2.27
C LEU D 15 -20.19 1.75 2.66
N TYR D 16 -19.83 2.85 1.99
CA TYR D 16 -18.65 3.64 2.33
C TYR D 16 -18.69 4.12 3.77
N ASN D 17 -19.83 4.68 4.17
CA ASN D 17 -19.99 5.20 5.53
C ASN D 17 -19.85 4.10 6.56
N ILE D 18 -20.44 2.95 6.27
CA ILE D 18 -20.35 1.81 7.19
C ILE D 18 -18.90 1.37 7.34
N ARG D 19 -18.18 1.32 6.23
CA ARG D 19 -16.79 0.88 6.29
C ARG D 19 -15.86 1.90 6.96
N GLN D 20 -16.27 3.17 6.98
CA GLN D 20 -15.48 4.19 7.68
C GLN D 20 -15.68 4.07 9.19
N THR D 21 -16.90 3.70 9.58
CA THR D 21 -17.28 3.71 10.99
C THR D 21 -17.02 2.37 11.64
N SER D 22 -17.22 1.31 10.88
CA SER D 22 -17.19 -0.04 11.42
C SER D 22 -15.84 -0.42 12.00
N ARG D 23 -15.87 -0.99 13.21
CA ARG D 23 -14.69 -1.61 13.81
C ARG D 23 -14.92 -3.12 13.94
N PRO D 24 -14.47 -3.91 12.96
CA PRO D 24 -14.87 -5.33 12.92
C PRO D 24 -14.37 -6.18 14.09
N ASP D 25 -13.34 -5.71 14.80
CA ASP D 25 -12.79 -6.50 15.89
C ASP D 25 -13.09 -5.96 17.28
N VAL D 26 -13.95 -4.95 17.37
CA VAL D 26 -14.32 -4.37 18.65
C VAL D 26 -15.82 -4.55 18.93
N ILE D 27 -16.18 -5.08 20.11
CA ILE D 27 -17.61 -5.26 20.40
C ILE D 27 -18.29 -3.89 20.44
N PRO D 28 -19.46 -3.79 19.78
CA PRO D 28 -20.18 -2.52 19.67
C PRO D 28 -21.02 -2.24 20.92
N THR D 29 -20.34 -2.09 22.05
CA THR D 29 -21.03 -1.81 23.29
C THR D 29 -21.47 -0.35 23.29
N GLN D 30 -22.74 -0.12 23.64
CA GLN D 30 -23.28 1.23 23.70
C GLN D 30 -23.49 1.64 25.15
N ARG D 31 -23.00 2.82 25.50
CA ARG D 31 -23.00 3.26 26.90
C ARG D 31 -22.23 2.26 27.74
N ASP D 32 -22.82 1.82 28.84
CA ASP D 32 -22.14 0.90 29.74
C ASP D 32 -22.79 -0.48 29.77
N ARG D 33 -23.32 -0.94 28.63
CA ARG D 33 -24.11 -2.16 28.60
C ARG D 33 -23.57 -3.24 27.67
N PRO D 34 -23.83 -4.52 28.02
CA PRO D 34 -23.45 -5.62 27.14
C PRO D 34 -24.12 -5.50 25.78
N VAL D 35 -23.52 -6.10 24.75
CA VAL D 35 -24.15 -6.15 23.45
C VAL D 35 -25.20 -7.25 23.49
N ALA D 36 -26.46 -6.91 23.23
CA ALA D 36 -27.53 -7.91 23.22
C ALA D 36 -27.62 -8.59 21.85
N VAL D 37 -27.44 -9.90 21.86
CA VAL D 37 -27.46 -10.68 20.63
C VAL D 37 -28.61 -11.67 20.66
N SER D 38 -29.45 -11.64 19.62
CA SER D 38 -30.55 -12.59 19.49
C SER D 38 -30.15 -13.66 18.49
N VAL D 39 -30.46 -14.91 18.80
CA VAL D 39 -30.15 -16.00 17.89
C VAL D 39 -31.37 -16.92 17.81
N SER D 40 -31.82 -17.21 16.59
CA SER D 40 -32.94 -18.12 16.40
C SER D 40 -32.57 -19.14 15.32
N LEU D 41 -32.72 -20.42 15.63
CA LEU D 41 -32.38 -21.45 14.66
C LEU D 41 -33.65 -21.89 13.96
N LYS D 42 -33.63 -21.85 12.63
CA LYS D 42 -34.74 -22.35 11.83
C LYS D 42 -34.27 -23.62 11.12
N PHE D 43 -34.80 -24.77 11.51
CA PHE D 43 -34.28 -26.02 10.95
C PHE D 43 -34.82 -26.31 9.56
N ILE D 44 -33.90 -26.64 8.66
CA ILE D 44 -34.17 -26.97 7.27
C ILE D 44 -34.26 -28.48 7.09
N ASN D 45 -33.38 -29.19 7.78
CA ASN D 45 -33.41 -30.63 7.70
C ASN D 45 -32.69 -31.30 8.85
N ILE D 46 -33.08 -32.54 9.10
CA ILE D 46 -32.37 -33.41 10.02
C ILE D 46 -31.92 -34.57 9.15
N LEU D 47 -30.61 -34.68 8.96
CA LEU D 47 -30.08 -35.55 7.89
C LEU D 47 -29.76 -36.94 8.37
N GLU D 48 -29.16 -37.00 9.56
CA GLU D 48 -28.72 -38.28 10.12
C GLU D 48 -28.80 -38.17 11.62
N VAL D 49 -29.22 -39.27 12.24
CA VAL D 49 -29.35 -39.34 13.66
C VAL D 49 -28.79 -40.69 14.08
N ASN D 50 -28.03 -40.71 15.16
CA ASN D 50 -27.51 -41.98 15.69
C ASN D 50 -27.89 -42.13 17.16
N GLU D 51 -28.78 -43.07 17.45
CA GLU D 51 -29.29 -43.25 18.81
C GLU D 51 -28.26 -43.93 19.73
N ILE D 52 -27.34 -44.67 19.14
CA ILE D 52 -26.26 -45.32 19.89
C ILE D 52 -25.18 -44.34 20.32
N THR D 53 -24.79 -43.44 19.43
CA THR D 53 -23.71 -42.52 19.74
C THR D 53 -24.23 -41.15 20.20
N ASN D 54 -25.54 -40.95 20.12
CA ASN D 54 -26.15 -39.69 20.50
C ASN D 54 -25.55 -38.53 19.70
N GLU D 55 -25.61 -38.66 18.38
CA GLU D 55 -25.16 -37.59 17.50
C GLU D 55 -26.23 -37.28 16.46
N VAL D 56 -26.30 -36.02 16.04
CA VAL D 56 -27.22 -35.63 14.98
C VAL D 56 -26.49 -34.75 13.98
N ASP D 57 -26.95 -34.83 12.73
CA ASP D 57 -26.43 -34.01 11.61
C ASP D 57 -27.61 -33.18 11.15
N VAL D 58 -27.51 -31.85 11.24
CA VAL D 58 -28.63 -30.99 10.89
C VAL D 58 -28.22 -29.83 9.98
N VAL D 59 -29.22 -29.28 9.29
CA VAL D 59 -29.06 -28.04 8.53
C VAL D 59 -30.06 -27.02 9.06
N PHE D 60 -29.60 -25.80 9.32
CA PHE D 60 -30.46 -24.78 9.91
C PHE D 60 -30.05 -23.39 9.49
N TRP D 61 -31.01 -22.49 9.48
CA TRP D 61 -30.72 -21.08 9.24
C TRP D 61 -30.49 -20.43 10.59
N GLN D 62 -29.35 -19.80 10.76
CA GLN D 62 -29.02 -19.24 12.06
C GLN D 62 -29.26 -17.74 12.06
N GLN D 63 -30.47 -17.34 12.44
CA GLN D 63 -30.83 -15.92 12.41
C GLN D 63 -30.19 -15.19 13.58
N THR D 64 -29.26 -14.28 13.28
CA THR D 64 -28.49 -13.63 14.32
C THR D 64 -28.67 -12.12 14.20
N THR D 65 -29.14 -11.48 15.26
CA THR D 65 -29.36 -10.04 15.20
C THR D 65 -28.76 -9.31 16.40
N TRP D 66 -28.31 -8.09 16.14
CA TRP D 66 -27.75 -7.24 17.18
C TRP D 66 -27.78 -5.81 16.66
N SER D 67 -27.40 -4.87 17.51
CA SER D 67 -27.39 -3.47 17.10
C SER D 67 -25.99 -2.85 17.21
N ASP D 68 -25.68 -1.98 16.26
CA ASP D 68 -24.54 -1.08 16.38
C ASP D 68 -25.00 0.29 15.93
N ARG D 69 -25.41 1.11 16.89
CA ARG D 69 -26.04 2.39 16.60
C ARG D 69 -25.11 3.35 15.87
N THR D 70 -23.80 3.09 15.95
CA THR D 70 -22.85 3.96 15.26
C THR D 70 -22.94 3.80 13.74
N LEU D 71 -23.58 2.72 13.28
CA LEU D 71 -23.74 2.49 11.85
C LEU D 71 -24.99 3.13 11.29
N ALA D 72 -25.86 3.63 12.18
CA ALA D 72 -27.15 4.17 11.76
C ALA D 72 -27.00 5.40 10.87
N TRP D 73 -28.01 5.65 10.05
CA TRP D 73 -28.03 6.83 9.19
C TRP D 73 -29.46 7.31 8.99
N ASN D 74 -29.59 8.55 8.52
CA ASN D 74 -30.89 9.13 8.26
C ASN D 74 -31.42 8.64 6.92
N SER D 75 -32.48 7.85 6.95
CA SER D 75 -32.98 7.22 5.73
C SER D 75 -34.18 7.94 5.12
N SER D 76 -34.45 9.16 5.55
CA SER D 76 -35.65 9.86 5.10
C SER D 76 -35.66 10.03 3.57
N HIS D 77 -34.49 10.13 2.96
CA HIS D 77 -34.42 10.20 1.50
C HIS D 77 -33.34 9.28 0.94
N SER D 78 -33.18 8.13 1.58
CA SER D 78 -32.20 7.15 1.12
C SER D 78 -32.68 5.74 1.50
N PRO D 79 -31.94 4.72 1.04
CA PRO D 79 -32.27 3.30 1.30
C PRO D 79 -32.46 2.98 2.79
N ASP D 80 -33.40 2.09 3.09
CA ASP D 80 -33.68 1.65 4.46
C ASP D 80 -32.63 0.67 4.96
N GLN D 81 -32.06 -0.09 4.04
CA GLN D 81 -31.17 -1.21 4.34
C GLN D 81 -30.19 -1.43 3.20
N VAL D 82 -29.04 -2.00 3.51
CA VAL D 82 -28.12 -2.48 2.48
C VAL D 82 -27.52 -3.83 2.90
N SER D 83 -27.04 -4.59 1.92
CA SER D 83 -26.28 -5.81 2.19
C SER D 83 -24.79 -5.46 2.31
N VAL D 84 -24.12 -6.12 3.25
CA VAL D 84 -22.73 -5.81 3.58
C VAL D 84 -21.95 -7.10 3.80
N PRO D 85 -20.76 -7.24 3.17
CA PRO D 85 -19.95 -8.43 3.47
C PRO D 85 -19.63 -8.50 4.94
N ILE D 86 -19.75 -9.67 5.57
CA ILE D 86 -19.54 -9.71 7.01
C ILE D 86 -18.10 -9.40 7.37
N SER D 87 -17.18 -9.53 6.42
CA SER D 87 -15.79 -9.17 6.70
C SER D 87 -15.64 -7.67 7.03
N SER D 88 -16.61 -6.85 6.63
CA SER D 88 -16.61 -5.42 6.94
C SER D 88 -17.23 -5.07 8.29
N LEU D 89 -17.80 -6.07 8.98
CA LEU D 89 -18.59 -5.83 10.18
C LEU D 89 -18.05 -6.58 11.38
N TRP D 90 -18.30 -6.06 12.58
CA TRP D 90 -18.18 -6.92 13.75
C TRP D 90 -19.35 -7.89 13.75
N VAL D 91 -19.06 -9.15 14.02
CA VAL D 91 -20.10 -10.16 14.19
CA VAL D 91 -20.08 -10.19 14.16
C VAL D 91 -19.84 -10.93 15.47
N PRO D 92 -20.92 -11.31 16.18
CA PRO D 92 -20.77 -12.04 17.45
C PRO D 92 -19.99 -13.35 17.27
N ASP D 93 -19.09 -13.65 18.19
CA ASP D 93 -18.27 -14.86 18.11
C ASP D 93 -19.02 -16.05 18.71
N LEU D 94 -20.19 -16.34 18.13
CA LEU D 94 -21.03 -17.43 18.65
C LEU D 94 -20.41 -18.79 18.34
N ALA D 95 -20.61 -19.72 19.27
CA ALA D 95 -20.23 -21.11 19.04
C ALA D 95 -21.24 -22.00 19.74
N ALA D 96 -21.49 -23.16 19.15
CA ALA D 96 -22.33 -24.17 19.80
C ALA D 96 -21.43 -25.02 20.70
N TYR D 97 -21.71 -25.01 22.00
CA TYR D 97 -20.85 -25.65 22.95
C TYR D 97 -20.83 -27.18 22.79
N ASN D 98 -21.86 -27.75 22.16
CA ASN D 98 -21.88 -29.19 21.91
C ASN D 98 -21.77 -29.59 20.43
N ALA D 99 -21.21 -28.69 19.62
CA ALA D 99 -20.89 -29.01 18.23
C ALA D 99 -19.74 -29.99 18.18
N ILE D 100 -19.81 -30.97 17.28
CA ILE D 100 -18.70 -31.91 17.10
C ILE D 100 -18.16 -31.88 15.67
N SER D 101 -18.54 -30.85 14.92
CA SER D 101 -18.00 -30.60 13.57
C SER D 101 -18.00 -29.10 13.33
N LYS D 102 -17.20 -28.64 12.38
CA LYS D 102 -17.16 -27.21 12.09
C LYS D 102 -18.49 -26.77 11.51
N PRO D 103 -18.90 -25.53 11.81
CA PRO D 103 -20.13 -25.10 11.17
C PRO D 103 -19.87 -24.83 9.71
N GLU D 104 -20.51 -25.58 8.83
CA GLU D 104 -20.32 -25.43 7.40
C GLU D 104 -21.33 -24.41 6.86
N VAL D 105 -20.85 -23.25 6.39
CA VAL D 105 -21.74 -22.20 5.90
C VAL D 105 -22.06 -22.45 4.43
N LEU D 106 -23.34 -22.54 4.11
CA LEU D 106 -23.77 -22.92 2.77
C LEU D 106 -24.08 -21.74 1.85
N THR D 107 -24.17 -20.54 2.44
CA THR D 107 -24.75 -19.37 1.79
C THR D 107 -23.79 -18.19 1.67
N PRO D 108 -24.12 -17.19 0.84
CA PRO D 108 -23.27 -16.00 0.69
C PRO D 108 -23.04 -15.30 2.03
N GLN D 109 -21.80 -14.92 2.32
CA GLN D 109 -21.50 -14.36 3.65
C GLN D 109 -21.73 -12.84 3.66
N LEU D 110 -23.00 -12.49 3.52
CA LEU D 110 -23.48 -11.12 3.52
C LEU D 110 -24.47 -10.93 4.66
N ALA D 111 -24.40 -9.78 5.33
CA ALA D 111 -25.36 -9.39 6.35
C ALA D 111 -26.21 -8.22 5.87
N ARG D 112 -27.34 -7.97 6.53
CA ARG D 112 -28.12 -6.78 6.27
C ARG D 112 -27.85 -5.76 7.36
N VAL D 113 -27.62 -4.52 6.96
CA VAL D 113 -27.54 -3.42 7.92
C VAL D 113 -28.69 -2.45 7.67
N VAL D 114 -29.46 -2.21 8.72
CA VAL D 114 -30.66 -1.35 8.68
C VAL D 114 -30.30 0.07 9.14
N SER D 115 -31.03 1.07 8.65
CA SER D 115 -30.66 2.47 8.89
C SER D 115 -30.67 2.85 10.36
N ASP D 116 -31.31 2.04 11.20
CA ASP D 116 -31.32 2.37 12.62
C ASP D 116 -30.17 1.69 13.36
N GLY D 117 -29.31 0.99 12.61
CA GLY D 117 -28.16 0.33 13.20
C GLY D 117 -28.34 -1.15 13.52
N GLU D 118 -29.51 -1.71 13.23
CA GLU D 118 -29.68 -3.14 13.42
C GLU D 118 -28.88 -3.90 12.38
N VAL D 119 -28.26 -4.99 12.80
CA VAL D 119 -27.54 -5.85 11.86
C VAL D 119 -28.16 -7.24 11.92
N LEU D 120 -28.38 -7.83 10.75
CA LEU D 120 -28.90 -9.19 10.70
C LEU D 120 -28.00 -10.05 9.83
N TYR D 121 -27.53 -11.16 10.38
CA TYR D 121 -26.74 -12.13 9.63
C TYR D 121 -27.39 -13.48 9.82
N MET D 122 -27.72 -14.14 8.72
CA MET D 122 -28.42 -15.44 8.81
C MET D 122 -27.85 -16.44 7.82
N PRO D 123 -26.73 -17.08 8.19
CA PRO D 123 -26.15 -18.14 7.36
C PRO D 123 -27.01 -19.39 7.41
N SER D 124 -27.06 -20.14 6.32
CA SER D 124 -27.50 -21.54 6.42
C SER D 124 -26.28 -22.37 6.78
N ILE D 125 -26.43 -23.21 7.81
CA ILE D 125 -25.32 -23.98 8.36
C ILE D 125 -25.62 -25.46 8.41
N ARG D 126 -24.65 -26.26 8.01
CA ARG D 126 -24.72 -27.70 8.27
C ARG D 126 -23.73 -28.03 9.38
N GLN D 127 -24.18 -28.74 10.40
CA GLN D 127 -23.30 -29.01 11.53
C GLN D 127 -23.79 -30.23 12.29
N ARG D 128 -22.86 -30.90 12.96
CA ARG D 128 -23.17 -32.10 13.75
C ARG D 128 -23.03 -31.78 15.24
N PHE D 129 -23.87 -32.43 16.06
CA PHE D 129 -23.91 -32.15 17.49
C PHE D 129 -23.98 -33.42 18.29
N SER D 130 -23.47 -33.31 19.51
CA SER D 130 -23.63 -34.34 20.54
C SER D 130 -24.80 -33.94 21.44
N CYS D 131 -25.85 -34.74 21.44
CA CYS D 131 -27.05 -34.40 22.21
C CYS D 131 -27.89 -35.65 22.43
N ASP D 132 -28.96 -35.49 23.20
CA ASP D 132 -29.76 -36.65 23.60
C ASP D 132 -30.72 -37.09 22.50
N VAL D 133 -30.40 -38.22 21.88
CA VAL D 133 -31.19 -38.75 20.78
C VAL D 133 -32.14 -39.84 21.29
N SER D 134 -32.10 -40.11 22.59
CA SER D 134 -32.95 -41.15 23.17
C SER D 134 -34.42 -40.81 22.95
N GLY D 135 -35.21 -41.80 22.55
CA GLY D 135 -36.63 -41.59 22.35
C GLY D 135 -37.03 -41.16 20.95
N VAL D 136 -36.07 -41.06 20.04
CA VAL D 136 -36.36 -40.59 18.69
C VAL D 136 -37.36 -41.50 17.97
N ASP D 137 -37.44 -42.76 18.38
CA ASP D 137 -38.35 -43.68 17.71
C ASP D 137 -39.68 -43.82 18.46
N THR D 138 -39.94 -42.92 19.41
CA THR D 138 -41.17 -42.96 20.19
C THR D 138 -42.13 -41.85 19.76
N GLU D 139 -43.37 -41.91 20.25
CA GLU D 139 -44.36 -40.89 19.91
C GLU D 139 -43.96 -39.52 20.45
N SER D 140 -43.34 -39.49 21.63
CA SER D 140 -42.92 -38.25 22.27
C SER D 140 -41.61 -37.74 21.67
N GLY D 141 -40.87 -38.64 21.04
CA GLY D 141 -39.66 -38.24 20.33
C GLY D 141 -38.48 -37.97 21.22
N ALA D 142 -37.39 -37.51 20.60
CA ALA D 142 -36.19 -37.13 21.30
C ALA D 142 -36.15 -35.62 21.47
N THR D 143 -35.41 -35.15 22.47
CA THR D 143 -35.18 -33.71 22.60
C THR D 143 -33.69 -33.46 22.66
N CYS D 144 -33.18 -32.93 21.56
CA CYS D 144 -31.77 -32.57 21.39
C CYS D 144 -31.59 -31.09 21.71
N ARG D 145 -30.75 -30.78 22.70
CA ARG D 145 -30.52 -29.39 23.08
C ARG D 145 -29.19 -28.93 22.50
N ILE D 146 -29.24 -27.80 21.82
CA ILE D 146 -28.05 -27.17 21.27
C ILE D 146 -27.80 -25.89 22.04
N LYS D 147 -26.60 -25.78 22.61
CA LYS D 147 -26.26 -24.66 23.46
C LYS D 147 -25.35 -23.71 22.68
N ILE D 148 -25.79 -22.47 22.51
CA ILE D 148 -25.05 -21.49 21.73
C ILE D 148 -24.77 -20.22 22.52
N GLY D 149 -23.53 -19.76 22.51
CA GLY D 149 -23.22 -18.52 23.18
C GLY D 149 -21.93 -17.94 22.64
N SER D 150 -21.54 -16.77 23.15
CA SER D 150 -20.27 -16.17 22.75
C SER D 150 -19.13 -17.04 23.23
N TRP D 151 -18.13 -17.28 22.38
CA TRP D 151 -17.00 -18.10 22.79
C TRP D 151 -16.05 -17.36 23.74
N THR D 152 -15.86 -16.06 23.55
CA THR D 152 -14.84 -15.37 24.36
C THR D 152 -15.35 -14.18 25.17
N HIS D 153 -16.60 -13.78 24.95
CA HIS D 153 -17.15 -12.65 25.68
C HIS D 153 -18.11 -13.11 26.77
N HIS D 154 -17.80 -12.78 28.02
CA HIS D 154 -18.67 -13.15 29.12
C HIS D 154 -19.85 -12.19 29.24
N SER D 155 -20.68 -12.42 30.26
CA SER D 155 -22.00 -11.82 30.33
C SER D 155 -22.00 -10.30 30.46
N ARG D 156 -20.90 -9.73 30.95
CA ARG D 156 -20.79 -8.28 31.05
C ARG D 156 -20.60 -7.64 29.67
N GLU D 157 -20.17 -8.46 28.71
CA GLU D 157 -19.81 -7.98 27.37
C GLU D 157 -20.84 -8.33 26.30
N ILE D 158 -21.31 -9.57 26.32
CA ILE D 158 -22.36 -10.01 25.41
C ILE D 158 -23.45 -10.75 26.20
N SER D 159 -24.69 -10.42 25.91
CA SER D 159 -25.81 -11.19 26.44
C SER D 159 -26.52 -11.82 25.27
N VAL D 160 -26.86 -13.10 25.40
CA VAL D 160 -27.55 -13.80 24.35
C VAL D 160 -28.98 -14.02 24.79
N ASP D 161 -29.90 -13.39 24.08
CA ASP D 161 -31.27 -13.40 24.54
C ASP D 161 -32.15 -14.30 23.66
N PRO D 162 -32.76 -15.30 24.30
CA PRO D 162 -33.58 -16.28 23.59
C PRO D 162 -34.81 -15.63 23.02
N THR D 163 -35.33 -16.18 21.94
CA THR D 163 -36.57 -15.66 21.39
C THR D 163 -37.71 -16.36 22.13
N THR D 164 -38.91 -15.79 22.01
CA THR D 164 -40.07 -16.33 22.70
C THR D 164 -40.85 -17.23 21.76
N GLU D 165 -40.27 -17.51 20.60
CA GLU D 165 -40.94 -18.26 19.57
C GLU D 165 -41.11 -19.74 19.91
N ASN D 166 -42.22 -20.30 19.42
CA ASN D 166 -42.52 -21.69 19.64
C ASN D 166 -43.15 -22.20 18.34
N SER D 167 -42.51 -23.17 17.68
CA SER D 167 -43.04 -23.68 16.42
C SER D 167 -42.41 -25.02 16.04
N ASP D 168 -42.94 -25.66 15.00
CA ASP D 168 -42.32 -26.87 14.48
C ASP D 168 -41.58 -26.56 13.18
N ASP D 169 -41.35 -25.27 12.93
CA ASP D 169 -40.58 -24.82 11.77
C ASP D 169 -41.16 -25.26 10.42
N SER D 170 -42.49 -25.41 10.38
CA SER D 170 -43.18 -25.84 9.16
C SER D 170 -42.80 -25.02 7.91
N GLU D 171 -42.44 -23.75 8.10
CA GLU D 171 -42.14 -22.88 6.98
C GLU D 171 -40.75 -23.13 6.41
N TYR D 172 -39.93 -23.85 7.17
CA TYR D 172 -38.51 -24.06 6.83
C TYR D 172 -38.14 -25.52 6.60
N PHE D 173 -38.79 -26.40 7.35
CA PHE D 173 -38.31 -27.77 7.46
C PHE D 173 -38.78 -28.64 6.30
N SER D 174 -37.86 -29.43 5.76
CA SER D 174 -38.14 -30.27 4.61
C SER D 174 -39.25 -31.29 4.85
N GLN D 175 -40.24 -31.26 3.96
CA GLN D 175 -41.32 -32.23 3.95
C GLN D 175 -40.81 -33.66 3.75
N TYR D 176 -39.62 -33.80 3.18
CA TYR D 176 -39.09 -35.10 2.79
C TYR D 176 -38.05 -35.68 3.75
N SER D 177 -37.81 -34.97 4.85
CA SER D 177 -36.96 -35.53 5.89
C SER D 177 -37.53 -36.84 6.42
N ARG D 178 -36.66 -37.74 6.86
CA ARG D 178 -37.09 -38.98 7.48
C ARG D 178 -37.60 -38.71 8.89
N PHE D 179 -37.39 -37.49 9.35
CA PHE D 179 -37.75 -37.09 10.70
C PHE D 179 -38.81 -36.01 10.67
N GLU D 180 -39.53 -35.83 11.77
CA GLU D 180 -40.47 -34.73 11.84
C GLU D 180 -40.22 -33.93 13.09
N ILE D 181 -40.35 -32.61 12.98
CA ILE D 181 -40.12 -31.75 14.11
C ILE D 181 -41.43 -31.60 14.87
N LEU D 182 -41.38 -31.85 16.18
CA LEU D 182 -42.54 -31.69 17.04
C LEU D 182 -42.55 -30.28 17.63
N ASP D 183 -41.39 -29.80 18.03
CA ASP D 183 -41.29 -28.47 18.63
C ASP D 183 -39.85 -27.98 18.68
N VAL D 184 -39.69 -26.67 18.49
CA VAL D 184 -38.42 -25.98 18.64
C VAL D 184 -38.64 -24.80 19.57
N THR D 185 -37.97 -24.82 20.71
CA THR D 185 -38.08 -23.74 21.68
C THR D 185 -36.71 -23.30 22.21
N GLN D 186 -36.65 -22.14 22.84
CA GLN D 186 -35.38 -21.60 23.32
C GLN D 186 -35.49 -21.08 24.75
N LYS D 187 -34.46 -21.35 25.54
CA LYS D 187 -34.42 -20.89 26.93
C LYS D 187 -33.09 -20.21 27.20
N LYS D 188 -33.13 -19.04 27.83
CA LYS D 188 -31.90 -18.39 28.22
C LYS D 188 -31.23 -19.24 29.28
N ASN D 189 -29.91 -19.33 29.22
CA ASN D 189 -29.16 -20.09 30.19
C ASN D 189 -27.81 -19.42 30.43
N SER D 190 -27.24 -19.60 31.61
CA SER D 190 -25.95 -18.99 31.89
C SER D 190 -24.98 -20.07 32.38
N VAL D 191 -23.78 -20.07 31.82
CA VAL D 191 -22.79 -21.08 32.15
C VAL D 191 -21.65 -20.49 32.96
N THR D 192 -21.32 -21.15 34.06
CA THR D 192 -20.17 -20.77 34.86
C THR D 192 -19.39 -22.03 35.21
N TYR D 193 -18.09 -21.87 35.37
CA TYR D 193 -17.22 -22.97 35.74
C TYR D 193 -16.62 -22.68 37.10
N SER D 194 -16.41 -23.72 37.89
CA SER D 194 -15.97 -23.58 39.27
C SER D 194 -14.66 -22.82 39.36
N CYS D 195 -13.85 -22.90 38.32
CA CYS D 195 -12.53 -22.28 38.31
C CYS D 195 -12.55 -20.76 38.31
N CYS D 196 -13.58 -20.16 37.70
CA CYS D 196 -13.52 -18.75 37.32
C CYS D 196 -14.85 -18.03 37.55
N PRO D 197 -14.77 -16.71 37.83
CA PRO D 197 -15.94 -15.87 38.14
C PRO D 197 -16.83 -15.55 36.95
N GLU D 198 -16.26 -15.55 35.74
CA GLU D 198 -17.00 -15.20 34.54
C GLU D 198 -18.22 -16.10 34.30
N ALA D 199 -19.33 -15.50 33.88
CA ALA D 199 -20.50 -16.25 33.43
C ALA D 199 -20.66 -16.03 31.94
N TYR D 200 -21.00 -17.09 31.21
CA TYR D 200 -21.28 -16.95 29.78
C TYR D 200 -22.75 -17.17 29.51
N GLU D 201 -23.38 -16.23 28.84
CA GLU D 201 -24.78 -16.40 28.50
C GLU D 201 -24.92 -17.26 27.26
N ASP D 202 -25.90 -18.15 27.29
CA ASP D 202 -26.18 -18.90 26.09
C ASP D 202 -27.68 -19.02 25.92
N VAL D 203 -28.07 -19.47 24.75
CA VAL D 203 -29.44 -19.90 24.54
C VAL D 203 -29.38 -21.41 24.34
N GLU D 204 -30.23 -22.12 25.07
CA GLU D 204 -30.40 -23.55 24.81
C GLU D 204 -31.55 -23.72 23.85
N VAL D 205 -31.25 -24.27 22.67
CA VAL D 205 -32.28 -24.53 21.68
C VAL D 205 -32.69 -25.98 21.84
N SER D 206 -33.96 -26.20 22.17
CA SER D 206 -34.48 -27.55 22.32
C SER D 206 -35.17 -28.00 21.04
N LEU D 207 -34.60 -29.00 20.40
CA LEU D 207 -35.18 -29.59 19.20
C LEU D 207 -35.88 -30.89 19.55
N ASN D 208 -37.21 -30.83 19.65
CA ASN D 208 -38.00 -32.04 19.91
C ASN D 208 -38.44 -32.63 18.58
N PHE D 209 -37.97 -33.83 18.27
CA PHE D 209 -38.20 -34.42 16.96
C PHE D 209 -38.34 -35.93 17.07
N ARG D 210 -38.87 -36.56 16.03
CA ARG D 210 -39.01 -38.00 16.03
C ARG D 210 -38.91 -38.57 14.63
N LYS D 211 -38.58 -39.85 14.54
CA LYS D 211 -38.60 -40.52 13.26
C LYS D 211 -40.05 -40.68 12.80
N LYS D 212 -40.33 -40.36 11.55
CA LYS D 212 -41.68 -40.53 11.02
C LYS D 212 -42.10 -41.99 11.05
N ASP E 6 -16.84 -2.11 29.25
CA ASP E 6 -17.74 -1.88 28.13
C ASP E 6 -17.60 -0.49 27.48
N ASP E 7 -16.53 0.23 27.79
CA ASP E 7 -16.29 1.48 27.08
C ASP E 7 -15.64 1.18 25.73
N LYS E 8 -16.37 1.41 24.65
CA LYS E 8 -15.95 0.95 23.34
C LYS E 8 -14.63 1.57 22.88
N LEU E 9 -14.51 2.88 23.06
CA LEU E 9 -13.31 3.58 22.61
C LEU E 9 -12.06 3.06 23.37
N ASP E 10 -12.22 2.77 24.66
CA ASP E 10 -11.13 2.18 25.43
C ASP E 10 -10.70 0.85 24.80
N ARG E 11 -11.69 0.01 24.44
CA ARG E 11 -11.40 -1.30 23.85
C ARG E 11 -10.67 -1.16 22.52
N ALA E 12 -11.12 -0.24 21.69
CA ALA E 12 -10.51 0.01 20.39
C ALA E 12 -9.05 0.45 20.57
N ASP E 13 -8.82 1.30 21.57
CA ASP E 13 -7.46 1.80 21.83
C ASP E 13 -6.55 0.70 22.35
N ILE E 14 -7.10 -0.16 23.20
CA ILE E 14 -6.33 -1.31 23.68
C ILE E 14 -5.94 -2.22 22.52
N LEU E 15 -6.89 -2.51 21.62
CA LEU E 15 -6.58 -3.33 20.46
C LEU E 15 -5.52 -2.66 19.59
N TYR E 16 -5.64 -1.35 19.39
CA TYR E 16 -4.62 -0.60 18.65
C TYR E 16 -3.24 -0.78 19.31
N ASN E 17 -3.19 -0.63 20.62
CA ASN E 17 -1.94 -0.75 21.36
C ASN E 17 -1.33 -2.13 21.23
N ILE E 18 -2.17 -3.15 21.36
CA ILE E 18 -1.71 -4.52 21.24
C ILE E 18 -1.13 -4.76 19.85
N ARG E 19 -1.79 -4.23 18.84
CA ARG E 19 -1.32 -4.46 17.48
C ARG E 19 -0.08 -3.64 17.14
N GLN E 20 0.17 -2.55 17.86
CA GLN E 20 1.39 -1.79 17.65
C GLN E 20 2.59 -2.49 18.29
N THR E 21 2.35 -3.25 19.35
CA THR E 21 3.43 -3.87 20.12
C THR E 21 3.62 -5.34 19.78
N SER E 22 2.55 -6.00 19.36
CA SER E 22 2.60 -7.43 19.14
C SER E 22 3.51 -7.82 17.99
N ARG E 23 4.33 -8.84 18.19
CA ARG E 23 5.13 -9.43 17.13
C ARG E 23 4.66 -10.87 16.93
N PRO E 24 3.72 -11.09 16.02
CA PRO E 24 3.06 -12.40 15.91
C PRO E 24 3.98 -13.58 15.55
N ASP E 25 5.15 -13.31 14.98
CA ASP E 25 6.04 -14.40 14.57
C ASP E 25 7.26 -14.60 15.47
N VAL E 26 7.37 -13.81 16.54
CA VAL E 26 8.54 -13.86 17.43
C VAL E 26 8.12 -14.35 18.81
N ILE E 27 8.82 -15.35 19.35
CA ILE E 27 8.44 -15.85 20.67
C ILE E 27 8.64 -14.76 21.73
N PRO E 28 7.67 -14.65 22.66
CA PRO E 28 7.70 -13.58 23.66
C PRO E 28 8.57 -13.94 24.85
N THR E 29 9.85 -14.18 24.60
CA THR E 29 10.75 -14.51 25.70
C THR E 29 10.97 -13.26 26.54
N GLN E 30 10.73 -13.39 27.84
CA GLN E 30 10.88 -12.29 28.78
C GLN E 30 12.08 -12.60 29.66
N ARG E 31 12.84 -11.57 30.00
CA ARG E 31 14.15 -11.77 30.58
C ARG E 31 14.94 -12.58 29.55
N ASP E 32 15.68 -13.57 30.01
CA ASP E 32 16.38 -14.46 29.09
C ASP E 32 15.97 -15.90 29.40
N ARG E 33 14.67 -16.12 29.47
CA ARG E 33 14.13 -17.44 29.81
C ARG E 33 13.15 -17.92 28.75
N PRO E 34 12.94 -19.24 28.70
CA PRO E 34 11.94 -19.80 27.78
C PRO E 34 10.55 -19.27 28.07
N VAL E 35 9.72 -19.22 27.04
CA VAL E 35 8.30 -18.88 27.24
C VAL E 35 7.61 -20.03 27.95
N ALA E 36 7.00 -19.75 29.09
CA ALA E 36 6.27 -20.76 29.85
C ALA E 36 4.84 -20.85 29.34
N VAL E 37 4.55 -21.94 28.64
CA VAL E 37 3.22 -22.15 28.08
C VAL E 37 2.50 -23.20 28.92
N SER E 38 1.32 -22.86 29.42
CA SER E 38 0.52 -23.80 30.16
C SER E 38 -0.55 -24.33 29.23
N VAL E 39 -0.68 -25.64 29.17
CA VAL E 39 -1.67 -26.27 28.32
C VAL E 39 -2.44 -27.25 29.18
N SER E 40 -3.76 -27.26 29.02
CA SER E 40 -4.60 -28.26 29.69
C SER E 40 -5.73 -28.63 28.75
N LEU E 41 -5.82 -29.92 28.41
CA LEU E 41 -6.92 -30.37 27.55
C LEU E 41 -8.11 -30.71 28.41
N LYS E 42 -9.26 -30.14 28.06
CA LYS E 42 -10.52 -30.51 28.69
C LYS E 42 -11.31 -31.31 27.67
N PHE E 43 -11.52 -32.61 27.92
CA PHE E 43 -12.21 -33.41 26.93
C PHE E 43 -13.72 -33.20 26.99
N ILE E 44 -14.31 -33.07 25.81
CA ILE E 44 -15.74 -32.80 25.69
C ILE E 44 -16.49 -33.99 25.11
N ASN E 45 -15.92 -34.59 24.08
CA ASN E 45 -16.57 -35.75 23.45
C ASN E 45 -15.52 -36.77 22.99
N ILE E 46 -15.87 -38.03 23.08
CA ILE E 46 -15.12 -39.07 22.38
C ILE E 46 -16.04 -39.63 21.32
N LEU E 47 -15.75 -39.32 20.06
CA LEU E 47 -16.68 -39.56 18.96
C LEU E 47 -16.65 -40.98 18.42
N GLU E 48 -15.44 -41.49 18.28
CA GLU E 48 -15.23 -42.79 17.67
C GLU E 48 -14.01 -43.46 18.30
N VAL E 49 -14.13 -44.75 18.49
CA VAL E 49 -13.02 -45.55 18.99
C VAL E 49 -12.91 -46.75 18.06
N ASN E 50 -11.80 -46.83 17.34
CA ASN E 50 -11.65 -47.92 16.39
C ASN E 50 -10.69 -48.95 16.93
N GLU E 51 -11.22 -50.08 17.39
CA GLU E 51 -10.42 -51.12 18.01
C GLU E 51 -9.57 -51.85 17.00
N ILE E 52 -10.02 -51.88 15.74
CA ILE E 52 -9.28 -52.51 14.68
C ILE E 52 -7.95 -51.78 14.42
N THR E 53 -8.02 -50.45 14.34
CA THR E 53 -6.87 -49.63 13.92
C THR E 53 -6.16 -48.87 15.03
N ASN E 54 -6.64 -49.00 16.28
CA ASN E 54 -6.09 -48.27 17.42
C ASN E 54 -6.13 -46.76 17.18
N GLU E 55 -7.33 -46.27 16.92
CA GLU E 55 -7.51 -44.85 16.63
C GLU E 55 -8.65 -44.29 17.45
N VAL E 56 -8.56 -43.02 17.83
CA VAL E 56 -9.68 -42.35 18.50
C VAL E 56 -9.93 -41.03 17.81
N ASP E 57 -11.19 -40.61 17.80
CA ASP E 57 -11.62 -39.33 17.24
C ASP E 57 -12.21 -38.57 18.43
N VAL E 58 -11.64 -37.42 18.79
CA VAL E 58 -12.05 -36.75 20.01
C VAL E 58 -12.26 -35.25 19.80
N VAL E 59 -13.02 -34.65 20.70
CA VAL E 59 -13.16 -33.21 20.77
C VAL E 59 -12.70 -32.71 22.15
N PHE E 60 -11.82 -31.72 22.18
CA PHE E 60 -11.34 -31.20 23.44
C PHE E 60 -11.15 -29.69 23.37
N TRP E 61 -11.30 -29.04 24.53
CA TRP E 61 -10.95 -27.63 24.62
C TRP E 61 -9.49 -27.54 25.04
N GLN E 62 -8.69 -26.85 24.24
CA GLN E 62 -7.26 -26.75 24.52
C GLN E 62 -6.93 -25.44 25.26
N GLN E 63 -7.01 -25.49 26.59
CA GLN E 63 -6.78 -24.31 27.40
C GLN E 63 -5.30 -23.98 27.40
N THR E 64 -4.95 -22.86 26.75
CA THR E 64 -3.54 -22.48 26.53
C THR E 64 -3.31 -21.08 27.09
N THR E 65 -2.35 -20.93 28.00
CA THR E 65 -2.07 -19.59 28.53
C THR E 65 -0.57 -19.34 28.55
N TRP E 66 -0.21 -18.07 28.42
CA TRP E 66 1.19 -17.64 28.50
C TRP E 66 1.21 -16.14 28.72
N SER E 67 2.37 -15.63 29.02
CA SER E 67 2.52 -14.20 29.27
C SER E 67 3.29 -13.50 28.15
N ASP E 68 2.86 -12.28 27.82
CA ASP E 68 3.70 -11.35 27.07
C ASP E 68 3.51 -9.98 27.70
N ARG E 69 4.42 -9.63 28.62
CA ARG E 69 4.26 -8.43 29.42
C ARG E 69 4.35 -7.15 28.61
N THR E 70 4.87 -7.22 27.38
CA THR E 70 4.90 -6.04 26.52
C THR E 70 3.50 -5.64 26.07
N LEU E 71 2.53 -6.54 26.21
CA LEU E 71 1.14 -6.25 25.85
C LEU E 71 0.35 -5.61 27.00
N ALA E 72 0.96 -5.52 28.18
CA ALA E 72 0.23 -5.11 29.37
C ALA E 72 -0.18 -3.64 29.32
N TRP E 73 -1.25 -3.29 30.03
CA TRP E 73 -1.63 -1.89 30.15
C TRP E 73 -2.22 -1.61 31.53
N ASN E 74 -2.29 -0.33 31.86
CA ASN E 74 -2.89 0.12 33.11
C ASN E 74 -4.40 0.13 32.98
N SER E 75 -5.06 -0.76 33.71
CA SER E 75 -6.50 -0.92 33.60
C SER E 75 -7.24 -0.32 34.80
N SER E 76 -6.63 0.66 35.46
CA SER E 76 -7.25 1.36 36.58
C SER E 76 -8.60 1.95 36.20
N HIS E 77 -8.66 2.54 35.01
CA HIS E 77 -9.90 3.10 34.50
C HIS E 77 -10.11 2.69 33.05
N SER E 78 -9.89 1.41 32.76
CA SER E 78 -10.17 0.86 31.44
C SER E 78 -10.45 -0.64 31.56
N PRO E 79 -10.90 -1.26 30.46
CA PRO E 79 -11.23 -2.69 30.47
C PRO E 79 -10.08 -3.58 30.96
N ASP E 80 -10.40 -4.62 31.72
CA ASP E 80 -9.43 -5.56 32.25
C ASP E 80 -8.94 -6.56 31.21
N GLN E 81 -9.81 -6.86 30.23
CA GLN E 81 -9.50 -7.84 29.18
C GLN E 81 -10.15 -7.43 27.88
N VAL E 82 -9.55 -7.83 26.76
CA VAL E 82 -10.23 -7.74 25.47
C VAL E 82 -10.05 -9.03 24.68
N SER E 83 -10.96 -9.26 23.72
CA SER E 83 -10.79 -10.35 22.75
C SER E 83 -10.00 -9.84 21.55
N VAL E 84 -9.08 -10.67 21.05
CA VAL E 84 -8.17 -10.30 19.97
C VAL E 84 -8.07 -11.45 18.96
N PRO E 85 -8.22 -11.17 17.65
CA PRO E 85 -8.01 -12.26 16.68
C PRO E 85 -6.62 -12.85 16.84
N ILE E 86 -6.45 -14.17 16.78
CA ILE E 86 -5.12 -14.71 17.00
C ILE E 86 -4.14 -14.35 15.89
N SER E 87 -4.65 -13.93 14.75
CA SER E 87 -3.78 -13.49 13.67
C SER E 87 -2.98 -12.24 14.09
N SER E 88 -3.45 -11.52 15.11
CA SER E 88 -2.78 -10.33 15.64
C SER E 88 -1.75 -10.63 16.74
N LEU E 89 -1.69 -11.90 17.15
CA LEU E 89 -0.89 -12.33 18.30
C LEU E 89 0.12 -13.40 17.95
N TRP E 90 1.22 -13.46 18.70
CA TRP E 90 2.00 -14.69 18.71
C TRP E 90 1.20 -15.74 19.47
N VAL E 91 1.13 -16.96 18.93
CA VAL E 91 0.55 -18.08 19.64
C VAL E 91 1.50 -19.27 19.53
N PRO E 92 1.56 -20.11 20.57
CA PRO E 92 2.52 -21.22 20.52
C PRO E 92 2.20 -22.22 19.41
N ASP E 93 3.25 -22.72 18.77
CA ASP E 93 3.12 -23.62 17.64
C ASP E 93 2.97 -25.07 18.12
N LEU E 94 1.90 -25.31 18.87
CA LEU E 94 1.69 -26.63 19.48
C LEU E 94 1.27 -27.66 18.45
N ALA E 95 1.68 -28.90 18.66
CA ALA E 95 1.25 -30.02 17.83
C ALA E 95 1.22 -31.28 18.67
N ALA E 96 0.32 -32.20 18.33
CA ALA E 96 0.30 -33.50 18.99
C ALA E 96 1.12 -34.49 18.18
N TYR E 97 2.11 -35.13 18.82
CA TYR E 97 3.01 -36.06 18.13
C TYR E 97 2.32 -37.27 17.47
N ASN E 98 1.19 -37.71 18.01
CA ASN E 98 0.51 -38.87 17.47
C ASN E 98 -0.81 -38.53 16.82
N ALA E 99 -0.98 -37.26 16.44
CA ALA E 99 -2.16 -36.89 15.65
C ALA E 99 -2.06 -37.54 14.28
N ILE E 100 -3.18 -38.03 13.76
CA ILE E 100 -3.19 -38.56 12.41
C ILE E 100 -4.20 -37.82 11.53
N SER E 101 -4.72 -36.70 12.03
CA SER E 101 -5.50 -35.79 11.20
C SER E 101 -5.18 -34.35 11.61
N LYS E 102 -5.52 -33.40 10.74
CA LYS E 102 -5.35 -32.00 11.08
C LYS E 102 -6.20 -31.62 12.27
N PRO E 103 -5.68 -30.75 13.12
CA PRO E 103 -6.56 -30.23 14.17
C PRO E 103 -7.64 -29.39 13.50
N GLU E 104 -8.89 -29.71 13.76
CA GLU E 104 -10.00 -28.94 13.22
C GLU E 104 -10.52 -28.01 14.31
N VAL E 105 -10.36 -26.71 14.10
CA VAL E 105 -10.81 -25.77 15.12
C VAL E 105 -12.27 -25.44 14.92
N LEU E 106 -13.07 -25.78 15.93
CA LEU E 106 -14.52 -25.65 15.82
C LEU E 106 -15.06 -24.30 16.27
N THR E 107 -14.20 -23.43 16.81
CA THR E 107 -14.65 -22.22 17.47
C THR E 107 -13.96 -20.98 16.89
N PRO E 108 -14.51 -19.80 17.19
CA PRO E 108 -13.92 -18.56 16.67
C PRO E 108 -12.47 -18.39 17.12
N GLN E 109 -11.59 -17.99 16.20
CA GLN E 109 -10.17 -17.97 16.49
C GLN E 109 -9.76 -16.65 17.13
N LEU E 110 -10.25 -16.46 18.36
CA LEU E 110 -10.01 -15.27 19.16
C LEU E 110 -9.35 -15.71 20.45
N ALA E 111 -8.42 -14.88 20.94
CA ALA E 111 -7.83 -15.05 22.28
C ALA E 111 -8.29 -13.92 23.19
N ARG E 112 -8.13 -14.12 24.50
CA ARG E 112 -8.33 -13.02 25.45
C ARG E 112 -6.97 -12.52 25.85
N VAL E 113 -6.81 -11.21 25.85
CA VAL E 113 -5.62 -10.60 26.40
C VAL E 113 -6.01 -9.83 27.65
N VAL E 114 -5.31 -10.13 28.74
CA VAL E 114 -5.54 -9.53 30.06
C VAL E 114 -4.55 -8.37 30.27
N SER E 115 -4.97 -7.35 31.02
CA SER E 115 -4.19 -6.13 31.14
C SER E 115 -2.81 -6.35 31.80
N ASP E 116 -2.61 -7.50 32.43
CA ASP E 116 -1.29 -7.81 32.99
C ASP E 116 -0.40 -8.52 31.96
N GLY E 117 -0.92 -8.74 30.76
CA GLY E 117 -0.13 -9.33 29.69
C GLY E 117 -0.38 -10.81 29.47
N GLU E 118 -1.22 -11.42 30.30
CA GLU E 118 -1.50 -12.82 30.10
C GLU E 118 -2.41 -12.98 28.89
N VAL E 119 -2.19 -14.06 28.15
CA VAL E 119 -3.00 -14.39 26.99
C VAL E 119 -3.65 -15.75 27.23
N LEU E 120 -4.96 -15.83 26.96
CA LEU E 120 -5.68 -17.09 27.04
C LEU E 120 -6.28 -17.42 25.69
N TYR E 121 -5.90 -18.56 25.15
CA TYR E 121 -6.43 -19.04 23.88
C TYR E 121 -6.95 -20.43 24.13
N MET E 122 -8.23 -20.66 23.84
CA MET E 122 -8.83 -21.96 24.12
C MET E 122 -9.73 -22.44 23.00
N PRO E 123 -9.13 -22.94 21.92
CA PRO E 123 -9.91 -23.48 20.81
C PRO E 123 -10.59 -24.80 21.20
N SER E 124 -11.79 -25.02 20.69
CA SER E 124 -12.34 -26.38 20.67
C SER E 124 -11.80 -27.08 19.44
N ILE E 125 -11.16 -28.23 19.64
CA ILE E 125 -10.47 -28.94 18.58
C ILE E 125 -11.02 -30.34 18.40
N ARG E 126 -11.35 -30.70 17.16
CA ARG E 126 -11.63 -32.10 16.84
C ARG E 126 -10.43 -32.70 16.13
N GLN E 127 -9.95 -33.85 16.60
CA GLN E 127 -8.73 -34.42 16.02
C GLN E 127 -8.67 -35.92 16.25
N ARG E 128 -7.99 -36.63 15.35
CA ARG E 128 -7.85 -38.09 15.44
C ARG E 128 -6.43 -38.46 15.87
N PHE E 129 -6.31 -39.50 16.68
CA PHE E 129 -5.03 -39.92 17.20
C PHE E 129 -4.83 -41.41 17.08
N SER E 130 -3.57 -41.79 16.87
CA SER E 130 -3.16 -43.19 17.00
C SER E 130 -2.74 -43.44 18.45
N CYS E 131 -3.42 -44.35 19.15
CA CYS E 131 -3.09 -44.59 20.55
C CYS E 131 -3.70 -45.92 20.98
N ASP E 132 -3.35 -46.35 22.18
CA ASP E 132 -3.77 -47.67 22.65
C ASP E 132 -5.22 -47.68 23.12
N VAL E 133 -6.04 -48.40 22.39
CA VAL E 133 -7.48 -48.39 22.62
C VAL E 133 -7.91 -49.69 23.32
N SER E 134 -6.94 -50.57 23.57
CA SER E 134 -7.29 -51.84 24.20
C SER E 134 -7.80 -51.61 25.63
N GLY E 135 -8.80 -52.40 26.00
CA GLY E 135 -9.37 -52.29 27.33
C GLY E 135 -10.57 -51.36 27.44
N VAL E 136 -10.94 -50.73 26.33
CA VAL E 136 -12.02 -49.73 26.37
C VAL E 136 -13.34 -50.28 26.93
N ASP E 137 -13.61 -51.56 26.72
CA ASP E 137 -14.85 -52.16 27.22
C ASP E 137 -14.60 -53.02 28.45
N THR E 138 -13.83 -52.47 29.38
CA THR E 138 -13.51 -53.14 30.64
C THR E 138 -13.53 -52.12 31.76
N GLU E 139 -13.55 -52.59 33.00
CA GLU E 139 -13.53 -51.69 34.16
C GLU E 139 -12.30 -50.76 34.15
N SER E 140 -11.14 -51.29 33.76
CA SER E 140 -9.92 -50.51 33.78
C SER E 140 -9.93 -49.44 32.70
N GLY E 141 -10.68 -49.69 31.64
CA GLY E 141 -10.75 -48.75 30.53
C GLY E 141 -9.53 -48.80 29.64
N ALA E 142 -9.58 -48.02 28.57
CA ALA E 142 -8.41 -47.82 27.73
C ALA E 142 -7.66 -46.59 28.24
N THR E 143 -6.35 -46.53 27.99
CA THR E 143 -5.60 -45.32 28.29
C THR E 143 -4.89 -44.89 27.01
N CYS E 144 -5.39 -43.82 26.42
CA CYS E 144 -4.87 -43.24 25.18
C CYS E 144 -3.96 -42.08 25.52
N ARG E 145 -2.68 -42.16 25.14
CA ARG E 145 -1.72 -41.11 25.50
C ARG E 145 -1.44 -40.22 24.31
N ILE E 146 -1.55 -38.91 24.54
CA ILE E 146 -1.34 -37.89 23.52
C ILE E 146 -0.23 -36.98 24.01
N LYS E 147 0.84 -36.81 23.23
CA LYS E 147 1.92 -35.92 23.62
C LYS E 147 1.83 -34.61 22.84
N ILE E 148 1.78 -33.49 23.54
CA ILE E 148 1.63 -32.18 22.88
C ILE E 148 2.78 -31.25 23.27
N GLY E 149 3.34 -30.56 22.28
CA GLY E 149 4.42 -29.65 22.58
C GLY E 149 4.61 -28.72 21.40
N SER E 150 5.54 -27.78 21.55
CA SER E 150 5.92 -26.88 20.46
C SER E 150 6.56 -27.70 19.34
N TRP E 151 6.15 -27.45 18.11
CA TRP E 151 6.69 -28.22 16.99
C TRP E 151 8.12 -27.79 16.64
N THR E 152 8.44 -26.50 16.77
CA THR E 152 9.73 -26.05 16.29
C THR E 152 10.60 -25.41 17.36
N HIS E 153 10.07 -25.20 18.56
CA HIS E 153 10.84 -24.56 19.64
C HIS E 153 11.27 -25.54 20.73
N HIS E 154 12.58 -25.71 20.92
CA HIS E 154 13.07 -26.63 21.93
C HIS E 154 12.99 -26.03 23.33
N SER E 155 13.46 -26.78 24.33
CA SER E 155 13.20 -26.46 25.73
C SER E 155 13.80 -25.14 26.21
N ARG E 156 14.84 -24.66 25.53
CA ARG E 156 15.44 -23.41 25.93
C ARG E 156 14.58 -22.23 25.47
N GLU E 157 13.67 -22.51 24.54
CA GLU E 157 12.84 -21.45 23.94
C GLU E 157 11.40 -21.46 24.44
N ILE E 158 10.82 -22.66 24.54
CA ILE E 158 9.48 -22.83 25.08
C ILE E 158 9.43 -24.00 26.04
N SER E 159 8.82 -23.79 27.19
CA SER E 159 8.43 -24.91 28.04
C SER E 159 6.91 -25.07 27.97
N VAL E 160 6.44 -26.28 27.74
CA VAL E 160 4.99 -26.55 27.77
C VAL E 160 4.69 -27.33 29.04
N ASP E 161 3.84 -26.76 29.90
CA ASP E 161 3.58 -27.31 31.23
C ASP E 161 2.09 -27.54 31.53
N PRO E 162 1.76 -28.59 32.28
CA PRO E 162 0.34 -28.80 32.60
C PRO E 162 -0.14 -27.90 33.72
N THR E 163 -1.46 -27.77 33.86
CA THR E 163 -2.05 -27.10 35.03
C THR E 163 -2.56 -28.14 36.03
N THR E 164 -3.70 -28.74 35.73
CA THR E 164 -4.25 -29.77 36.60
C THR E 164 -3.67 -31.13 36.21
N GLU E 165 -3.06 -31.82 37.17
CA GLU E 165 -2.45 -33.11 36.86
C GLU E 165 -3.50 -34.21 36.66
N ASN E 166 -4.59 -34.16 37.43
CA ASN E 166 -5.65 -35.18 37.34
C ASN E 166 -7.03 -34.57 37.39
N SER E 167 -7.92 -35.05 36.54
CA SER E 167 -9.30 -34.60 36.54
C SER E 167 -10.19 -35.59 35.78
N ASP E 168 -11.43 -35.74 36.24
CA ASP E 168 -12.39 -36.56 35.52
C ASP E 168 -13.19 -35.72 34.51
N ASP E 169 -12.85 -34.44 34.40
CA ASP E 169 -13.51 -33.53 33.46
C ASP E 169 -15.03 -33.52 33.59
N SER E 170 -15.52 -33.72 34.80
CA SER E 170 -16.97 -33.80 34.98
C SER E 170 -17.69 -32.52 34.54
N GLU E 171 -16.99 -31.40 34.60
CA GLU E 171 -17.60 -30.12 34.24
C GLU E 171 -17.65 -29.91 32.73
N TYR E 172 -16.94 -30.76 32.01
CA TYR E 172 -16.75 -30.55 30.57
C TYR E 172 -17.28 -31.67 29.68
N PHE E 173 -17.09 -32.91 30.12
CA PHE E 173 -17.34 -34.04 29.24
C PHE E 173 -18.84 -34.31 29.04
N SER E 174 -19.23 -34.55 27.80
CA SER E 174 -20.63 -34.77 27.46
C SER E 174 -21.25 -35.95 28.22
N GLN E 175 -22.36 -35.71 28.88
CA GLN E 175 -23.12 -36.79 29.51
C GLN E 175 -23.72 -37.76 28.49
N TYR E 176 -23.78 -37.35 27.23
CA TYR E 176 -24.45 -38.16 26.20
C TYR E 176 -23.52 -39.08 25.40
N SER E 177 -22.20 -38.94 25.61
CA SER E 177 -21.22 -39.82 24.99
C SER E 177 -21.47 -41.29 25.37
N ARG E 178 -21.09 -42.20 24.47
CA ARG E 178 -21.06 -43.63 24.76
C ARG E 178 -20.06 -43.97 25.85
N PHE E 179 -19.12 -43.06 26.04
CA PHE E 179 -17.98 -43.29 26.89
C PHE E 179 -18.04 -42.44 28.15
N GLU E 180 -17.22 -42.80 29.13
CA GLU E 180 -17.09 -41.99 30.33
C GLU E 180 -15.63 -41.85 30.64
N ILE E 181 -15.27 -40.76 31.30
CA ILE E 181 -13.88 -40.48 31.62
C ILE E 181 -13.58 -40.99 33.01
N LEU E 182 -12.55 -41.84 33.13
CA LEU E 182 -12.11 -42.33 34.43
C LEU E 182 -11.10 -41.34 35.03
N ASP E 183 -10.12 -40.92 34.23
CA ASP E 183 -9.17 -39.90 34.67
C ASP E 183 -8.44 -39.34 33.47
N VAL E 184 -8.23 -38.03 33.45
CA VAL E 184 -7.32 -37.42 32.50
C VAL E 184 -6.08 -36.97 33.26
N THR E 185 -4.96 -37.63 33.01
CA THR E 185 -3.72 -37.26 33.67
C THR E 185 -2.89 -36.42 32.72
N GLN E 186 -2.36 -35.31 33.21
CA GLN E 186 -1.51 -34.44 32.39
C GLN E 186 -0.20 -34.14 33.11
N LYS E 187 0.91 -34.58 32.53
CA LYS E 187 2.21 -34.45 33.19
C LYS E 187 3.28 -33.90 32.27
N LYS E 188 4.23 -33.17 32.85
CA LYS E 188 5.40 -32.70 32.10
C LYS E 188 6.18 -33.88 31.54
N ASN E 189 6.69 -33.72 30.33
CA ASN E 189 7.46 -34.75 29.66
C ASN E 189 8.49 -34.09 28.76
N SER E 190 9.69 -34.67 28.70
CA SER E 190 10.76 -34.11 27.89
C SER E 190 11.21 -35.14 26.88
N VAL E 191 11.31 -34.76 25.62
CA VAL E 191 11.65 -35.69 24.57
C VAL E 191 12.95 -35.29 23.90
N THR E 192 13.86 -36.24 23.76
CA THR E 192 15.10 -36.04 23.02
C THR E 192 15.27 -37.16 22.01
N TYR E 193 15.81 -36.84 20.85
CA TYR E 193 16.06 -37.83 19.82
C TYR E 193 17.55 -38.10 19.72
N SER E 194 17.91 -39.36 19.46
CA SER E 194 19.31 -39.77 19.48
C SER E 194 20.17 -38.95 18.52
N CYS E 195 19.56 -38.48 17.44
CA CYS E 195 20.27 -37.78 16.38
C CYS E 195 20.78 -36.40 16.77
N CYS E 196 20.14 -35.76 17.74
CA CYS E 196 20.35 -34.34 17.96
C CYS E 196 20.30 -33.95 19.44
N PRO E 197 20.93 -32.82 19.79
CA PRO E 197 21.09 -32.41 21.19
C PRO E 197 19.85 -31.80 21.84
N GLU E 198 18.94 -31.26 21.05
CA GLU E 198 17.84 -30.49 21.62
C GLU E 198 16.82 -31.37 22.34
N ALA E 199 16.21 -30.84 23.38
CA ALA E 199 15.08 -31.50 24.04
C ALA E 199 13.82 -30.69 23.78
N TYR E 200 12.69 -31.36 23.66
CA TYR E 200 11.41 -30.68 23.51
C TYR E 200 10.55 -30.95 24.73
N GLU E 201 10.09 -29.87 25.35
CA GLU E 201 9.28 -29.97 26.56
C GLU E 201 7.83 -30.13 26.22
N ASP E 202 7.23 -31.24 26.63
CA ASP E 202 5.88 -31.53 26.19
C ASP E 202 4.99 -31.83 27.37
N VAL E 203 3.68 -31.85 27.13
CA VAL E 203 2.74 -32.38 28.13
C VAL E 203 2.25 -33.72 27.63
N GLU E 204 2.36 -34.74 28.49
CA GLU E 204 1.83 -36.04 28.16
C GLU E 204 0.43 -36.16 28.77
N VAL E 205 -0.55 -36.32 27.89
CA VAL E 205 -1.96 -36.39 28.31
C VAL E 205 -2.39 -37.84 28.24
N SER E 206 -2.71 -38.42 29.38
CA SER E 206 -3.21 -39.79 29.41
C SER E 206 -4.70 -39.79 29.63
N LEU E 207 -5.45 -40.14 28.58
CA LEU E 207 -6.90 -40.16 28.59
C LEU E 207 -7.39 -41.56 28.92
N ASN E 208 -7.79 -41.76 30.16
CA ASN E 208 -8.26 -43.07 30.61
C ASN E 208 -9.79 -43.05 30.61
N PHE E 209 -10.39 -43.88 29.76
CA PHE E 209 -11.82 -43.82 29.53
C PHE E 209 -12.35 -45.21 29.24
N ARG E 210 -13.66 -45.37 29.34
CA ARG E 210 -14.25 -46.66 29.05
C ARG E 210 -15.65 -46.49 28.49
N LYS E 211 -16.13 -47.54 27.84
CA LYS E 211 -17.50 -47.56 27.35
C LYS E 211 -18.43 -47.69 28.56
N LYS E 212 -19.43 -46.82 28.65
CA LYS E 212 -20.42 -46.92 29.72
C LYS E 212 -21.16 -48.25 29.68
N GLY E 213 -21.48 -48.78 30.85
CA GLY E 213 -22.18 -50.05 30.96
C GLY E 213 -22.82 -50.23 32.31
N ASP F 4 -2.54 13.69 34.40
CA ASP F 4 -2.39 12.64 33.41
C ASP F 4 -1.93 13.18 32.06
N ASP F 5 -1.61 14.48 32.02
CA ASP F 5 -1.16 15.13 30.79
C ASP F 5 0.04 14.41 30.15
N ASP F 6 0.99 13.99 30.98
CA ASP F 6 2.24 13.42 30.46
C ASP F 6 2.26 11.89 30.36
N ASP F 7 1.08 11.28 30.40
CA ASP F 7 0.96 9.86 30.15
C ASP F 7 1.13 9.62 28.65
N LYS F 8 2.27 9.06 28.25
CA LYS F 8 2.63 9.03 26.83
C LYS F 8 1.72 8.13 26.02
N LEU F 9 1.38 6.98 26.59
CA LEU F 9 0.50 6.06 25.87
C LEU F 9 -0.87 6.68 25.68
N ASP F 10 -1.34 7.40 26.69
CA ASP F 10 -2.62 8.11 26.56
C ASP F 10 -2.55 9.11 25.40
N ARG F 11 -1.45 9.85 25.30
CA ARG F 11 -1.32 10.81 24.20
C ARG F 11 -1.31 10.14 22.83
N ALA F 12 -0.56 9.05 22.72
CA ALA F 12 -0.50 8.30 21.47
C ALA F 12 -1.90 7.81 21.08
N ASP F 13 -2.66 7.35 22.07
CA ASP F 13 -4.01 6.84 21.78
C ASP F 13 -4.96 7.97 21.36
N ILE F 14 -4.85 9.12 22.00
CA ILE F 14 -5.63 10.28 21.61
C ILE F 14 -5.33 10.69 20.17
N LEU F 15 -4.05 10.71 19.79
CA LEU F 15 -3.68 11.06 18.42
C LEU F 15 -4.25 10.03 17.42
N TYR F 16 -4.18 8.75 17.78
CA TYR F 16 -4.80 7.70 16.97
C TYR F 16 -6.29 7.96 16.82
N ASN F 17 -6.97 8.29 17.93
CA ASN F 17 -8.41 8.54 17.89
C ASN F 17 -8.76 9.71 16.99
N ILE F 18 -8.00 10.80 17.12
CA ILE F 18 -8.21 12.00 16.33
C ILE F 18 -8.04 11.69 14.85
N ARG F 19 -7.04 10.89 14.51
CA ARG F 19 -6.79 10.56 13.11
C ARG F 19 -7.81 9.58 12.54
N GLN F 20 -8.45 8.76 13.38
CA GLN F 20 -9.51 7.90 12.90
C GLN F 20 -10.77 8.70 12.58
N THR F 21 -11.02 9.77 13.34
CA THR F 21 -12.29 10.47 13.21
C THR F 21 -12.17 11.72 12.33
N SER F 22 -10.97 12.28 12.28
CA SER F 22 -10.77 13.52 11.55
C SER F 22 -11.02 13.38 10.04
N ARG F 23 -11.76 14.31 9.49
CA ARG F 23 -11.87 14.44 8.04
C ARG F 23 -11.24 15.76 7.62
N PRO F 24 -9.94 15.77 7.28
CA PRO F 24 -9.21 17.01 7.02
C PRO F 24 -9.79 17.85 5.89
N ASP F 25 -10.56 17.25 4.99
CA ASP F 25 -11.02 17.96 3.80
C ASP F 25 -12.50 18.37 3.86
N VAL F 26 -13.16 18.05 4.96
CA VAL F 26 -14.59 18.32 5.12
C VAL F 26 -14.86 19.28 6.27
N ILE F 27 -15.63 20.34 6.03
CA ILE F 27 -15.89 21.30 7.09
C ILE F 27 -16.67 20.64 8.22
N PRO F 28 -16.26 20.91 9.47
CA PRO F 28 -16.87 20.23 10.62
C PRO F 28 -18.17 20.90 11.09
N THR F 29 -19.16 20.95 10.21
CA THR F 29 -20.43 21.59 10.54
C THR F 29 -21.21 20.74 11.53
N GLN F 30 -21.76 21.40 12.54
CA GLN F 30 -22.50 20.74 13.61
C GLN F 30 -23.91 21.29 13.68
N ARG F 31 -24.89 20.41 13.91
CA ARG F 31 -26.28 20.83 14.02
C ARG F 31 -26.73 21.58 12.77
N ASP F 32 -26.14 21.24 11.64
CA ASP F 32 -26.44 21.90 10.37
C ASP F 32 -26.24 23.42 10.46
N ARG F 33 -25.30 23.84 11.30
CA ARG F 33 -24.96 25.25 11.42
C ARG F 33 -23.57 25.48 10.84
N PRO F 34 -23.29 26.72 10.40
CA PRO F 34 -21.96 27.04 9.88
C PRO F 34 -20.87 26.81 10.92
N VAL F 35 -19.66 26.52 10.46
CA VAL F 35 -18.53 26.43 11.37
C VAL F 35 -18.16 27.83 11.84
N ALA F 36 -18.18 28.03 13.15
CA ALA F 36 -17.81 29.33 13.72
C ALA F 36 -16.32 29.39 13.96
N VAL F 37 -15.63 30.24 13.21
CA VAL F 37 -14.19 30.39 13.34
C VAL F 37 -13.85 31.73 13.97
N SER F 38 -13.05 31.69 15.04
CA SER F 38 -12.57 32.92 15.68
C SER F 38 -11.16 33.21 15.23
N VAL F 39 -10.89 34.46 14.91
CA VAL F 39 -9.58 34.86 14.45
C VAL F 39 -9.15 36.12 15.19
N SER F 40 -7.97 36.06 15.77
CA SER F 40 -7.41 37.22 16.45
C SER F 40 -5.95 37.36 16.06
N LEU F 41 -5.58 38.51 15.49
CA LEU F 41 -4.21 38.76 15.09
C LEU F 41 -3.46 39.47 16.20
N LYS F 42 -2.39 38.85 16.71
CA LYS F 42 -1.51 39.53 17.66
C LYS F 42 -0.31 40.03 16.88
N PHE F 43 -0.22 41.34 16.68
CA PHE F 43 0.88 41.86 15.89
C PHE F 43 2.18 41.83 16.69
N ILE F 44 3.23 41.35 16.03
CA ILE F 44 4.53 41.18 16.66
C ILE F 44 5.51 42.21 16.15
N ASN F 45 5.41 42.52 14.87
CA ASN F 45 6.33 43.50 14.29
C ASN F 45 5.77 44.11 13.04
N ILE F 46 6.19 45.35 12.81
CA ILE F 46 5.97 46.03 11.55
C ILE F 46 7.35 46.31 11.00
N LEU F 47 7.68 45.66 9.87
CA LEU F 47 9.05 45.56 9.40
C LEU F 47 9.40 46.61 8.36
N GLU F 48 8.42 46.91 7.53
CA GLU F 48 8.63 47.87 6.45
C GLU F 48 7.29 48.48 6.12
N VAL F 49 7.27 49.79 5.89
CA VAL F 49 6.07 50.40 5.35
C VAL F 49 6.48 51.36 4.25
N ASN F 50 5.60 51.54 3.29
CA ASN F 50 5.89 52.41 2.16
C ASN F 50 4.67 53.31 1.90
N GLU F 51 4.84 54.61 2.14
CA GLU F 51 3.71 55.52 2.05
C GLU F 51 3.39 55.87 0.60
N ILE F 52 4.37 55.68 -0.29
CA ILE F 52 4.16 55.90 -1.72
C ILE F 52 3.33 54.80 -2.36
N THR F 53 3.61 53.55 -2.01
CA THR F 53 2.93 52.42 -2.65
C THR F 53 1.80 51.86 -1.79
N ASN F 54 1.70 52.33 -0.54
CA ASN F 54 0.68 51.88 0.37
C ASN F 54 0.82 50.39 0.61
N GLU F 55 2.02 49.98 1.00
CA GLU F 55 2.28 48.57 1.30
C GLU F 55 2.95 48.43 2.67
N VAL F 56 2.59 47.37 3.39
CA VAL F 56 3.22 47.10 4.67
C VAL F 56 3.70 45.64 4.72
N ASP F 57 4.77 45.42 5.48
CA ASP F 57 5.33 44.09 5.71
C ASP F 57 5.26 43.84 7.21
N VAL F 58 4.52 42.82 7.64
CA VAL F 58 4.28 42.64 9.06
C VAL F 58 4.42 41.20 9.51
N VAL F 59 4.63 41.02 10.80
CA VAL F 59 4.60 39.70 11.44
C VAL F 59 3.54 39.66 12.52
N PHE F 60 2.71 38.61 12.51
CA PHE F 60 1.67 38.52 13.50
C PHE F 60 1.44 37.06 13.85
N TRP F 61 0.95 36.85 15.07
CA TRP F 61 0.50 35.53 15.49
C TRP F 61 -0.99 35.41 15.18
N GLN F 62 -1.35 34.43 14.35
CA GLN F 62 -2.73 34.35 13.91
C GLN F 62 -3.48 33.33 14.78
N GLN F 63 -4.07 33.81 15.87
CA GLN F 63 -4.80 32.92 16.78
C GLN F 63 -6.12 32.48 16.16
N THR F 64 -6.19 31.22 15.74
CA THR F 64 -7.36 30.72 15.04
C THR F 64 -7.98 29.58 15.86
N THR F 65 -9.28 29.69 16.18
CA THR F 65 -9.92 28.65 16.97
C THR F 65 -11.29 28.29 16.41
N TRP F 66 -11.66 27.03 16.59
CA TRP F 66 -12.96 26.51 16.18
C TRP F 66 -13.16 25.23 16.94
N SER F 67 -14.34 24.65 16.84
CA SER F 67 -14.57 23.38 17.48
C SER F 67 -14.95 22.30 16.49
N ASP F 68 -14.57 21.06 16.81
CA ASP F 68 -15.09 19.88 16.13
C ASP F 68 -15.35 18.86 17.24
N ARG F 69 -16.61 18.76 17.65
CA ARG F 69 -16.96 17.93 18.79
C ARG F 69 -16.73 16.44 18.52
N THR F 70 -16.64 16.05 17.25
CA THR F 70 -16.38 14.64 16.94
C THR F 70 -14.98 14.25 17.40
N LEU F 71 -14.15 15.24 17.69
CA LEU F 71 -12.78 15.01 18.13
C LEU F 71 -12.69 14.86 19.65
N ALA F 72 -13.77 15.22 20.34
CA ALA F 72 -13.76 15.29 21.80
C ALA F 72 -13.53 13.91 22.44
N TRP F 73 -12.91 13.91 23.61
CA TRP F 73 -12.78 12.68 24.38
C TRP F 73 -12.95 12.94 25.88
N ASN F 74 -13.15 11.86 26.63
CA ASN F 74 -13.28 11.92 28.07
C ASN F 74 -11.90 12.00 28.69
N SER F 75 -11.58 13.14 29.29
CA SER F 75 -10.25 13.33 29.88
C SER F 75 -10.28 13.27 31.40
N SER F 76 -11.22 12.51 31.94
CA SER F 76 -11.29 12.38 33.40
C SER F 76 -10.01 11.77 33.93
N HIS F 77 -9.43 10.83 33.19
CA HIS F 77 -8.18 10.21 33.60
C HIS F 77 -7.19 10.13 32.45
N SER F 78 -7.14 11.19 31.65
CA SER F 78 -6.24 11.27 30.51
C SER F 78 -5.91 12.73 30.19
N PRO F 79 -4.96 12.95 29.26
CA PRO F 79 -4.52 14.31 28.92
C PRO F 79 -5.67 15.23 28.48
N ASP F 80 -5.57 16.50 28.86
CA ASP F 80 -6.56 17.53 28.54
C ASP F 80 -6.40 18.05 27.12
N GLN F 81 -5.19 17.94 26.60
CA GLN F 81 -4.81 18.54 25.33
C GLN F 81 -3.65 17.79 24.72
N VAL F 82 -3.57 17.77 23.40
CA VAL F 82 -2.40 17.26 22.70
C VAL F 82 -2.06 18.17 21.53
N SER F 83 -0.81 18.13 21.07
CA SER F 83 -0.42 18.82 19.84
C SER F 83 -0.59 17.86 18.65
N VAL F 84 -1.06 18.39 17.53
CA VAL F 84 -1.40 17.56 16.37
C VAL F 84 -0.93 18.26 15.12
N PRO F 85 -0.25 17.54 14.21
CA PRO F 85 0.15 18.18 12.94
C PRO F 85 -1.08 18.66 12.20
N ILE F 86 -1.07 19.86 11.62
CA ILE F 86 -2.30 20.34 10.99
C ILE F 86 -2.68 19.51 9.77
N SER F 87 -1.72 18.76 9.22
CA SER F 87 -2.04 17.91 8.08
C SER F 87 -3.04 16.81 8.44
N SER F 88 -3.20 16.54 9.74
CA SER F 88 -4.13 15.54 10.24
C SER F 88 -5.53 16.08 10.54
N LEU F 89 -5.69 17.39 10.42
CA LEU F 89 -6.90 18.10 10.82
C LEU F 89 -7.52 18.89 9.69
N TRP F 90 -8.83 19.13 9.76
CA TRP F 90 -9.41 20.20 8.96
C TRP F 90 -8.97 21.53 9.58
N VAL F 91 -8.53 22.44 8.73
CA VAL F 91 -8.22 23.81 9.17
C VAL F 91 -8.95 24.77 8.23
N PRO F 92 -9.42 25.90 8.77
CA PRO F 92 -10.15 26.86 7.93
C PRO F 92 -9.30 27.36 6.79
N ASP F 93 -9.90 27.52 5.60
CA ASP F 93 -9.16 28.00 4.43
C ASP F 93 -9.11 29.52 4.38
N LEU F 94 -8.54 30.11 5.43
CA LEU F 94 -8.49 31.55 5.54
C LEU F 94 -7.52 32.17 4.55
N ALA F 95 -7.85 33.38 4.10
CA ALA F 95 -6.96 34.18 3.27
C ALA F 95 -7.23 35.65 3.55
N ALA F 96 -6.19 36.47 3.41
CA ALA F 96 -6.35 37.91 3.50
C ALA F 96 -6.66 38.48 2.11
N TYR F 97 -7.79 39.17 1.99
CA TYR F 97 -8.22 39.75 0.71
C TYR F 97 -7.23 40.73 0.10
N ASN F 98 -6.46 41.42 0.95
CA ASN F 98 -5.53 42.42 0.44
C ASN F 98 -4.06 42.04 0.64
N ALA F 99 -3.81 40.74 0.79
CA ALA F 99 -2.42 40.27 0.82
C ALA F 99 -1.79 40.36 -0.55
N ILE F 100 -0.52 40.76 -0.59
CA ILE F 100 0.21 40.87 -1.85
C ILE F 100 1.47 39.99 -1.86
N SER F 101 1.57 39.10 -0.88
CA SER F 101 2.62 38.09 -0.82
C SER F 101 2.03 36.84 -0.17
N LYS F 102 2.66 35.69 -0.36
CA LYS F 102 2.20 34.46 0.28
C LYS F 102 2.40 34.58 1.79
N PRO F 103 1.48 34.00 2.57
CA PRO F 103 1.70 33.99 4.02
C PRO F 103 2.84 33.06 4.40
N GLU F 104 3.96 33.64 4.83
CA GLU F 104 5.10 32.85 5.26
C GLU F 104 4.94 32.37 6.70
N VAL F 105 4.76 31.07 6.88
CA VAL F 105 4.58 30.51 8.22
C VAL F 105 5.93 30.24 8.85
N LEU F 106 6.19 30.92 9.97
CA LEU F 106 7.51 30.90 10.58
C LEU F 106 7.70 29.79 11.63
N THR F 107 6.61 29.16 12.03
CA THR F 107 6.57 28.28 13.19
C THR F 107 6.16 26.85 12.81
N PRO F 108 6.43 25.88 13.71
CA PRO F 108 6.01 24.48 13.51
C PRO F 108 4.51 24.41 13.24
N GLN F 109 4.12 23.63 12.24
CA GLN F 109 2.73 23.62 11.82
C GLN F 109 1.94 22.58 12.61
N LEU F 110 1.79 22.88 13.90
CA LEU F 110 1.10 22.03 14.86
C LEU F 110 -0.04 22.84 15.48
N ALA F 111 -1.18 22.18 15.68
CA ALA F 111 -2.30 22.76 16.42
C ALA F 111 -2.46 22.07 17.77
N ARG F 112 -3.21 22.70 18.67
CA ARG F 112 -3.63 22.04 19.90
C ARG F 112 -5.05 21.56 19.74
N VAL F 113 -5.32 20.33 20.17
CA VAL F 113 -6.69 19.84 20.24
C VAL F 113 -7.02 19.59 21.70
N VAL F 114 -8.14 20.17 22.15
CA VAL F 114 -8.57 20.10 23.55
C VAL F 114 -9.61 19.00 23.66
N SER F 115 -9.69 18.34 24.81
CA SER F 115 -10.57 17.18 24.96
C SER F 115 -12.05 17.48 24.75
N ASP F 116 -12.42 18.77 24.76
CA ASP F 116 -13.80 19.14 24.52
C ASP F 116 -14.08 19.41 23.04
N GLY F 117 -13.10 19.16 22.18
CA GLY F 117 -13.26 19.35 20.75
C GLY F 117 -12.75 20.68 20.21
N GLU F 118 -12.32 21.56 21.10
CA GLU F 118 -11.79 22.85 20.68
C GLU F 118 -10.45 22.66 19.97
N VAL F 119 -10.23 23.37 18.87
CA VAL F 119 -8.94 23.32 18.18
C VAL F 119 -8.34 24.72 18.15
N LEU F 120 -7.05 24.82 18.49
CA LEU F 120 -6.33 26.11 18.40
C LEU F 120 -5.12 25.97 17.49
N TYR F 121 -5.07 26.79 16.45
CA TYR F 121 -3.92 26.85 15.56
C TYR F 121 -3.43 28.29 15.54
N MET F 122 -2.17 28.50 15.88
CA MET F 122 -1.65 29.86 15.95
C MET F 122 -0.27 29.97 15.32
N PRO F 123 -0.24 29.99 13.99
CA PRO F 123 1.02 30.21 13.27
C PRO F 123 1.52 31.63 13.44
N SER F 124 2.83 31.79 13.51
CA SER F 124 3.43 33.11 13.32
C SER F 124 3.61 33.31 11.82
N ILE F 125 3.04 34.38 11.29
CA ILE F 125 3.04 34.62 9.85
C ILE F 125 3.72 35.94 9.52
N ARG F 126 4.59 35.92 8.51
CA ARG F 126 5.07 37.16 7.91
C ARG F 126 4.41 37.34 6.56
N GLN F 127 3.80 38.50 6.33
CA GLN F 127 3.08 38.70 5.08
C GLN F 127 3.03 40.17 4.74
N ARG F 128 2.88 40.46 3.44
CA ARG F 128 2.81 41.85 2.96
C ARG F 128 1.39 42.17 2.49
N PHE F 129 0.98 43.42 2.71
CA PHE F 129 -0.39 43.84 2.44
C PHE F 129 -0.45 45.17 1.72
N SER F 130 -1.48 45.32 0.89
CA SER F 130 -1.88 46.61 0.32
C SER F 130 -2.91 47.28 1.24
N CYS F 131 -2.55 48.39 1.86
CA CYS F 131 -3.49 49.06 2.76
C CYS F 131 -3.11 50.53 2.89
N ASP F 132 -3.92 51.28 3.62
CA ASP F 132 -3.71 52.73 3.76
C ASP F 132 -2.60 53.05 4.75
N VAL F 133 -1.45 53.48 4.22
CA VAL F 133 -0.30 53.81 5.05
C VAL F 133 -0.21 55.34 5.28
N SER F 134 -1.16 56.08 4.73
CA SER F 134 -1.14 57.53 4.88
C SER F 134 -1.31 57.93 6.35
N GLY F 135 -0.55 58.93 6.78
CA GLY F 135 -0.60 59.37 8.16
C GLY F 135 0.37 58.66 9.11
N VAL F 136 1.21 57.78 8.57
CA VAL F 136 2.11 57.00 9.42
C VAL F 136 3.14 57.87 10.13
N ASP F 137 3.51 58.99 9.51
CA ASP F 137 4.43 59.91 10.14
C ASP F 137 3.70 61.09 10.78
N THR F 138 2.57 60.80 11.43
CA THR F 138 1.81 61.80 12.17
C THR F 138 1.48 61.28 13.56
N GLU F 139 1.01 62.15 14.44
CA GLU F 139 0.61 61.73 15.78
C GLU F 139 -0.55 60.73 15.75
N SER F 140 -1.50 60.93 14.84
CA SER F 140 -2.70 60.11 14.81
C SER F 140 -2.43 58.75 14.14
N GLY F 141 -1.37 58.69 13.35
CA GLY F 141 -0.94 57.45 12.74
C GLY F 141 -1.68 57.07 11.48
N ALA F 142 -1.31 55.93 10.92
CA ALA F 142 -2.02 55.34 9.80
C ALA F 142 -2.98 54.30 10.34
N THR F 143 -3.98 53.97 9.55
CA THR F 143 -4.83 52.84 9.88
C THR F 143 -4.86 51.89 8.70
N CYS F 144 -4.21 50.74 8.89
CA CYS F 144 -4.09 49.74 7.86
C CYS F 144 -5.11 48.64 8.16
N ARG F 145 -6.04 48.41 7.24
CA ARG F 145 -7.07 47.39 7.44
C ARG F 145 -6.75 46.13 6.65
N ILE F 146 -6.84 45.01 7.34
CA ILE F 146 -6.60 43.70 6.75
C ILE F 146 -7.88 42.91 6.87
N LYS F 147 -8.39 42.40 5.75
CA LYS F 147 -9.63 41.66 5.74
C LYS F 147 -9.31 40.18 5.58
N ILE F 148 -9.74 39.37 6.55
CA ILE F 148 -9.47 37.93 6.50
C ILE F 148 -10.75 37.13 6.55
N GLY F 149 -10.90 36.19 5.62
CA GLY F 149 -12.06 35.32 5.63
C GLY F 149 -11.78 34.00 4.95
N SER F 150 -12.78 33.12 4.95
CA SER F 150 -12.66 31.87 4.21
C SER F 150 -12.58 32.16 2.72
N TRP F 151 -11.65 31.53 2.02
CA TRP F 151 -11.52 31.78 0.60
C TRP F 151 -12.64 31.14 -0.23
N THR F 152 -13.10 29.95 0.16
CA THR F 152 -14.06 29.23 -0.68
C THR F 152 -15.38 28.91 0.01
N HIS F 153 -15.49 29.19 1.29
CA HIS F 153 -16.75 28.90 1.99
C HIS F 153 -17.50 30.17 2.29
N HIS F 154 -18.74 30.25 1.83
CA HIS F 154 -19.58 31.42 2.10
C HIS F 154 -20.21 31.32 3.49
N SER F 155 -21.00 32.33 3.85
CA SER F 155 -21.43 32.51 5.23
C SER F 155 -22.30 31.37 5.77
N ARG F 156 -22.95 30.63 4.89
CA ARG F 156 -23.80 29.53 5.35
C ARG F 156 -22.94 28.37 5.86
N GLU F 157 -21.69 28.33 5.40
CA GLU F 157 -20.76 27.23 5.67
C GLU F 157 -19.73 27.58 6.75
N ILE F 158 -19.17 28.78 6.65
CA ILE F 158 -18.24 29.27 7.67
C ILE F 158 -18.55 30.70 8.05
N SER F 159 -18.53 30.97 9.35
CA SER F 159 -18.55 32.34 9.81
C SER F 159 -17.21 32.65 10.45
N VAL F 160 -16.58 33.74 10.01
CA VAL F 160 -15.31 34.16 10.60
C VAL F 160 -15.57 35.35 11.52
N ASP F 161 -15.30 35.15 12.81
CA ASP F 161 -15.65 36.13 13.83
C ASP F 161 -14.44 36.57 14.66
N PRO F 162 -14.44 37.82 15.13
CA PRO F 162 -13.34 38.36 15.94
C PRO F 162 -13.40 37.86 17.38
N SER F 167 -7.28 46.42 21.68
CA SER F 167 -5.99 46.22 22.34
C SER F 167 -4.87 47.01 21.64
N ASP F 168 -3.77 47.25 22.34
CA ASP F 168 -2.60 47.83 21.70
C ASP F 168 -1.49 46.78 21.57
N ASP F 169 -1.81 45.54 21.92
CA ASP F 169 -0.89 44.40 21.75
C ASP F 169 0.44 44.61 22.45
N SER F 170 0.43 45.29 23.60
CA SER F 170 1.66 45.62 24.30
C SER F 170 2.40 44.36 24.79
N GLU F 171 1.67 43.28 25.01
CA GLU F 171 2.28 42.01 25.42
C GLU F 171 3.04 41.33 24.29
N TYR F 172 2.71 41.69 23.05
CA TYR F 172 3.19 40.92 21.90
C TYR F 172 4.13 41.71 21.00
N PHE F 173 3.89 43.02 20.90
CA PHE F 173 4.55 43.82 19.89
C PHE F 173 6.00 44.14 20.24
N SER F 174 6.89 43.99 19.26
CA SER F 174 8.32 44.20 19.47
C SER F 174 8.66 45.62 19.93
N GLN F 175 9.37 45.71 21.05
CA GLN F 175 9.88 47.00 21.49
C GLN F 175 10.99 47.53 20.56
N TYR F 176 11.42 46.72 19.60
CA TYR F 176 12.52 47.12 18.72
C TYR F 176 12.05 47.51 17.34
N SER F 177 10.74 47.55 17.13
CA SER F 177 10.20 48.06 15.88
C SER F 177 10.44 49.56 15.74
N ARG F 178 10.59 50.05 14.52
CA ARG F 178 10.67 51.49 14.27
C ARG F 178 9.28 52.12 14.38
N PHE F 179 8.27 51.27 14.60
CA PHE F 179 6.89 51.72 14.68
C PHE F 179 6.28 51.37 16.04
N GLU F 180 5.14 51.98 16.34
CA GLU F 180 4.42 51.64 17.55
C GLU F 180 2.93 51.52 17.27
N ILE F 181 2.27 50.62 17.98
CA ILE F 181 0.85 50.40 17.75
C ILE F 181 0.01 51.26 18.69
N LEU F 182 -0.91 52.02 18.11
CA LEU F 182 -1.81 52.86 18.90
C LEU F 182 -3.06 52.08 19.30
N ASP F 183 -3.58 51.29 18.36
CA ASP F 183 -4.78 50.48 18.63
C ASP F 183 -4.98 49.42 17.55
N VAL F 184 -5.43 48.25 17.99
CA VAL F 184 -5.85 47.20 17.05
C VAL F 184 -7.29 46.83 17.35
N THR F 185 -8.18 47.05 16.39
CA THR F 185 -9.56 46.63 16.56
C THR F 185 -9.92 45.57 15.54
N GLN F 186 -10.80 44.65 15.91
CA GLN F 186 -11.14 43.56 15.01
C GLN F 186 -12.64 43.41 15.01
N LYS F 187 -13.26 43.74 13.87
CA LYS F 187 -14.71 43.79 13.76
C LYS F 187 -15.24 42.79 12.74
N LYS F 188 -16.43 42.26 13.01
CA LYS F 188 -17.10 41.39 12.05
C LYS F 188 -17.40 42.19 10.80
N ASN F 189 -17.23 41.57 9.63
CA ASN F 189 -17.53 42.21 8.37
C ASN F 189 -18.13 41.20 7.40
N SER F 190 -18.89 41.69 6.43
CA SER F 190 -19.53 40.82 5.46
C SER F 190 -19.27 41.34 4.07
N VAL F 191 -19.01 40.43 3.14
CA VAL F 191 -18.62 40.81 1.78
C VAL F 191 -19.49 40.11 0.75
N THR F 192 -20.08 40.91 -0.14
CA THR F 192 -20.85 40.39 -1.26
C THR F 192 -20.41 41.07 -2.54
N TYR F 193 -20.48 40.35 -3.65
CA TYR F 193 -20.18 40.91 -4.96
C TYR F 193 -21.46 40.89 -5.81
N SER F 194 -21.58 41.89 -6.68
CA SER F 194 -22.80 42.09 -7.47
C SER F 194 -23.14 40.92 -8.38
N CYS F 195 -22.12 40.19 -8.81
CA CYS F 195 -22.31 39.08 -9.73
C CYS F 195 -23.09 37.93 -9.11
N CYS F 196 -22.96 37.76 -7.79
CA CYS F 196 -23.32 36.49 -7.16
C CYS F 196 -24.05 36.64 -5.82
N PRO F 197 -24.89 35.67 -5.47
CA PRO F 197 -25.72 35.73 -4.26
C PRO F 197 -24.94 35.52 -2.96
N GLU F 198 -23.88 34.74 -3.00
CA GLU F 198 -23.15 34.35 -1.80
C GLU F 198 -22.52 35.55 -1.07
N ALA F 199 -22.58 35.52 0.25
CA ALA F 199 -21.86 36.48 1.08
C ALA F 199 -20.71 35.77 1.79
N TYR F 200 -19.58 36.45 1.90
CA TYR F 200 -18.45 35.90 2.65
C TYR F 200 -18.25 36.68 3.93
N GLU F 201 -18.18 35.96 5.04
CA GLU F 201 -17.92 36.63 6.30
C GLU F 201 -16.44 36.88 6.40
N ASP F 202 -16.05 37.88 7.17
CA ASP F 202 -14.65 38.06 7.41
C ASP F 202 -14.45 38.89 8.65
N VAL F 203 -13.22 38.90 9.15
CA VAL F 203 -12.87 39.80 10.21
C VAL F 203 -12.12 40.94 9.56
N GLU F 204 -12.47 42.17 9.90
CA GLU F 204 -11.68 43.30 9.44
C GLU F 204 -10.81 43.74 10.61
N VAL F 205 -9.50 43.68 10.39
CA VAL F 205 -8.52 44.02 11.41
C VAL F 205 -7.99 45.41 11.10
N SER F 206 -8.24 46.35 11.99
CA SER F 206 -7.77 47.73 11.79
C SER F 206 -6.54 47.96 12.66
N LEU F 207 -5.40 48.09 12.00
CA LEU F 207 -4.13 48.35 12.65
C LEU F 207 -3.81 49.83 12.60
N ASN F 208 -3.99 50.51 13.73
CA ASN F 208 -3.65 51.93 13.86
C ASN F 208 -2.25 52.05 14.45
N PHE F 209 -1.32 52.60 13.68
CA PHE F 209 0.09 52.59 14.07
C PHE F 209 0.79 53.84 13.54
N ARG F 210 1.97 54.12 14.09
CA ARG F 210 2.72 55.28 13.65
C ARG F 210 4.22 55.09 13.85
N LYS F 211 5.01 55.91 13.17
CA LYS F 211 6.45 55.90 13.38
C LYS F 211 6.75 56.27 14.82
N LYS F 212 7.69 55.56 15.43
CA LYS F 212 7.99 55.76 16.84
C LYS F 212 9.07 56.81 17.04
N GLY F 213 8.94 57.62 18.07
CA GLY F 213 9.94 58.62 18.41
C GLY F 213 10.11 59.69 17.36
N ARG F 214 9.00 60.08 16.76
CA ARG F 214 9.02 61.05 15.67
C ARG F 214 9.46 62.43 16.15
N SER F 215 10.35 63.06 15.40
CA SER F 215 10.66 64.47 15.64
C SER F 215 9.62 65.34 14.96
N GLU F 216 9.08 66.31 15.68
CA GLU F 216 7.98 67.14 15.19
C GLU F 216 8.34 68.61 15.04
N ILE F 217 7.55 69.31 14.23
CA ILE F 217 7.55 70.78 14.24
C ILE F 217 6.43 71.22 15.18
N LEU F 218 6.78 71.97 16.22
CA LEU F 218 5.81 72.45 17.20
C LEU F 218 5.51 73.94 16.98
N LYS G 3 -30.57 24.34 2.50
CA LYS G 3 -30.90 23.92 3.86
C LYS G 3 -30.12 22.65 4.24
N ASP G 4 -29.59 21.95 3.24
CA ASP G 4 -28.82 20.73 3.48
C ASP G 4 -27.33 20.94 3.32
N ASP G 5 -26.91 22.19 3.12
CA ASP G 5 -25.50 22.50 2.92
C ASP G 5 -24.61 22.03 4.08
N ASP G 6 -25.08 22.20 5.31
CA ASP G 6 -24.22 21.94 6.46
C ASP G 6 -24.37 20.52 6.99
N ASP G 7 -24.98 19.65 6.19
CA ASP G 7 -25.03 18.23 6.52
C ASP G 7 -23.65 17.63 6.29
N LYS G 8 -22.89 17.41 7.36
CA LYS G 8 -21.48 17.03 7.22
C LYS G 8 -21.30 15.69 6.49
N LEU G 9 -22.10 14.69 6.87
CA LEU G 9 -21.95 13.39 6.25
C LEU G 9 -22.24 13.45 4.76
N ASP G 10 -23.24 14.26 4.40
CA ASP G 10 -23.55 14.46 2.99
C ASP G 10 -22.34 15.03 2.26
N ARG G 11 -21.68 16.01 2.88
CA ARG G 11 -20.51 16.63 2.27
C ARG G 11 -19.37 15.62 2.09
N ALA G 12 -19.09 14.83 3.12
CA ALA G 12 -18.06 13.80 3.05
C ALA G 12 -18.36 12.79 1.93
N ASP G 13 -19.63 12.42 1.78
CA ASP G 13 -20.02 11.47 0.74
C ASP G 13 -19.87 12.05 -0.65
N ILE G 14 -20.17 13.34 -0.80
CA ILE G 14 -19.98 14.02 -2.06
C ILE G 14 -18.49 14.04 -2.44
N LEU G 15 -17.63 14.37 -1.46
CA LEU G 15 -16.20 14.38 -1.74
C LEU G 15 -15.70 12.98 -2.13
N TYR G 16 -16.20 11.95 -1.45
CA TYR G 16 -15.90 10.58 -1.82
C TYR G 16 -16.34 10.26 -3.24
N ASN G 17 -17.56 10.66 -3.60
CA ASN G 17 -18.07 10.43 -4.95
C ASN G 17 -17.24 11.13 -6.01
N ILE G 18 -16.84 12.36 -5.72
CA ILE G 18 -16.02 13.12 -6.64
C ILE G 18 -14.67 12.42 -6.83
N ARG G 19 -14.08 11.96 -5.74
CA ARG G 19 -12.77 11.32 -5.85
C ARG G 19 -12.85 9.93 -6.48
N GLN G 20 -14.01 9.30 -6.45
CA GLN G 20 -14.19 8.03 -7.16
C GLN G 20 -14.30 8.25 -8.67
N THR G 21 -14.89 9.36 -9.06
CA THR G 21 -15.20 9.62 -10.47
C THR G 21 -14.16 10.49 -11.16
N SER G 22 -13.51 11.34 -10.40
CA SER G 22 -12.57 12.28 -10.99
C SER G 22 -11.34 11.60 -11.62
N ARG G 23 -11.00 12.06 -12.82
CA ARG G 23 -9.75 11.67 -13.47
C ARG G 23 -8.91 12.91 -13.65
N PRO G 24 -8.01 13.20 -12.68
CA PRO G 24 -7.30 14.48 -12.64
C PRO G 24 -6.38 14.74 -13.82
N ASP G 25 -5.99 13.69 -14.54
CA ASP G 25 -5.05 13.87 -15.63
C ASP G 25 -5.66 13.73 -17.01
N VAL G 26 -6.98 13.50 -17.07
CA VAL G 26 -7.68 13.38 -18.37
C VAL G 26 -8.63 14.55 -18.61
N ILE G 27 -8.55 15.19 -19.78
CA ILE G 27 -9.46 16.31 -20.03
C ILE G 27 -10.90 15.82 -20.04
N PRO G 28 -11.79 16.57 -19.37
CA PRO G 28 -13.19 16.15 -19.24
C PRO G 28 -14.02 16.49 -20.47
N THR G 29 -13.66 15.92 -21.60
CA THR G 29 -14.39 16.20 -22.84
C THR G 29 -15.73 15.47 -22.81
N GLN G 30 -16.80 16.22 -23.10
CA GLN G 30 -18.15 15.67 -23.10
C GLN G 30 -18.67 15.63 -24.53
N ARG G 31 -19.35 14.54 -24.88
CA ARG G 31 -19.64 14.26 -26.28
C ARG G 31 -18.30 14.18 -27.01
N ASP G 32 -18.26 14.72 -28.22
CA ASP G 32 -17.00 14.91 -28.93
C ASP G 32 -16.79 16.40 -29.11
N ARG G 33 -16.78 17.12 -27.99
CA ARG G 33 -16.55 18.56 -28.01
C ARG G 33 -15.38 18.95 -27.10
N PRO G 34 -14.70 20.03 -27.46
CA PRO G 34 -13.62 20.55 -26.59
C PRO G 34 -14.15 20.93 -25.20
N VAL G 35 -13.27 20.88 -24.21
CA VAL G 35 -13.61 21.43 -22.91
C VAL G 35 -13.67 22.94 -23.00
N ALA G 36 -14.82 23.52 -22.68
CA ALA G 36 -14.98 24.97 -22.73
C ALA G 36 -14.54 25.57 -21.40
N VAL G 37 -13.43 26.28 -21.43
CA VAL G 37 -12.88 26.89 -20.22
C VAL G 37 -13.07 28.40 -20.27
N SER G 38 -13.73 28.92 -19.24
CA SER G 38 -13.90 30.36 -19.10
C SER G 38 -12.86 30.92 -18.16
N VAL G 39 -12.21 32.00 -18.57
CA VAL G 39 -11.25 32.65 -17.70
C VAL G 39 -11.52 34.14 -17.68
N SER G 40 -11.51 34.70 -16.49
CA SER G 40 -11.61 36.15 -16.31
C SER G 40 -10.61 36.59 -15.24
N LEU G 41 -9.74 37.53 -15.59
CA LEU G 41 -8.78 38.06 -14.63
C LEU G 41 -9.38 39.29 -13.95
N LYS G 42 -9.52 39.22 -12.64
CA LYS G 42 -9.92 40.37 -11.85
C LYS G 42 -8.70 40.98 -11.20
N PHE G 43 -8.25 42.14 -11.68
CA PHE G 43 -7.04 42.72 -11.11
C PHE G 43 -7.30 43.35 -9.75
N ILE G 44 -6.39 43.11 -8.82
CA ILE G 44 -6.51 43.56 -7.44
C ILE G 44 -5.46 44.60 -7.07
N ASN G 45 -4.22 44.35 -7.48
CA ASN G 45 -3.13 45.28 -7.17
C ASN G 45 -2.16 45.33 -8.35
N ILE G 46 -1.62 46.51 -8.61
CA ILE G 46 -0.47 46.62 -9.50
C ILE G 46 0.67 47.08 -8.60
N LEU G 47 1.63 46.19 -8.39
CA LEU G 47 2.65 46.35 -7.36
C LEU G 47 3.87 47.13 -7.81
N GLU G 48 4.25 46.91 -9.06
CA GLU G 48 5.45 47.52 -9.61
C GLU G 48 5.31 47.66 -11.11
N VAL G 49 5.79 48.79 -11.62
CA VAL G 49 5.84 49.00 -13.05
C VAL G 49 7.24 49.50 -13.36
N ASN G 50 8.00 48.70 -14.10
CA ASN G 50 9.36 49.11 -14.43
C ASN G 50 9.40 49.65 -15.86
N GLU G 51 9.53 50.97 -15.97
CA GLU G 51 9.53 51.63 -17.27
C GLU G 51 10.84 51.39 -18.03
N ILE G 52 11.90 51.04 -17.29
CA ILE G 52 13.16 50.74 -17.93
C ILE G 52 13.08 49.40 -18.68
N THR G 53 12.51 48.40 -18.03
CA THR G 53 12.53 47.03 -18.54
C THR G 53 11.22 46.55 -19.16
N ASN G 54 10.18 47.38 -19.13
CA ASN G 54 8.88 46.99 -19.65
C ASN G 54 8.36 45.76 -18.90
N GLU G 55 8.30 45.87 -17.58
CA GLU G 55 7.80 44.76 -16.76
C GLU G 55 6.75 45.27 -15.79
N VAL G 56 5.77 44.43 -15.47
CA VAL G 56 4.82 44.75 -14.41
C VAL G 56 4.71 43.56 -13.47
N ASP G 57 4.48 43.86 -12.20
CA ASP G 57 4.26 42.86 -11.15
C ASP G 57 2.85 43.11 -10.65
N VAL G 58 1.97 42.13 -10.79
CA VAL G 58 0.56 42.36 -10.49
C VAL G 58 -0.04 41.23 -9.66
N VAL G 59 -1.16 41.53 -9.00
CA VAL G 59 -1.96 40.51 -8.31
C VAL G 59 -3.35 40.48 -8.92
N PHE G 60 -3.82 39.29 -9.30
CA PHE G 60 -5.14 39.18 -9.88
C PHE G 60 -5.83 37.92 -9.39
N TRP G 61 -7.16 37.97 -9.34
CA TRP G 61 -7.94 36.76 -9.07
C TRP G 61 -8.26 36.12 -10.40
N GLN G 62 -7.83 34.87 -10.58
CA GLN G 62 -8.00 34.21 -11.85
C GLN G 62 -9.24 33.37 -11.84
N GLN G 63 -10.37 33.96 -12.22
CA GLN G 63 -11.64 33.26 -12.20
C GLN G 63 -11.68 32.26 -13.34
N THR G 64 -11.66 30.98 -13.00
CA THR G 64 -11.58 29.91 -14.00
C THR G 64 -12.73 28.95 -13.82
N THR G 65 -13.51 28.72 -14.88
CA THR G 65 -14.64 27.79 -14.74
C THR G 65 -14.73 26.85 -15.93
N TRP G 66 -15.22 25.64 -15.64
CA TRP G 66 -15.50 24.65 -16.67
C TRP G 66 -16.47 23.66 -16.09
N SER G 67 -16.91 22.72 -16.92
CA SER G 67 -17.88 21.70 -16.54
C SER G 67 -17.26 20.31 -16.62
N ASP G 68 -17.57 19.46 -15.65
CA ASP G 68 -17.36 18.03 -15.77
C ASP G 68 -18.62 17.35 -15.26
N ARG G 69 -19.50 17.01 -16.19
CA ARG G 69 -20.82 16.48 -15.85
C ARG G 69 -20.76 15.14 -15.12
N THR G 70 -19.66 14.41 -15.25
CA THR G 70 -19.52 13.14 -14.56
C THR G 70 -19.40 13.34 -13.04
N LEU G 71 -19.12 14.58 -12.63
CA LEU G 71 -18.98 14.90 -11.21
C LEU G 71 -20.31 15.30 -10.58
N ALA G 72 -21.34 15.43 -11.41
CA ALA G 72 -22.64 15.95 -10.96
C ALA G 72 -23.33 14.97 -10.01
N TRP G 73 -24.23 15.50 -9.19
CA TRP G 73 -25.05 14.67 -8.33
C TRP G 73 -26.44 15.29 -8.10
N ASN G 74 -27.36 14.46 -7.61
CA ASN G 74 -28.70 14.91 -7.28
C ASN G 74 -28.67 15.62 -5.92
N SER G 75 -28.93 16.93 -5.95
CA SER G 75 -28.87 17.73 -4.73
C SER G 75 -30.25 18.14 -4.22
N SER G 76 -31.23 17.29 -4.48
CA SER G 76 -32.59 17.52 -3.99
C SER G 76 -32.59 17.68 -2.48
N HIS G 77 -31.86 16.81 -1.80
CA HIS G 77 -31.80 16.78 -0.35
C HIS G 77 -30.37 16.61 0.12
N SER G 78 -29.45 17.26 -0.58
CA SER G 78 -28.05 17.29 -0.19
C SER G 78 -27.42 18.62 -0.58
N PRO G 79 -26.17 18.86 -0.15
CA PRO G 79 -25.47 20.11 -0.42
C PRO G 79 -25.38 20.44 -1.92
N ASP G 80 -25.51 21.73 -2.25
CA ASP G 80 -25.48 22.21 -3.63
C ASP G 80 -24.05 22.33 -4.18
N GLN G 81 -23.09 22.41 -3.28
CA GLN G 81 -21.70 22.69 -3.62
C GLN G 81 -20.79 22.24 -2.51
N VAL G 82 -19.57 21.85 -2.86
CA VAL G 82 -18.54 21.58 -1.86
C VAL G 82 -17.20 22.16 -2.31
N SER G 83 -16.31 22.40 -1.36
CA SER G 83 -14.94 22.77 -1.67
C SER G 83 -14.06 21.52 -1.81
N VAL G 84 -13.20 21.50 -2.82
CA VAL G 84 -12.41 20.32 -3.17
C VAL G 84 -10.96 20.71 -3.43
N PRO G 85 -9.99 19.98 -2.84
CA PRO G 85 -8.59 20.27 -3.14
C PRO G 85 -8.32 20.08 -4.64
N ILE G 86 -7.62 21.02 -5.29
CA ILE G 86 -7.47 20.91 -6.74
C ILE G 86 -6.65 19.67 -7.13
N SER G 87 -5.87 19.14 -6.20
CA SER G 87 -5.15 17.90 -6.46
C SER G 87 -6.10 16.72 -6.74
N SER G 88 -7.37 16.85 -6.34
CA SER G 88 -8.37 15.82 -6.62
C SER G 88 -9.09 15.97 -7.96
N LEU G 89 -8.80 17.07 -8.67
CA LEU G 89 -9.53 17.45 -9.88
C LEU G 89 -8.65 17.64 -11.10
N TRP G 90 -9.20 17.40 -12.29
CA TRP G 90 -8.56 17.94 -13.49
C TRP G 90 -8.67 19.46 -13.45
N VAL G 91 -7.58 20.14 -13.77
CA VAL G 91 -7.60 21.60 -13.90
C VAL G 91 -6.94 21.96 -15.22
N PRO G 92 -7.42 23.04 -15.87
CA PRO G 92 -6.83 23.36 -17.17
C PRO G 92 -5.37 23.80 -17.02
N ASP G 93 -4.53 23.39 -17.96
CA ASP G 93 -3.10 23.70 -17.94
C ASP G 93 -2.83 25.06 -18.53
N LEU G 94 -3.40 26.09 -17.92
CA LEU G 94 -3.26 27.44 -18.46
C LEU G 94 -1.88 28.01 -18.21
N ALA G 95 -1.43 28.83 -19.15
CA ALA G 95 -0.18 29.56 -18.98
C ALA G 95 -0.29 30.92 -19.63
N ALA G 96 0.43 31.89 -19.08
CA ALA G 96 0.51 33.21 -19.67
C ALA G 96 1.80 33.29 -20.47
N TYR G 97 1.66 33.51 -21.76
CA TYR G 97 2.80 33.48 -22.67
C TYR G 97 3.88 34.52 -22.35
N ASN G 98 3.49 35.65 -21.78
CA ASN G 98 4.46 36.70 -21.51
C ASN G 98 4.77 36.87 -20.02
N ALA G 99 4.47 35.83 -19.24
CA ALA G 99 4.85 35.79 -17.83
C ALA G 99 6.36 35.60 -17.75
N ILE G 100 7.01 36.31 -16.84
CA ILE G 100 8.44 36.13 -16.67
C ILE G 100 8.78 35.69 -15.24
N SER G 101 7.76 35.30 -14.48
CA SER G 101 7.96 34.61 -13.21
C SER G 101 6.90 33.53 -13.11
N LYS G 102 7.12 32.56 -12.23
CA LYS G 102 6.12 31.54 -12.00
C LYS G 102 4.90 32.17 -11.34
N PRO G 103 3.71 31.66 -11.64
CA PRO G 103 2.55 32.18 -10.91
C PRO G 103 2.68 31.82 -9.43
N GLU G 104 2.59 32.83 -8.57
CA GLU G 104 2.65 32.64 -7.12
C GLU G 104 1.23 32.60 -6.58
N VAL G 105 0.75 31.43 -6.15
CA VAL G 105 -0.63 31.34 -5.68
C VAL G 105 -0.70 31.75 -4.22
N LEU G 106 -1.48 32.78 -3.94
CA LEU G 106 -1.54 33.36 -2.59
C LEU G 106 -2.63 32.78 -1.70
N THR G 107 -3.50 31.94 -2.27
CA THR G 107 -4.72 31.53 -1.58
C THR G 107 -4.78 30.00 -1.45
N PRO G 108 -5.66 29.51 -0.58
CA PRO G 108 -5.80 28.06 -0.41
C PRO G 108 -6.16 27.39 -1.74
N GLN G 109 -5.52 26.26 -2.06
CA GLN G 109 -5.69 25.69 -3.39
C GLN G 109 -6.88 24.74 -3.42
N LEU G 110 -8.06 25.34 -3.28
CA LEU G 110 -9.35 24.66 -3.25
C LEU G 110 -10.23 25.19 -4.38
N ALA G 111 -10.96 24.29 -5.03
CA ALA G 111 -11.99 24.70 -5.98
C ALA G 111 -13.37 24.43 -5.41
N ARG G 112 -14.39 25.04 -6.00
CA ARG G 112 -15.78 24.67 -5.70
C ARG G 112 -16.29 23.74 -6.80
N VAL G 113 -16.97 22.67 -6.39
CA VAL G 113 -17.66 21.82 -7.34
C VAL G 113 -19.14 21.93 -7.04
N VAL G 114 -19.91 22.30 -8.06
CA VAL G 114 -21.36 22.47 -7.95
C VAL G 114 -22.07 21.20 -8.41
N SER G 115 -23.28 20.96 -7.90
CA SER G 115 -23.93 19.66 -8.11
C SER G 115 -24.29 19.42 -9.58
N ASP G 116 -24.25 20.46 -10.40
CA ASP G 116 -24.50 20.25 -11.83
C ASP G 116 -23.22 19.94 -12.58
N GLY G 117 -22.10 19.87 -11.86
CA GLY G 117 -20.84 19.51 -12.49
C GLY G 117 -19.96 20.71 -12.83
N GLU G 118 -20.42 21.91 -12.51
CA GLU G 118 -19.59 23.08 -12.75
C GLU G 118 -18.45 23.12 -11.74
N VAL G 119 -17.27 23.50 -12.20
CA VAL G 119 -16.12 23.67 -11.33
C VAL G 119 -15.65 25.10 -11.39
N LEU G 120 -15.36 25.68 -10.24
CA LEU G 120 -14.88 27.05 -10.14
C LEU G 120 -13.59 27.06 -9.34
N TYR G 121 -12.52 27.49 -9.98
CA TYR G 121 -11.23 27.64 -9.30
C TYR G 121 -10.80 29.09 -9.47
N MET G 122 -10.59 29.80 -8.36
CA MET G 122 -10.19 31.21 -8.43
C MET G 122 -9.04 31.54 -7.50
N PRO G 123 -7.83 31.19 -7.90
CA PRO G 123 -6.69 31.58 -7.05
C PRO G 123 -6.39 33.06 -7.17
N SER G 124 -5.86 33.64 -6.10
CA SER G 124 -5.20 34.94 -6.20
C SER G 124 -3.76 34.66 -6.58
N ILE G 125 -3.32 35.27 -7.67
CA ILE G 125 -2.01 35.00 -8.24
C ILE G 125 -1.20 36.28 -8.27
N ARG G 126 0.05 36.20 -7.82
CA ARG G 126 0.98 37.31 -8.04
C ARG G 126 1.95 36.85 -9.10
N GLN G 127 2.12 37.66 -10.14
CA GLN G 127 2.94 37.23 -11.25
C GLN G 127 3.54 38.43 -11.98
N ARG G 128 4.70 38.24 -12.57
CA ARG G 128 5.36 39.31 -13.32
C ARG G 128 5.22 39.08 -14.82
N PHE G 129 5.05 40.17 -15.57
CA PHE G 129 4.87 40.08 -17.01
C PHE G 129 5.75 41.05 -17.77
N SER G 130 6.15 40.63 -18.96
CA SER G 130 6.78 41.49 -19.95
C SER G 130 5.69 42.09 -20.83
N CYS G 131 5.53 43.41 -20.78
CA CYS G 131 4.52 44.04 -21.61
C CYS G 131 4.81 45.52 -21.79
N ASP G 132 4.03 46.17 -22.64
CA ASP G 132 4.28 47.57 -23.00
C ASP G 132 3.75 48.49 -21.91
N VAL G 133 4.65 49.08 -21.11
CA VAL G 133 4.24 49.96 -20.02
C VAL G 133 4.36 51.45 -20.41
N SER G 134 4.68 51.70 -21.67
CA SER G 134 4.78 53.08 -22.13
C SER G 134 3.43 53.78 -21.99
N GLY G 135 3.45 55.04 -21.57
CA GLY G 135 2.21 55.79 -21.40
C GLY G 135 1.57 55.68 -20.03
N VAL G 136 2.21 54.94 -19.13
CA VAL G 136 1.63 54.74 -17.80
C VAL G 136 1.48 56.06 -17.04
N ASP G 137 2.32 57.03 -17.36
CA ASP G 137 2.25 58.32 -16.67
C ASP G 137 1.48 59.37 -17.49
N THR G 138 0.60 58.93 -18.37
CA THR G 138 -0.20 59.86 -19.17
C THR G 138 -1.69 59.63 -18.96
N GLU G 139 -2.51 60.55 -19.46
CA GLU G 139 -3.94 60.47 -19.24
C GLU G 139 -4.55 59.23 -19.88
N SER G 140 -4.02 58.81 -21.03
CA SER G 140 -4.57 57.66 -21.72
C SER G 140 -4.00 56.35 -21.17
N GLY G 141 -2.93 56.45 -20.40
CA GLY G 141 -2.39 55.30 -19.69
C GLY G 141 -1.58 54.33 -20.52
N ALA G 142 -1.15 53.24 -19.89
CA ALA G 142 -0.48 52.16 -20.58
C ALA G 142 -1.49 51.06 -20.86
N THR G 143 -1.21 50.23 -21.86
CA THR G 143 -2.00 49.04 -22.11
C THR G 143 -1.07 47.85 -22.13
N CYS G 144 -1.17 47.05 -21.08
CA CYS G 144 -0.37 45.84 -20.92
C CYS G 144 -1.23 44.66 -21.32
N ARG G 145 -0.81 43.93 -22.35
CA ARG G 145 -1.58 42.78 -22.81
C ARG G 145 -0.98 41.47 -22.33
N ILE G 146 -1.82 40.57 -21.83
CA ILE G 146 -1.39 39.28 -21.33
C ILE G 146 -2.11 38.21 -22.12
N LYS G 147 -1.36 37.27 -22.69
CA LYS G 147 -1.94 36.21 -23.50
C LYS G 147 -1.97 34.93 -22.70
N ILE G 148 -3.15 34.36 -22.52
CA ILE G 148 -3.32 33.16 -21.70
C ILE G 148 -4.02 32.06 -22.47
N GLY G 149 -3.47 30.85 -22.40
CA GLY G 149 -4.15 29.72 -23.03
C GLY G 149 -3.63 28.41 -22.48
N SER G 150 -4.19 27.30 -22.96
CA SER G 150 -3.69 25.99 -22.58
C SER G 150 -2.30 25.76 -23.16
N TRP G 151 -1.37 25.32 -22.32
CA TRP G 151 -0.02 25.13 -22.79
C TRP G 151 0.12 23.91 -23.72
N THR G 152 -0.68 22.87 -23.52
CA THR G 152 -0.45 21.65 -24.29
C THR G 152 -1.67 21.12 -25.04
N HIS G 153 -2.83 21.77 -24.87
CA HIS G 153 -4.06 21.31 -25.53
C HIS G 153 -4.50 22.24 -26.66
N HIS G 154 -4.66 21.69 -27.86
CA HIS G 154 -5.13 22.46 -29.02
C HIS G 154 -6.62 22.76 -28.94
N SER G 155 -7.12 23.53 -29.90
CA SER G 155 -8.51 24.00 -29.84
C SER G 155 -9.55 22.88 -29.88
N ARG G 156 -9.22 21.74 -30.50
CA ARG G 156 -10.16 20.62 -30.56
C ARG G 156 -10.32 19.97 -29.18
N GLU G 157 -9.38 20.26 -28.27
CA GLU G 157 -9.36 19.67 -26.93
C GLU G 157 -9.82 20.62 -25.84
N ILE G 158 -9.29 21.84 -25.88
CA ILE G 158 -9.67 22.89 -24.94
C ILE G 158 -9.91 24.19 -25.70
N SER G 159 -11.03 24.82 -25.43
CA SER G 159 -11.26 26.18 -25.90
C SER G 159 -11.26 27.10 -24.70
N VAL G 160 -10.48 28.18 -24.77
CA VAL G 160 -10.40 29.09 -23.65
C VAL G 160 -11.12 30.37 -24.02
N ASP G 161 -12.18 30.70 -23.27
CA ASP G 161 -13.10 31.77 -23.63
C ASP G 161 -13.18 32.86 -22.57
N PRO G 162 -13.38 34.11 -23.01
CA PRO G 162 -13.63 35.23 -22.09
C PRO G 162 -15.05 35.20 -21.53
N THR G 163 -15.22 35.67 -20.30
CA THR G 163 -16.55 35.78 -19.71
C THR G 163 -17.07 37.20 -19.89
N THR G 164 -16.41 38.14 -19.21
CA THR G 164 -16.71 39.56 -19.36
C THR G 164 -15.78 40.19 -20.39
N GLU G 165 -16.37 40.96 -21.31
CA GLU G 165 -15.60 41.58 -22.38
C GLU G 165 -14.93 42.86 -21.90
N ASN G 166 -15.67 43.67 -21.15
CA ASN G 166 -15.21 44.99 -20.72
C ASN G 166 -15.55 45.30 -19.26
N SER G 167 -14.62 45.91 -18.54
CA SER G 167 -14.82 46.28 -17.14
C SER G 167 -13.66 47.11 -16.62
N ASP G 168 -13.92 47.96 -15.62
CA ASP G 168 -12.86 48.74 -14.99
C ASP G 168 -12.47 48.13 -13.63
N ASP G 169 -12.99 46.95 -13.35
CA ASP G 169 -12.68 46.18 -12.13
C ASP G 169 -12.87 46.97 -10.83
N SER G 170 -13.88 47.84 -10.80
CA SER G 170 -14.08 48.74 -9.66
C SER G 170 -14.37 47.99 -8.36
N GLU G 171 -15.02 46.83 -8.46
CA GLU G 171 -15.34 46.02 -7.29
C GLU G 171 -14.12 45.30 -6.72
N TYR G 172 -13.04 45.24 -7.49
CA TYR G 172 -11.91 44.37 -7.14
C TYR G 172 -10.60 45.10 -6.88
N PHE G 173 -10.30 46.10 -7.71
CA PHE G 173 -9.00 46.75 -7.66
C PHE G 173 -8.84 47.58 -6.38
N SER G 174 -7.66 47.49 -5.77
CA SER G 174 -7.39 48.21 -4.54
C SER G 174 -7.49 49.72 -4.73
N GLN G 175 -8.23 50.38 -3.84
CA GLN G 175 -8.30 51.84 -3.85
C GLN G 175 -6.97 52.47 -3.41
N TYR G 176 -6.09 51.66 -2.82
CA TYR G 176 -4.85 52.20 -2.24
C TYR G 176 -3.65 52.03 -3.17
N SER G 177 -3.86 51.35 -4.30
CA SER G 177 -2.81 51.21 -5.30
C SER G 177 -2.32 52.59 -5.76
N ARG G 178 -1.08 52.66 -6.19
CA ARG G 178 -0.53 53.88 -6.80
C ARG G 178 -1.16 54.12 -8.17
N PHE G 179 -1.79 53.08 -8.69
CA PHE G 179 -2.34 53.10 -10.04
C PHE G 179 -3.86 53.02 -10.00
N GLU G 180 -4.48 53.31 -11.14
CA GLU G 180 -5.92 53.15 -11.29
C GLU G 180 -6.19 52.51 -12.63
N ILE G 181 -7.22 51.69 -12.69
CA ILE G 181 -7.55 50.98 -13.92
C ILE G 181 -8.58 51.76 -14.75
N LEU G 182 -8.29 51.93 -16.03
CA LEU G 182 -9.19 52.60 -16.95
C LEU G 182 -10.13 51.60 -17.63
N ASP G 183 -9.57 50.48 -18.07
CA ASP G 183 -10.39 49.46 -18.72
C ASP G 183 -9.65 48.13 -18.77
N VAL G 184 -10.39 47.05 -18.60
CA VAL G 184 -9.86 45.71 -18.77
C VAL G 184 -10.72 44.97 -19.78
N THR G 185 -10.14 44.67 -20.93
CA THR G 185 -10.85 43.96 -21.99
C THR G 185 -10.24 42.58 -22.20
N GLN G 186 -11.07 41.64 -22.63
CA GLN G 186 -10.62 40.27 -22.84
C GLN G 186 -11.21 39.74 -24.14
N LYS G 187 -10.34 39.41 -25.09
CA LYS G 187 -10.77 39.01 -26.43
C LYS G 187 -10.28 37.62 -26.81
N LYS G 188 -11.14 36.83 -27.44
CA LYS G 188 -10.75 35.53 -27.94
C LYS G 188 -9.67 35.69 -29.01
N ASN G 189 -8.68 34.81 -28.97
CA ASN G 189 -7.55 34.85 -29.89
C ASN G 189 -7.16 33.43 -30.29
N SER G 190 -7.18 33.13 -31.59
CA SER G 190 -6.79 31.82 -32.07
C SER G 190 -5.41 31.88 -32.70
N VAL G 191 -4.52 30.99 -32.30
CA VAL G 191 -3.14 31.03 -32.81
C VAL G 191 -2.73 29.71 -33.44
N THR G 192 -2.26 29.78 -34.68
CA THR G 192 -1.74 28.62 -35.38
C THR G 192 -0.26 28.84 -35.68
N TYR G 193 0.56 27.83 -35.42
CA TYR G 193 1.99 27.93 -35.72
C TYR G 193 2.26 27.39 -37.10
N SER G 194 3.16 28.04 -37.83
CA SER G 194 3.31 27.77 -39.27
C SER G 194 3.63 26.31 -39.59
N CYS G 195 4.24 25.61 -38.64
CA CYS G 195 4.68 24.24 -38.85
C CYS G 195 3.52 23.23 -38.94
N CYS G 196 2.46 23.48 -38.19
CA CYS G 196 1.46 22.44 -37.93
C CYS G 196 0.02 22.95 -38.05
N PRO G 197 -0.92 22.03 -38.34
CA PRO G 197 -2.29 22.37 -38.72
C PRO G 197 -3.19 22.83 -37.57
N GLU G 198 -2.86 22.45 -36.34
CA GLU G 198 -3.76 22.69 -35.21
C GLU G 198 -3.56 24.07 -34.57
N ALA G 199 -4.64 24.64 -34.05
CA ALA G 199 -4.60 25.96 -33.44
C ALA G 199 -4.72 25.89 -31.92
N TYR G 200 -4.36 26.98 -31.27
CA TYR G 200 -4.63 27.15 -29.84
C TYR G 200 -5.63 28.27 -29.64
N GLU G 201 -6.58 28.04 -28.74
CA GLU G 201 -7.62 29.02 -28.43
C GLU G 201 -7.25 29.80 -27.18
N ASP G 202 -6.72 31.00 -27.35
CA ASP G 202 -6.24 31.78 -26.21
C ASP G 202 -7.13 33.00 -25.92
N VAL G 203 -6.89 33.63 -24.78
CA VAL G 203 -7.55 34.90 -24.48
C VAL G 203 -6.49 35.99 -24.34
N GLU G 204 -6.74 37.13 -24.97
CA GLU G 204 -5.88 38.30 -24.83
C GLU G 204 -6.50 39.25 -23.84
N VAL G 205 -5.84 39.43 -22.70
CA VAL G 205 -6.32 40.33 -21.66
C VAL G 205 -5.58 41.66 -21.80
N SER G 206 -6.34 42.73 -22.00
CA SER G 206 -5.74 44.06 -22.18
C SER G 206 -6.01 44.90 -20.94
N LEU G 207 -4.95 45.22 -20.22
CA LEU G 207 -5.05 45.97 -18.99
C LEU G 207 -4.64 47.42 -19.24
N ASN G 208 -5.61 48.30 -19.31
CA ASN G 208 -5.38 49.74 -19.54
C ASN G 208 -5.38 50.49 -18.20
N PHE G 209 -4.22 50.98 -17.78
CA PHE G 209 -4.07 51.54 -16.45
C PHE G 209 -3.14 52.76 -16.46
N ARG G 210 -3.18 53.53 -15.39
CA ARG G 210 -2.30 54.69 -15.30
C ARG G 210 -1.93 55.00 -13.87
N LYS G 211 -0.81 55.69 -13.70
CA LYS G 211 -0.40 56.17 -12.39
C LYS G 211 -1.34 57.28 -11.92
N LYS G 212 -1.71 57.26 -10.65
CA LYS G 212 -2.41 58.40 -10.05
C LYS G 212 -1.46 59.57 -9.88
N GLY G 213 -2.00 60.79 -9.88
CA GLY G 213 -1.20 61.97 -9.64
C GLY G 213 -0.06 62.11 -10.62
N ARG G 214 -0.40 62.13 -11.91
CA ARG G 214 0.59 62.16 -12.97
C ARG G 214 1.25 63.52 -13.05
N SER G 215 0.55 64.55 -12.61
CA SER G 215 1.09 65.91 -12.64
C SER G 215 1.82 66.20 -11.34
N GLU G 216 3.14 66.33 -11.42
CA GLU G 216 3.98 66.49 -10.25
C GLU G 216 4.67 67.86 -10.24
N ILE G 217 5.15 68.23 -9.06
CA ILE G 217 6.09 69.35 -8.90
C ILE G 217 7.50 68.77 -8.87
N LEU G 218 8.30 69.10 -9.88
CA LEU G 218 9.64 68.52 -10.02
C LEU G 218 10.71 69.47 -9.47
N LYS H 3 -10.81 12.94 -35.38
CA LYS H 3 -12.26 12.82 -35.15
C LYS H 3 -12.55 12.10 -33.83
N ASP H 4 -11.54 11.41 -33.30
CA ASP H 4 -11.70 10.68 -32.05
C ASP H 4 -10.97 11.37 -30.90
N ASP H 5 -10.48 12.58 -31.14
CA ASP H 5 -9.72 13.31 -30.13
C ASP H 5 -10.45 13.49 -28.80
N ASP H 6 -11.74 13.78 -28.85
CA ASP H 6 -12.48 14.10 -27.63
C ASP H 6 -13.21 12.90 -27.02
N ASP H 7 -12.80 11.70 -27.41
CA ASP H 7 -13.32 10.48 -26.79
C ASP H 7 -12.60 10.28 -25.45
N LYS H 8 -13.26 10.62 -24.35
CA LYS H 8 -12.59 10.70 -23.06
C LYS H 8 -12.10 9.34 -22.58
N LEU H 9 -12.92 8.31 -22.78
CA LEU H 9 -12.53 6.97 -22.36
C LEU H 9 -11.29 6.52 -23.12
N ASP H 10 -11.23 6.87 -24.40
CA ASP H 10 -10.06 6.59 -25.22
C ASP H 10 -8.82 7.23 -24.59
N ARG H 11 -8.92 8.52 -24.24
CA ARG H 11 -7.80 9.25 -23.61
C ARG H 11 -7.38 8.58 -22.30
N ALA H 12 -8.35 8.27 -21.45
CA ALA H 12 -8.06 7.60 -20.19
C ALA H 12 -7.32 6.28 -20.42
N ASP H 13 -7.74 5.53 -21.44
CA ASP H 13 -7.12 4.25 -21.72
C ASP H 13 -5.71 4.41 -22.26
N ILE H 14 -5.50 5.42 -23.11
CA ILE H 14 -4.14 5.71 -23.57
C ILE H 14 -3.23 6.05 -22.38
N LEU H 15 -3.72 6.91 -21.48
CA LEU H 15 -2.91 7.28 -20.31
C LEU H 15 -2.59 6.06 -19.44
N TYR H 16 -3.58 5.19 -19.26
CA TYR H 16 -3.37 3.93 -18.57
C TYR H 16 -2.28 3.11 -19.23
N ASN H 17 -2.38 2.96 -20.55
CA ASN H 17 -1.39 2.21 -21.32
C ASN H 17 -0.01 2.81 -21.18
N ILE H 18 0.08 4.13 -21.29
CA ILE H 18 1.37 4.80 -21.16
C ILE H 18 1.95 4.54 -19.78
N ARG H 19 1.12 4.59 -18.74
CA ARG H 19 1.61 4.39 -17.38
C ARG H 19 1.99 2.94 -17.11
N GLN H 20 1.34 2.00 -17.80
CA GLN H 20 1.72 0.60 -17.68
C GLN H 20 3.09 0.33 -18.29
N THR H 21 3.41 1.04 -19.38
CA THR H 21 4.59 0.69 -20.17
C THR H 21 5.76 1.59 -19.81
N SER H 22 5.47 2.80 -19.33
CA SER H 22 6.48 3.79 -19.04
C SER H 22 7.42 3.37 -17.93
N ARG H 23 8.72 3.49 -18.17
CA ARG H 23 9.72 3.39 -17.10
C ARG H 23 10.39 4.74 -16.90
N PRO H 24 9.88 5.56 -15.98
CA PRO H 24 10.37 6.94 -15.88
C PRO H 24 11.85 7.07 -15.55
N ASP H 25 12.47 6.05 -14.96
CA ASP H 25 13.85 6.20 -14.54
C ASP H 25 14.87 5.50 -15.46
N VAL H 26 14.39 4.92 -16.55
CA VAL H 26 15.24 4.11 -17.43
C VAL H 26 15.32 4.72 -18.82
N ILE H 27 16.52 4.91 -19.36
CA ILE H 27 16.59 5.53 -20.69
C ILE H 27 15.97 4.62 -21.75
N PRO H 28 15.21 5.21 -22.69
CA PRO H 28 14.49 4.38 -23.66
C PRO H 28 15.34 4.06 -24.87
N THR H 29 16.38 3.27 -24.66
CA THR H 29 17.29 2.97 -25.74
C THR H 29 16.71 1.81 -26.53
N GLN H 30 16.33 2.11 -27.77
CA GLN H 30 15.73 1.14 -28.67
C GLN H 30 16.78 0.60 -29.62
N ARG H 31 16.71 -0.71 -29.88
CA ARG H 31 17.69 -1.39 -30.72
C ARG H 31 19.11 -1.25 -30.17
N ASP H 32 19.21 -0.91 -28.88
CA ASP H 32 20.52 -0.85 -28.23
C ASP H 32 21.42 0.22 -28.88
N ARG H 33 20.80 1.33 -29.26
CA ARG H 33 21.50 2.53 -29.73
C ARG H 33 21.13 3.68 -28.83
N PRO H 34 21.95 4.75 -28.79
CA PRO H 34 21.66 5.84 -27.84
C PRO H 34 20.32 6.50 -28.10
N VAL H 35 19.67 7.00 -27.06
CA VAL H 35 18.47 7.80 -27.23
C VAL H 35 18.82 9.07 -28.02
N ALA H 36 18.14 9.27 -29.16
CA ALA H 36 18.34 10.49 -29.93
C ALA H 36 17.41 11.58 -29.43
N VAL H 37 17.97 12.49 -28.66
CA VAL H 37 17.22 13.61 -28.10
C VAL H 37 17.48 14.84 -28.94
N SER H 38 16.43 15.55 -29.34
CA SER H 38 16.61 16.80 -30.07
C SER H 38 16.21 17.98 -29.20
N VAL H 39 17.00 19.03 -29.21
CA VAL H 39 16.70 20.16 -28.35
C VAL H 39 16.90 21.43 -29.16
N SER H 40 16.03 22.40 -28.95
CA SER H 40 16.18 23.72 -29.55
C SER H 40 15.67 24.78 -28.60
N LEU H 41 16.44 25.85 -28.39
CA LEU H 41 15.96 26.93 -27.53
C LEU H 41 15.31 28.00 -28.38
N LYS H 42 14.05 28.30 -28.12
CA LYS H 42 13.38 29.41 -28.81
C LYS H 42 13.34 30.59 -27.85
N PHE H 43 14.12 31.63 -28.12
CA PHE H 43 14.21 32.72 -27.15
C PHE H 43 12.97 33.60 -27.12
N ILE H 44 12.52 33.87 -25.90
CA ILE H 44 11.31 34.65 -25.67
C ILE H 44 11.65 36.02 -25.11
N ASN H 45 12.65 36.07 -24.23
CA ASN H 45 13.06 37.36 -23.69
C ASN H 45 14.51 37.38 -23.23
N ILE H 46 15.07 38.58 -23.22
CA ILE H 46 16.34 38.83 -22.55
C ILE H 46 16.02 39.93 -21.55
N LEU H 47 16.14 39.61 -20.27
CA LEU H 47 15.55 40.43 -19.21
C LEU H 47 16.57 41.34 -18.57
N GLU H 48 17.74 40.77 -18.29
CA GLU H 48 18.81 41.53 -17.68
C GLU H 48 20.12 41.07 -18.27
N VAL H 49 21.05 42.00 -18.42
CA VAL H 49 22.34 41.69 -18.99
C VAL H 49 23.37 42.51 -18.23
N ASN H 50 24.48 41.89 -17.87
CA ASN H 50 25.52 42.60 -17.12
C ASN H 50 26.87 42.41 -17.81
N GLU H 51 27.39 43.48 -18.40
CA GLU H 51 28.61 43.36 -19.19
C GLU H 51 29.85 43.32 -18.29
N ILE H 52 29.72 43.84 -17.08
CA ILE H 52 30.82 43.81 -16.12
C ILE H 52 31.01 42.39 -15.56
N THR H 53 29.91 41.71 -15.26
CA THR H 53 29.97 40.39 -14.66
C THR H 53 29.80 39.25 -15.67
N ASN H 54 29.48 39.61 -16.92
CA ASN H 54 29.27 38.62 -17.97
C ASN H 54 28.16 37.64 -17.59
N GLU H 55 27.02 38.18 -17.15
CA GLU H 55 25.86 37.35 -16.84
C GLU H 55 24.63 37.81 -17.62
N VAL H 56 23.77 36.87 -17.99
CA VAL H 56 22.52 37.22 -18.66
C VAL H 56 21.37 36.45 -18.02
N ASP H 57 20.18 37.05 -18.07
CA ASP H 57 18.96 36.48 -17.50
C ASP H 57 18.00 36.37 -18.66
N VAL H 58 17.61 35.15 -19.05
CA VAL H 58 16.81 34.99 -20.27
C VAL H 58 15.61 34.06 -20.08
N VAL H 59 14.62 34.19 -20.96
CA VAL H 59 13.47 33.30 -21.00
C VAL H 59 13.42 32.61 -22.36
N PHE H 60 13.23 31.30 -22.38
CA PHE H 60 13.24 30.57 -23.63
C PHE H 60 12.38 29.31 -23.53
N TRP H 61 11.84 28.92 -24.67
CA TRP H 61 11.18 27.63 -24.77
C TRP H 61 12.23 26.56 -24.98
N GLN H 62 12.26 25.54 -24.11
CA GLN H 62 13.26 24.50 -24.27
C GLN H 62 12.60 23.32 -24.98
N GLN H 63 12.58 23.39 -26.30
CA GLN H 63 11.92 22.40 -27.14
C GLN H 63 12.68 21.10 -27.08
N THR H 64 12.06 20.05 -26.55
CA THR H 64 12.78 18.79 -26.34
C THR H 64 11.94 17.65 -26.90
N THR H 65 12.53 16.86 -27.79
CA THR H 65 11.78 15.76 -28.37
C THR H 65 12.66 14.50 -28.50
N TRP H 66 12.01 13.34 -28.40
CA TRP H 66 12.66 12.04 -28.52
C TRP H 66 11.57 11.01 -28.76
N SER H 67 11.95 9.80 -29.10
CA SER H 67 10.97 8.74 -29.27
C SER H 67 11.08 7.63 -28.24
N ASP H 68 9.95 7.03 -27.92
CA ASP H 68 9.94 5.78 -27.20
C ASP H 68 8.85 4.96 -27.85
N ARG H 69 9.24 4.09 -28.78
CA ARG H 69 8.28 3.33 -29.58
C ARG H 69 7.41 2.42 -28.72
N THR H 70 7.88 2.07 -27.52
CA THR H 70 7.07 1.21 -26.66
C THR H 70 5.80 1.93 -26.21
N LEU H 71 5.79 3.26 -26.31
CA LEU H 71 4.60 4.02 -25.93
C LEU H 71 3.58 4.13 -27.07
N ALA H 72 3.93 3.64 -28.25
CA ALA H 72 3.10 3.86 -29.43
C ALA H 72 1.78 3.09 -29.33
N TRP H 73 0.75 3.62 -29.99
CA TRP H 73 -0.54 2.92 -30.07
C TRP H 73 -1.17 3.16 -31.43
N ASN H 74 -2.12 2.28 -31.76
CA ASN H 74 -2.90 2.41 -32.99
C ASN H 74 -3.95 3.50 -32.84
N SER H 75 -3.78 4.61 -33.57
CA SER H 75 -4.69 5.75 -33.44
C SER H 75 -5.69 5.85 -34.58
N SER H 76 -5.90 4.75 -35.30
CA SER H 76 -6.82 4.78 -36.44
C SER H 76 -8.22 5.19 -36.03
N HIS H 77 -8.64 4.79 -34.83
CA HIS H 77 -9.94 5.17 -34.29
C HIS H 77 -9.81 5.65 -32.84
N SER H 78 -8.77 6.44 -32.57
CA SER H 78 -8.56 6.99 -31.25
C SER H 78 -7.67 8.23 -31.35
N PRO H 79 -7.50 8.97 -30.25
CA PRO H 79 -6.70 10.21 -30.24
C PRO H 79 -5.28 10.03 -30.76
N ASP H 80 -4.80 10.99 -31.55
CA ASP H 80 -3.45 10.95 -32.10
C ASP H 80 -2.40 11.35 -31.07
N GLN H 81 -2.84 12.10 -30.07
CA GLN H 81 -1.93 12.66 -29.05
C GLN H 81 -2.65 12.86 -27.75
N VAL H 82 -1.92 12.75 -26.64
CA VAL H 82 -2.47 13.14 -25.35
C VAL H 82 -1.40 13.89 -24.53
N SER H 83 -1.85 14.66 -23.55
CA SER H 83 -0.95 15.32 -22.62
C SER H 83 -0.72 14.42 -21.42
N VAL H 84 0.51 14.40 -20.92
CA VAL H 84 0.92 13.47 -19.86
C VAL H 84 1.82 14.20 -18.88
N PRO H 85 1.56 14.09 -17.56
CA PRO H 85 2.47 14.71 -16.59
C PRO H 85 3.88 14.15 -16.75
N ILE H 86 4.91 14.98 -16.74
CA ILE H 86 6.24 14.43 -16.99
C ILE H 86 6.67 13.45 -15.88
N SER H 87 6.06 13.53 -14.70
CA SER H 87 6.40 12.58 -13.66
C SER H 87 5.99 11.15 -14.05
N SER H 88 5.17 11.00 -15.08
CA SER H 88 4.79 9.67 -15.54
C SER H 88 5.71 9.13 -16.64
N LEU H 89 6.65 9.96 -17.09
CA LEU H 89 7.46 9.64 -18.25
C LEU H 89 8.93 9.68 -17.92
N TRP H 90 9.76 8.97 -18.70
CA TRP H 90 11.18 9.31 -18.70
C TRP H 90 11.36 10.62 -19.44
N VAL H 91 12.16 11.53 -18.89
CA VAL H 91 12.54 12.72 -19.64
C VAL H 91 14.06 12.85 -19.54
N PRO H 92 14.70 13.38 -20.60
CA PRO H 92 16.16 13.51 -20.55
C PRO H 92 16.61 14.41 -19.40
N ASP H 93 17.72 14.03 -18.77
CA ASP H 93 18.28 14.80 -17.65
C ASP H 93 19.15 15.95 -18.17
N LEU H 94 18.54 16.83 -18.94
CA LEU H 94 19.29 17.95 -19.53
C LEU H 94 19.73 18.98 -18.49
N ALA H 95 20.89 19.57 -18.72
CA ALA H 95 21.32 20.71 -17.93
C ALA H 95 22.14 21.64 -18.82
N ALA H 96 22.07 22.93 -18.54
CA ALA H 96 22.94 23.90 -19.20
C ALA H 96 24.26 24.00 -18.44
N TYR H 97 25.37 23.73 -19.11
CA TYR H 97 26.66 23.59 -18.44
C TYR H 97 27.18 24.94 -17.90
N ASN H 98 26.68 26.06 -18.42
CA ASN H 98 27.08 27.35 -17.90
C ASN H 98 25.94 28.12 -17.22
N ALA H 99 24.92 27.39 -16.76
CA ALA H 99 23.85 28.03 -15.98
C ALA H 99 24.38 28.41 -14.60
N ILE H 100 23.94 29.56 -14.08
CA ILE H 100 24.31 29.93 -12.71
C ILE H 100 23.08 30.08 -11.83
N SER H 101 21.94 29.63 -12.32
CA SER H 101 20.72 29.56 -11.51
C SER H 101 19.97 28.29 -11.89
N LYS H 102 19.07 27.85 -11.02
CA LYS H 102 18.20 26.73 -11.36
C LYS H 102 17.28 27.13 -12.49
N PRO H 103 16.98 26.19 -13.40
CA PRO H 103 15.92 26.53 -14.36
C PRO H 103 14.59 26.78 -13.66
N GLU H 104 14.02 27.96 -13.86
CA GLU H 104 12.69 28.29 -13.34
C GLU H 104 11.67 27.93 -14.41
N VAL H 105 10.93 26.84 -14.21
CA VAL H 105 9.95 26.38 -15.20
C VAL H 105 8.65 27.16 -15.04
N LEU H 106 8.26 27.88 -16.09
CA LEU H 106 7.17 28.85 -16.03
C LEU H 106 5.83 28.25 -16.43
N THR H 107 5.85 27.05 -16.98
CA THR H 107 4.67 26.47 -17.62
C THR H 107 4.30 25.12 -16.98
N PRO H 108 3.07 24.65 -17.23
CA PRO H 108 2.67 23.35 -16.67
C PRO H 108 3.58 22.22 -17.11
N GLN H 109 3.94 21.32 -16.20
CA GLN H 109 4.94 20.30 -16.51
C GLN H 109 4.26 19.06 -17.09
N LEU H 110 3.73 19.28 -18.29
CA LEU H 110 3.06 18.27 -19.10
C LEU H 110 3.82 18.13 -20.42
N ALA H 111 3.91 16.89 -20.89
CA ALA H 111 4.46 16.60 -22.21
C ALA H 111 3.36 16.11 -23.12
N ARG H 112 3.60 16.16 -24.43
CA ARG H 112 2.69 15.55 -25.38
C ARG H 112 3.27 14.23 -25.85
N VAL H 113 2.46 13.19 -25.81
CA VAL H 113 2.88 11.89 -26.33
C VAL H 113 2.05 11.60 -27.56
N VAL H 114 2.73 11.34 -28.67
CA VAL H 114 2.07 11.10 -29.97
C VAL H 114 1.94 9.60 -30.20
N SER H 115 0.95 9.19 -30.98
CA SER H 115 0.65 7.77 -31.10
C SER H 115 1.77 6.96 -31.77
N ASP H 116 2.71 7.62 -32.42
CA ASP H 116 3.86 6.91 -33.01
C ASP H 116 5.01 6.76 -32.02
N GLY H 117 4.81 7.24 -30.79
CA GLY H 117 5.83 7.11 -29.76
C GLY H 117 6.68 8.37 -29.56
N GLU H 118 6.48 9.38 -30.40
CA GLU H 118 7.23 10.63 -30.24
C GLU H 118 6.75 11.34 -28.97
N VAL H 119 7.69 11.97 -28.25
CA VAL H 119 7.35 12.77 -27.09
C VAL H 119 7.87 14.18 -27.30
N LEU H 120 7.04 15.16 -26.97
CA LEU H 120 7.45 16.57 -27.05
C LEU H 120 7.22 17.21 -25.70
N TYR H 121 8.31 17.70 -25.10
CA TYR H 121 8.21 18.43 -23.86
C TYR H 121 8.84 19.80 -24.12
N MET H 122 8.09 20.86 -23.86
CA MET H 122 8.61 22.20 -24.16
C MET H 122 8.24 23.16 -23.04
N PRO H 123 9.01 23.10 -21.95
CA PRO H 123 8.80 24.07 -20.88
C PRO H 123 9.29 25.44 -21.28
N SER H 124 8.61 26.48 -20.82
CA SER H 124 9.19 27.82 -20.88
C SER H 124 10.02 28.02 -19.62
N ILE H 125 11.28 28.42 -19.80
CA ILE H 125 12.25 28.45 -18.70
C ILE H 125 12.87 29.82 -18.57
N ARG H 126 12.96 30.32 -17.35
CA ARG H 126 13.75 31.50 -17.04
C ARG H 126 15.00 31.04 -16.31
N GLN H 127 16.16 31.47 -16.79
CA GLN H 127 17.42 30.99 -16.22
C GLN H 127 18.53 32.00 -16.46
N ARG H 128 19.52 31.99 -15.58
CA ARG H 128 20.65 32.89 -15.71
C ARG H 128 21.90 32.13 -16.07
N PHE H 129 22.76 32.79 -16.85
CA PHE H 129 23.92 32.15 -17.44
C PHE H 129 25.16 33.02 -17.34
N SER H 130 26.30 32.34 -17.31
CA SER H 130 27.61 32.97 -17.45
C SER H 130 28.05 32.85 -18.90
N CYS H 131 28.20 33.99 -19.58
CA CYS H 131 28.61 33.96 -20.98
C CYS H 131 29.18 35.31 -21.39
N ASP H 132 29.71 35.39 -22.61
CA ASP H 132 30.36 36.60 -23.11
C ASP H 132 29.33 37.67 -23.45
N VAL H 133 29.32 38.74 -22.66
CA VAL H 133 28.36 39.82 -22.85
C VAL H 133 29.06 41.00 -23.51
N SER H 134 30.35 40.84 -23.79
CA SER H 134 31.13 41.95 -24.35
C SER H 134 30.59 42.31 -25.73
N GLY H 135 30.47 43.60 -25.98
CA GLY H 135 29.97 44.06 -27.28
C GLY H 135 28.47 44.24 -27.35
N VAL H 136 27.76 44.04 -26.25
CA VAL H 136 26.29 44.11 -26.25
C VAL H 136 25.76 45.49 -26.64
N ASP H 137 26.55 46.54 -26.40
CA ASP H 137 26.10 47.89 -26.77
C ASP H 137 26.70 48.36 -28.10
N THR H 138 27.24 47.42 -28.88
CA THR H 138 27.79 47.76 -30.19
C THR H 138 26.88 47.25 -31.30
N GLU H 139 27.13 47.70 -32.52
CA GLU H 139 26.32 47.27 -33.65
C GLU H 139 26.50 45.77 -33.89
N SER H 140 27.71 45.27 -33.63
CA SER H 140 28.02 43.87 -33.84
C SER H 140 27.34 43.01 -32.78
N GLY H 141 27.19 43.58 -31.59
CA GLY H 141 26.52 42.90 -30.49
C GLY H 141 27.40 41.93 -29.75
N ALA H 142 26.81 41.27 -28.75
CA ALA H 142 27.48 40.23 -27.97
C ALA H 142 27.08 38.85 -28.48
N THR H 143 27.94 37.85 -28.28
CA THR H 143 27.59 36.47 -28.62
C THR H 143 27.72 35.61 -27.37
N CYS H 144 26.59 35.26 -26.79
CA CYS H 144 26.51 34.46 -25.57
C CYS H 144 26.26 32.99 -25.94
N ARG H 145 27.14 32.08 -25.53
CA ARG H 145 26.99 30.68 -25.89
C ARG H 145 26.46 29.88 -24.71
N ILE H 146 25.49 29.02 -24.98
CA ILE H 146 24.90 28.17 -23.95
C ILE H 146 25.02 26.73 -24.42
N LYS H 147 25.63 25.88 -23.59
CA LYS H 147 25.72 24.47 -23.93
C LYS H 147 24.73 23.66 -23.10
N ILE H 148 23.90 22.86 -23.77
CA ILE H 148 22.90 22.02 -23.11
C ILE H 148 23.16 20.55 -23.43
N GLY H 149 23.24 19.70 -22.42
CA GLY H 149 23.43 18.29 -22.69
C GLY H 149 22.91 17.47 -21.52
N SER H 150 23.01 16.16 -21.64
CA SER H 150 22.60 15.28 -20.55
C SER H 150 23.60 15.43 -19.42
N TRP H 151 23.13 15.53 -18.18
CA TRP H 151 24.05 15.68 -17.06
C TRP H 151 24.77 14.37 -16.69
N THR H 152 24.08 13.24 -16.77
CA THR H 152 24.71 12.00 -16.31
C THR H 152 24.87 10.92 -17.36
N HIS H 153 24.34 11.16 -18.57
CA HIS H 153 24.43 10.14 -19.61
C HIS H 153 25.39 10.59 -20.71
N HIS H 154 26.42 9.77 -20.95
CA HIS H 154 27.42 10.09 -21.95
C HIS H 154 26.93 9.69 -23.34
N SER H 155 27.77 9.94 -24.35
CA SER H 155 27.32 9.90 -25.74
C SER H 155 26.89 8.52 -26.22
N ARG H 156 27.32 7.47 -25.54
CA ARG H 156 26.93 6.13 -25.94
C ARG H 156 25.51 5.81 -25.48
N GLU H 157 24.98 6.62 -24.55
CA GLU H 157 23.65 6.41 -23.97
C GLU H 157 22.62 7.40 -24.48
N ILE H 158 23.02 8.66 -24.59
CA ILE H 158 22.16 9.71 -25.09
C ILE H 158 22.91 10.62 -26.04
N SER H 159 22.33 10.87 -27.20
CA SER H 159 22.88 11.90 -28.07
C SER H 159 21.95 13.11 -28.00
N VAL H 160 22.52 14.29 -27.77
CA VAL H 160 21.71 15.50 -27.71
C VAL H 160 22.07 16.36 -28.89
N ASP H 161 21.16 16.43 -29.86
CA ASP H 161 21.42 17.13 -31.12
C ASP H 161 20.43 18.28 -31.36
N PRO H 162 20.79 19.20 -32.27
CA PRO H 162 19.85 20.27 -32.59
C PRO H 162 18.63 19.72 -33.31
N THR H 163 17.49 20.38 -33.17
CA THR H 163 16.34 20.08 -34.02
C THR H 163 16.65 20.45 -35.47
N THR H 164 15.80 20.03 -36.39
CA THR H 164 16.00 20.32 -37.81
C THR H 164 15.74 21.80 -38.11
N GLU H 165 14.88 22.43 -37.33
CA GLU H 165 14.54 23.82 -37.56
C GLU H 165 15.22 24.78 -36.59
N ASN H 166 15.98 25.71 -37.15
CA ASN H 166 16.59 26.74 -36.34
C ASN H 166 16.15 28.15 -36.79
N SER H 167 15.46 28.23 -37.91
CA SER H 167 15.08 29.53 -38.49
C SER H 167 14.13 30.33 -37.61
N ASP H 168 13.45 29.64 -36.69
CA ASP H 168 12.45 30.27 -35.85
C ASP H 168 12.95 30.54 -34.43
N ASP H 169 14.28 30.46 -34.23
CA ASP H 169 14.84 30.59 -32.87
C ASP H 169 14.50 31.92 -32.19
N SER H 170 14.22 32.97 -32.96
CA SER H 170 13.81 34.22 -32.34
C SER H 170 12.46 34.73 -32.86
N GLU H 171 11.70 33.85 -33.50
CA GLU H 171 10.38 34.20 -34.02
C GLU H 171 9.39 34.62 -32.94
N TYR H 172 9.54 34.07 -31.74
CA TYR H 172 8.59 34.32 -30.65
C TYR H 172 9.16 35.27 -29.61
N PHE H 173 10.22 35.97 -29.98
CA PHE H 173 10.90 36.88 -29.08
C PHE H 173 10.07 38.15 -28.81
N SER H 174 10.05 38.58 -27.57
CA SER H 174 9.26 39.73 -27.14
C SER H 174 9.67 41.03 -27.84
N GLN H 175 8.70 41.73 -28.40
CA GLN H 175 9.01 43.05 -28.95
C GLN H 175 9.32 44.06 -27.85
N TYR H 176 9.02 43.73 -26.60
CA TYR H 176 9.19 44.67 -25.50
C TYR H 176 10.49 44.53 -24.71
N SER H 177 11.36 43.63 -25.17
CA SER H 177 12.71 43.52 -24.61
C SER H 177 13.51 44.77 -24.95
N ARG H 178 14.49 45.09 -24.11
CA ARG H 178 15.40 46.21 -24.41
C ARG H 178 16.44 45.76 -25.42
N PHE H 179 16.48 44.46 -25.67
CA PHE H 179 17.47 43.87 -26.57
C PHE H 179 16.83 43.31 -27.83
N GLU H 180 17.65 43.06 -28.83
CA GLU H 180 17.20 42.45 -30.07
C GLU H 180 18.17 41.35 -30.47
N ILE H 181 17.65 40.29 -31.08
CA ILE H 181 18.49 39.18 -31.49
C ILE H 181 18.91 39.29 -32.94
N LEU H 182 20.21 39.18 -33.15
CA LEU H 182 20.79 39.37 -34.48
C LEU H 182 20.97 38.05 -35.21
N ASP H 183 21.33 37.02 -34.45
CA ASP H 183 21.47 35.68 -35.02
C ASP H 183 21.47 34.64 -33.92
N VAL H 184 21.01 33.44 -34.26
CA VAL H 184 21.11 32.30 -33.35
C VAL H 184 21.53 31.09 -34.15
N THR H 185 22.53 30.37 -33.66
CA THR H 185 22.86 29.09 -34.28
C THR H 185 22.81 28.03 -33.18
N GLN H 186 22.55 26.80 -33.59
CA GLN H 186 22.48 25.70 -32.66
C GLN H 186 23.16 24.53 -33.32
N LYS H 187 24.26 24.08 -32.73
CA LYS H 187 25.12 23.10 -33.37
C LYS H 187 25.49 21.95 -32.47
N LYS H 188 25.78 20.79 -33.07
CA LYS H 188 26.34 19.66 -32.34
C LYS H 188 27.65 20.06 -31.68
N ASN H 189 27.86 19.56 -30.46
CA ASN H 189 29.11 19.79 -29.75
C ASN H 189 29.37 18.59 -28.86
N SER H 190 30.61 18.14 -28.84
CA SER H 190 31.01 17.02 -27.98
C SER H 190 31.96 17.55 -26.93
N VAL H 191 31.71 17.19 -25.68
CA VAL H 191 32.55 17.61 -24.57
C VAL H 191 33.26 16.40 -23.99
N THR H 192 34.59 16.49 -23.88
CA THR H 192 35.36 15.47 -23.18
C THR H 192 36.31 16.15 -22.19
N TYR H 193 36.67 15.42 -21.14
CA TYR H 193 37.60 15.94 -20.16
C TYR H 193 38.81 15.02 -20.09
N SER H 194 39.99 15.61 -19.95
CA SER H 194 41.24 14.85 -20.05
C SER H 194 41.34 13.73 -19.02
N CYS H 195 40.61 13.88 -17.93
CA CYS H 195 40.64 12.87 -16.87
C CYS H 195 40.00 11.54 -17.27
N CYS H 196 38.97 11.62 -18.11
CA CYS H 196 38.02 10.51 -18.25
C CYS H 196 37.65 10.22 -19.70
N PRO H 197 37.30 8.96 -20.00
CA PRO H 197 37.07 8.53 -21.38
C PRO H 197 35.74 9.00 -21.98
N GLU H 198 34.75 9.26 -21.13
CA GLU H 198 33.40 9.61 -21.59
C GLU H 198 33.36 10.93 -22.36
N ALA H 199 32.59 10.95 -23.42
CA ALA H 199 32.23 12.19 -24.08
C ALA H 199 30.77 12.50 -23.83
N TYR H 200 30.43 13.78 -23.74
CA TYR H 200 29.05 14.21 -23.56
C TYR H 200 28.58 14.97 -24.80
N GLU H 201 27.49 14.50 -25.39
CA GLU H 201 26.97 15.11 -26.62
C GLU H 201 25.96 16.18 -26.29
N ASP H 202 26.24 17.41 -26.69
CA ASP H 202 25.41 18.53 -26.30
C ASP H 202 25.07 19.39 -27.51
N VAL H 203 24.15 20.31 -27.31
CA VAL H 203 23.88 21.32 -28.33
C VAL H 203 24.48 22.63 -27.83
N GLU H 204 25.27 23.27 -28.69
CA GLU H 204 25.81 24.59 -28.36
C GLU H 204 24.99 25.67 -29.06
N VAL H 205 24.37 26.53 -28.25
CA VAL H 205 23.50 27.59 -28.77
C VAL H 205 24.26 28.91 -28.71
N SER H 206 24.43 29.55 -29.86
CA SER H 206 25.14 30.81 -29.90
C SER H 206 24.14 31.94 -30.14
N LEU H 207 23.98 32.79 -29.13
CA LEU H 207 22.99 33.85 -29.15
C LEU H 207 23.69 35.18 -29.38
N ASN H 208 23.54 35.73 -30.58
CA ASN H 208 24.13 37.01 -30.93
C ASN H 208 23.05 38.08 -30.80
N PHE H 209 23.25 39.01 -29.87
CA PHE H 209 22.24 40.00 -29.53
C PHE H 209 22.86 41.35 -29.18
N ARG H 210 22.05 42.39 -29.18
CA ARG H 210 22.53 43.73 -28.88
C ARG H 210 21.43 44.57 -28.23
N LYS H 211 21.82 45.58 -27.47
CA LYS H 211 20.85 46.51 -26.90
C LYS H 211 20.26 47.33 -28.05
N LYS H 212 18.94 47.53 -28.02
CA LYS H 212 18.28 48.28 -29.08
C LYS H 212 18.78 49.73 -29.07
N GLY H 213 18.98 50.30 -30.26
CA GLY H 213 19.44 51.66 -30.40
C GLY H 213 18.93 52.31 -31.67
N ASP I 1 29.69 -4.85 -20.05
CA ASP I 1 30.37 -4.69 -21.34
C ASP I 1 29.68 -3.64 -22.21
N TYR I 2 30.49 -2.91 -23.00
CA TYR I 2 29.98 -1.78 -23.78
C TYR I 2 28.79 -2.11 -24.66
N LYS I 3 28.84 -3.27 -25.30
CA LYS I 3 27.85 -3.63 -26.29
C LYS I 3 26.45 -3.73 -25.68
N ASP I 4 26.38 -4.11 -24.41
CA ASP I 4 25.10 -4.31 -23.74
C ASP I 4 24.62 -3.08 -22.98
N ASP I 5 25.40 -2.01 -22.99
CA ASP I 5 25.09 -0.84 -22.17
C ASP I 5 23.70 -0.27 -22.47
N ASP I 6 23.28 -0.32 -23.74
CA ASP I 6 22.00 0.30 -24.09
C ASP I 6 20.84 -0.70 -24.18
N ASP I 7 21.02 -1.86 -23.57
CA ASP I 7 19.93 -2.82 -23.51
C ASP I 7 18.95 -2.38 -22.42
N LYS I 8 17.79 -1.87 -22.82
CA LYS I 8 16.89 -1.20 -21.89
C LYS I 8 16.39 -2.13 -20.77
N LEU I 9 16.00 -3.35 -21.11
CA LEU I 9 15.51 -4.28 -20.10
C LEU I 9 16.60 -4.58 -19.06
N ASP I 10 17.84 -4.74 -19.53
CA ASP I 10 18.96 -4.94 -18.60
C ASP I 10 19.08 -3.75 -17.65
N ARG I 11 19.00 -2.54 -18.19
CA ARG I 11 19.10 -1.35 -17.35
C ARG I 11 17.98 -1.32 -16.31
N ALA I 12 16.76 -1.61 -16.73
CA ALA I 12 15.62 -1.65 -15.80
C ALA I 12 15.86 -2.69 -14.71
N ASP I 13 16.42 -3.81 -15.09
CA ASP I 13 16.68 -4.90 -14.15
C ASP I 13 17.74 -4.47 -13.14
N ILE I 14 18.75 -3.73 -13.60
CA ILE I 14 19.78 -3.26 -12.69
C ILE I 14 19.18 -2.29 -11.68
N LEU I 15 18.32 -1.38 -12.14
CA LEU I 15 17.69 -0.42 -11.24
C LEU I 15 16.84 -1.16 -10.20
N TYR I 16 16.13 -2.18 -10.65
CA TYR I 16 15.37 -3.04 -9.76
C TYR I 16 16.28 -3.67 -8.71
N ASN I 17 17.41 -4.22 -9.15
CA ASN I 17 18.35 -4.87 -8.23
C ASN I 17 18.91 -3.87 -7.21
N ILE I 18 19.29 -2.70 -7.70
CA ILE I 18 19.82 -1.67 -6.82
C ILE I 18 18.77 -1.26 -5.77
N ARG I 19 17.53 -1.13 -6.19
CA ARG I 19 16.50 -0.74 -5.22
C ARG I 19 16.14 -1.86 -4.24
N GLN I 20 16.38 -3.12 -4.61
CA GLN I 20 16.19 -4.23 -3.68
C GLN I 20 17.27 -4.26 -2.61
N THR I 21 18.48 -3.83 -2.96
CA THR I 21 19.64 -4.03 -2.11
C THR I 21 20.01 -2.76 -1.35
N SER I 22 19.67 -1.62 -1.92
CA SER I 22 20.11 -0.34 -1.38
C SER I 22 19.47 -0.05 -0.02
N ARG I 23 20.28 0.37 0.95
CA ARG I 23 19.76 0.89 2.21
C ARG I 23 20.11 2.39 2.26
N PRO I 24 19.20 3.26 1.84
CA PRO I 24 19.56 4.68 1.68
C PRO I 24 19.90 5.38 2.98
N ASP I 25 19.51 4.83 4.14
CA ASP I 25 19.78 5.54 5.39
C ASP I 25 20.87 4.88 6.24
N VAL I 26 21.53 3.85 5.73
CA VAL I 26 22.58 3.18 6.47
C VAL I 26 23.94 3.34 5.79
N ILE I 27 24.96 3.73 6.54
CA ILE I 27 26.28 3.89 5.91
C ILE I 27 26.78 2.54 5.38
N PRO I 28 27.31 2.55 4.15
CA PRO I 28 27.77 1.30 3.52
C PRO I 28 29.14 0.85 3.99
N THR I 29 29.28 0.60 5.28
CA THR I 29 30.55 0.16 5.83
C THR I 29 30.80 -1.31 5.48
N GLN I 30 32.01 -1.58 5.00
CA GLN I 30 32.40 -2.93 4.56
C GLN I 30 33.70 -3.35 5.21
N ARG I 31 33.78 -4.61 5.63
CA ARG I 31 35.00 -5.18 6.20
C ARG I 31 35.43 -4.42 7.46
N ASP I 32 34.44 -3.98 8.24
CA ASP I 32 34.66 -3.25 9.48
C ASP I 32 35.59 -2.05 9.31
N ARG I 33 35.38 -1.28 8.25
CA ARG I 33 36.16 -0.07 8.01
C ARG I 33 35.25 1.09 7.68
N PRO I 34 35.74 2.32 7.86
CA PRO I 34 34.97 3.53 7.53
C PRO I 34 34.67 3.58 6.05
N VAL I 35 33.57 4.24 5.68
CA VAL I 35 33.27 4.49 4.29
C VAL I 35 34.24 5.55 3.80
N ALA I 36 35.07 5.20 2.82
CA ALA I 36 36.00 6.15 2.22
C ALA I 36 35.32 7.01 1.17
N VAL I 37 35.18 8.30 1.46
CA VAL I 37 34.53 9.22 0.53
C VAL I 37 35.57 10.16 -0.07
N SER I 38 35.59 10.26 -1.40
CA SER I 38 36.47 11.22 -2.06
C SER I 38 35.64 12.40 -2.55
N VAL I 39 36.16 13.61 -2.35
CA VAL I 39 35.46 14.80 -2.76
C VAL I 39 36.43 15.69 -3.51
N SER I 40 36.05 16.04 -4.72
CA SER I 40 36.85 16.95 -5.53
C SER I 40 35.97 18.08 -6.04
N LEU I 41 36.31 19.33 -5.70
CA LEU I 41 35.54 20.46 -6.17
C LEU I 41 36.16 21.00 -7.46
N LYS I 42 35.38 20.98 -8.54
CA LYS I 42 35.81 21.60 -9.79
C LYS I 42 35.14 22.95 -9.88
N PHE I 43 35.89 24.03 -9.72
CA PHE I 43 35.27 25.34 -9.73
C PHE I 43 34.93 25.77 -11.14
N ILE I 44 33.71 26.28 -11.31
CA ILE I 44 33.22 26.68 -12.61
C ILE I 44 33.16 28.20 -12.72
N ASN I 45 32.77 28.83 -11.63
CA ASN I 45 32.69 30.28 -11.63
C ASN I 45 32.84 30.89 -10.25
N ILE I 46 33.43 32.08 -10.23
CA ILE I 46 33.46 32.94 -9.07
C ILE I 46 32.63 34.16 -9.46
N LEU I 47 31.45 34.29 -8.88
CA LEU I 47 30.44 35.21 -9.37
C LEU I 47 30.47 36.56 -8.64
N GLU I 48 30.68 36.50 -7.34
CA GLU I 48 30.81 37.73 -6.56
C GLU I 48 31.87 37.55 -5.50
N VAL I 49 32.60 38.62 -5.24
CA VAL I 49 33.60 38.62 -4.19
C VAL I 49 33.43 39.92 -3.43
N ASN I 50 33.17 39.83 -2.14
CA ASN I 50 33.01 41.02 -1.32
C ASN I 50 34.18 41.15 -0.36
N GLU I 51 35.01 42.17 -0.59
CA GLU I 51 36.23 42.34 0.19
C GLU I 51 35.93 42.93 1.56
N ILE I 52 34.82 43.66 1.65
CA ILE I 52 34.41 44.24 2.92
C ILE I 52 33.89 43.16 3.86
N THR I 53 33.07 42.25 3.34
CA THR I 53 32.48 41.22 4.20
C THR I 53 33.20 39.87 4.16
N ASN I 54 34.19 39.73 3.29
CA ASN I 54 34.93 38.47 3.15
C ASN I 54 33.98 37.32 2.81
N GLU I 55 33.24 37.50 1.72
CA GLU I 55 32.28 36.50 1.29
C GLU I 55 32.47 36.28 -0.20
N VAL I 56 32.32 35.04 -0.63
CA VAL I 56 32.36 34.74 -2.06
C VAL I 56 31.12 33.95 -2.43
N ASP I 57 30.71 34.14 -3.67
CA ASP I 57 29.59 33.43 -4.26
C ASP I 57 30.18 32.63 -5.42
N VAL I 58 30.11 31.30 -5.36
CA VAL I 58 30.76 30.47 -6.36
C VAL I 58 29.88 29.36 -6.92
N VAL I 59 30.27 28.84 -8.08
CA VAL I 59 29.64 27.65 -8.66
C VAL I 59 30.71 26.59 -8.83
N PHE I 60 30.46 25.39 -8.30
CA PHE I 60 31.42 24.31 -8.47
C PHE I 60 30.72 22.99 -8.74
N TRP I 61 31.42 22.10 -9.43
CA TRP I 61 30.94 20.74 -9.59
C TRP I 61 31.53 19.91 -8.46
N GLN I 62 30.68 19.32 -7.64
CA GLN I 62 31.19 18.62 -6.47
C GLN I 62 31.28 17.12 -6.77
N GLN I 63 32.43 16.69 -7.26
CA GLN I 63 32.60 15.28 -7.59
C GLN I 63 32.75 14.44 -6.33
N THR I 64 31.75 13.60 -6.05
CA THR I 64 31.70 12.83 -4.82
C THR I 64 31.66 11.35 -5.15
N THR I 65 32.62 10.57 -4.66
CA THR I 65 32.69 9.15 -4.98
C THR I 65 32.90 8.29 -3.74
N TRP I 66 32.29 7.11 -3.76
CA TRP I 66 32.44 6.13 -2.69
C TRP I 66 32.02 4.78 -3.24
N SER I 67 32.22 3.73 -2.44
CA SER I 67 31.86 2.38 -2.82
CA SER I 67 31.76 2.43 -2.89
C SER I 67 30.73 1.83 -1.97
N ASP I 68 29.81 1.06 -2.57
CA ASP I 68 28.90 0.22 -1.81
C ASP I 68 28.88 -1.11 -2.53
N ARG I 69 29.71 -2.03 -2.06
CA ARG I 69 29.89 -3.31 -2.73
C ARG I 69 28.61 -4.16 -2.79
N THR I 70 27.64 -3.87 -1.93
CA THR I 70 26.41 -4.65 -1.97
C THR I 70 25.59 -4.35 -3.22
N LEU I 71 25.89 -3.24 -3.89
CA LEU I 71 25.19 -2.85 -5.11
C LEU I 71 25.78 -3.48 -6.37
N ALA I 72 26.91 -4.16 -6.21
CA ALA I 72 27.65 -4.66 -7.38
C ALA I 72 26.88 -5.75 -8.11
N TRP I 73 27.13 -5.89 -9.40
CA TRP I 73 26.54 -6.98 -10.17
C TRP I 73 27.54 -7.44 -11.23
N ASN I 74 27.29 -8.64 -11.76
CA ASN I 74 28.13 -9.19 -12.83
C ASN I 74 27.73 -8.59 -14.16
N SER I 75 28.59 -7.73 -14.74
CA SER I 75 28.21 -7.02 -15.96
C SER I 75 28.87 -7.61 -17.21
N SER I 76 29.24 -8.89 -17.15
CA SER I 76 29.88 -9.53 -18.29
C SER I 76 28.98 -9.49 -19.52
N HIS I 77 27.67 -9.56 -19.29
CA HIS I 77 26.71 -9.41 -20.38
C HIS I 77 25.57 -8.45 -20.05
N SER I 78 25.90 -7.35 -19.37
CA SER I 78 24.88 -6.33 -19.09
C SER I 78 25.57 -4.99 -18.96
N PRO I 79 24.80 -3.91 -18.84
CA PRO I 79 25.40 -2.58 -18.68
C PRO I 79 26.40 -2.51 -17.53
N ASP I 80 27.49 -1.75 -17.68
CA ASP I 80 28.47 -1.62 -16.61
C ASP I 80 28.15 -0.45 -15.66
N GLN I 81 27.24 0.43 -16.08
CA GLN I 81 26.83 1.60 -15.28
C GLN I 81 25.40 1.99 -15.58
N VAL I 82 24.71 2.55 -14.60
CA VAL I 82 23.41 3.18 -14.84
C VAL I 82 23.28 4.45 -14.01
N SER I 83 22.36 5.33 -14.43
CA SER I 83 22.01 6.52 -13.65
C SER I 83 20.87 6.18 -12.71
N VAL I 84 20.98 6.66 -11.48
CA VAL I 84 20.05 6.31 -10.41
C VAL I 84 19.67 7.57 -9.65
N PRO I 85 18.36 7.76 -9.39
CA PRO I 85 17.98 8.93 -8.57
C PRO I 85 18.62 8.85 -7.20
N ILE I 86 19.19 9.93 -6.67
CA ILE I 86 19.92 9.79 -5.42
C ILE I 86 19.01 9.41 -4.25
N SER I 87 17.70 9.66 -4.37
CA SER I 87 16.76 9.26 -3.32
C SER I 87 16.71 7.73 -3.13
N SER I 88 17.16 6.98 -4.14
CA SER I 88 17.24 5.52 -4.02
C SER I 88 18.55 5.03 -3.38
N LEU I 89 19.46 5.95 -3.11
CA LEU I 89 20.82 5.60 -2.68
C LEU I 89 21.18 6.24 -1.34
N TRP I 90 22.06 5.58 -0.58
CA TRP I 90 22.77 6.31 0.48
C TRP I 90 23.75 7.29 -0.16
N VAL I 91 23.78 8.51 0.35
CA VAL I 91 24.80 9.48 -0.09
C VAL I 91 25.44 10.07 1.15
N PRO I 92 26.72 10.43 1.07
CA PRO I 92 27.38 11.03 2.25
C PRO I 92 26.68 12.32 2.71
N ASP I 93 26.58 12.52 4.02
CA ASP I 93 25.90 13.70 4.58
C ASP I 93 26.89 14.85 4.71
N LEU I 94 27.44 15.26 3.58
CA LEU I 94 28.47 16.31 3.60
C LEU I 94 27.87 17.69 3.87
N ALA I 95 28.68 18.52 4.53
CA ALA I 95 28.33 19.92 4.75
C ALA I 95 29.58 20.75 4.62
N ALA I 96 29.43 21.97 4.13
CA ALA I 96 30.52 22.92 4.07
C ALA I 96 30.44 23.81 5.31
N TYR I 97 31.45 23.74 6.16
CA TYR I 97 31.41 24.38 7.46
C TYR I 97 31.29 25.91 7.39
N ASN I 98 31.86 26.50 6.35
CA ASN I 98 31.81 27.96 6.24
C ASN I 98 30.84 28.44 5.16
N ALA I 99 29.91 27.59 4.78
CA ALA I 99 28.82 27.99 3.89
C ALA I 99 27.84 28.89 4.63
N ILE I 100 27.40 29.97 3.98
CA ILE I 100 26.47 30.90 4.60
C ILE I 100 25.18 31.06 3.78
N SER I 101 24.98 30.17 2.83
CA SER I 101 23.70 30.05 2.14
C SER I 101 23.44 28.56 1.91
N LYS I 102 22.18 28.19 1.68
CA LYS I 102 21.87 26.81 1.31
C LYS I 102 22.56 26.43 0.01
N PRO I 103 23.01 25.17 -0.12
CA PRO I 103 23.57 24.77 -1.40
C PRO I 103 22.48 24.69 -2.46
N GLU I 104 22.59 25.47 -3.52
CA GLU I 104 21.61 25.42 -4.60
C GLU I 104 22.09 24.43 -5.65
N VAL I 105 21.41 23.29 -5.74
CA VAL I 105 21.74 22.27 -6.71
C VAL I 105 21.14 22.61 -8.06
N LEU I 106 22.01 22.83 -9.04
CA LEU I 106 21.60 23.35 -10.34
C LEU I 106 21.24 22.25 -11.35
N THR I 107 21.56 21.01 -11.02
CA THR I 107 21.53 19.92 -11.98
C THR I 107 20.59 18.78 -11.55
N PRO I 108 20.23 17.90 -12.48
CA PRO I 108 19.39 16.74 -12.15
C PRO I 108 20.01 15.88 -11.05
N GLN I 109 19.20 15.44 -10.08
CA GLN I 109 19.76 14.78 -8.90
C GLN I 109 19.86 13.27 -9.13
N LEU I 110 20.74 12.92 -10.06
CA LEU I 110 21.04 11.54 -10.43
C LEU I 110 22.50 11.22 -10.16
N ALA I 111 22.75 10.00 -9.70
CA ALA I 111 24.12 9.50 -9.52
C ALA I 111 24.40 8.41 -10.53
N ARG I 112 25.66 8.07 -10.74
CA ARG I 112 26.02 6.89 -11.53
C ARG I 112 26.37 5.75 -10.57
N VAL I 113 25.86 4.55 -10.83
CA VAL I 113 26.31 3.37 -10.10
C VAL I 113 27.00 2.43 -11.09
N VAL I 114 28.22 2.04 -10.76
CA VAL I 114 29.06 1.18 -11.58
C VAL I 114 28.92 -0.26 -11.09
N SER I 115 29.14 -1.25 -11.97
CA SER I 115 28.84 -2.63 -11.60
C SER I 115 29.75 -3.19 -10.52
N ASP I 116 30.86 -2.50 -10.24
CA ASP I 116 31.72 -2.93 -9.13
C ASP I 116 31.32 -2.29 -7.81
N GLY I 117 30.22 -1.53 -7.80
CA GLY I 117 29.73 -0.89 -6.60
C GLY I 117 30.19 0.53 -6.36
N GLU I 118 30.97 1.07 -7.30
CA GLU I 118 31.36 2.47 -7.21
C GLU I 118 30.16 3.36 -7.45
N VAL I 119 30.06 4.42 -6.66
CA VAL I 119 29.00 5.40 -6.88
C VAL I 119 29.63 6.76 -7.13
N LEU I 120 29.12 7.48 -8.14
CA LEU I 120 29.55 8.84 -8.42
C LEU I 120 28.36 9.78 -8.42
N TYR I 121 28.43 10.83 -7.61
CA TYR I 121 27.41 11.86 -7.61
C TYR I 121 28.12 13.20 -7.77
N MET I 122 27.75 13.95 -8.81
CA MET I 122 28.44 15.23 -9.07
C MET I 122 27.44 16.33 -9.39
N PRO I 123 26.82 16.88 -8.35
CA PRO I 123 25.93 18.03 -8.58
C PRO I 123 26.73 19.29 -8.92
N SER I 124 26.16 20.15 -9.75
CA SER I 124 26.63 21.53 -9.83
C SER I 124 25.93 22.32 -8.74
N ILE I 125 26.72 22.97 -7.88
CA ILE I 125 26.20 23.70 -6.75
C ILE I 125 26.61 25.16 -6.80
N ARG I 126 25.65 26.05 -6.57
CA ARG I 126 25.97 27.45 -6.32
C ARG I 126 25.79 27.73 -4.84
N GLN I 127 26.77 28.37 -4.22
CA GLN I 127 26.70 28.56 -2.77
C GLN I 127 27.62 29.69 -2.34
N ARG I 128 27.28 30.33 -1.23
CA ARG I 128 28.07 31.46 -0.72
C ARG I 128 28.85 31.01 0.51
N PHE I 129 30.05 31.57 0.67
CA PHE I 129 30.97 31.17 1.75
C PHE I 129 31.59 32.37 2.42
N SER I 130 31.90 32.20 3.69
CA SER I 130 32.72 33.15 4.44
C SER I 130 34.16 32.66 4.39
N CYS I 131 35.05 33.43 3.76
CA CYS I 131 36.45 33.04 3.68
C CYS I 131 37.33 34.26 3.44
N ASP I 132 38.64 34.05 3.42
CA ASP I 132 39.59 35.17 3.34
C ASP I 132 39.74 35.67 1.91
N VAL I 133 39.18 36.83 1.63
CA VAL I 133 39.18 37.42 0.29
C VAL I 133 40.29 38.46 0.16
N SER I 134 41.02 38.70 1.24
CA SER I 134 42.12 39.68 1.19
C SER I 134 43.18 39.24 0.19
N GLY I 135 43.68 40.18 -0.59
CA GLY I 135 44.69 39.88 -1.58
C GLY I 135 44.14 39.65 -2.97
N VAL I 136 42.82 39.71 -3.12
CA VAL I 136 42.20 39.31 -4.38
C VAL I 136 42.61 40.23 -5.53
N ASP I 137 42.93 41.48 -5.22
CA ASP I 137 43.35 42.46 -6.22
C ASP I 137 44.86 42.51 -6.41
N THR I 138 45.58 41.50 -5.96
CA THR I 138 47.03 41.48 -6.13
C THR I 138 47.45 40.34 -7.04
N GLU I 139 48.73 40.33 -7.41
CA GLU I 139 49.24 39.29 -8.32
C GLU I 139 49.22 37.90 -7.66
N SER I 140 49.53 37.83 -6.38
CA SER I 140 49.55 36.54 -5.67
C SER I 140 48.11 36.07 -5.37
N GLY I 141 47.20 37.02 -5.26
CA GLY I 141 45.79 36.71 -5.14
C GLY I 141 45.32 36.40 -3.74
N ALA I 142 44.06 35.98 -3.63
CA ALA I 142 43.48 35.61 -2.35
C ALA I 142 43.43 34.10 -2.23
N THR I 143 43.40 33.59 -1.01
CA THR I 143 43.19 32.16 -0.81
C THR I 143 41.99 31.94 0.08
N CYS I 144 40.92 31.42 -0.51
CA CYS I 144 39.68 31.17 0.17
C CYS I 144 39.59 29.68 0.47
N ARG I 145 39.47 29.31 1.75
CA ARG I 145 39.40 27.90 2.12
C ARG I 145 37.97 27.48 2.39
N ILE I 146 37.59 26.32 1.87
CA ILE I 146 36.27 25.75 2.09
C ILE I 146 36.47 24.40 2.77
N LYS I 147 35.82 24.22 3.92
CA LYS I 147 35.98 23.02 4.71
C LYS I 147 34.73 22.14 4.58
N ILE I 148 34.91 20.91 4.11
CA ILE I 148 33.81 19.98 3.86
C ILE I 148 34.02 18.65 4.56
N GLY I 149 32.98 18.15 5.21
CA GLY I 149 33.06 16.83 5.81
C GLY I 149 31.69 16.34 6.17
N SER I 150 31.63 15.14 6.73
CA SER I 150 30.36 14.55 7.13
C SER I 150 29.80 15.33 8.31
N TRP I 151 28.51 15.65 8.26
CA TRP I 151 27.93 16.43 9.34
C TRP I 151 27.71 15.58 10.60
N THR I 152 27.41 14.30 10.44
CA THR I 152 27.04 13.50 11.62
C THR I 152 27.84 12.22 11.82
N HIS I 153 28.75 11.91 10.90
CA HIS I 153 29.55 10.69 11.03
C HIS I 153 31.01 10.97 11.36
N HIS I 154 31.49 10.40 12.47
CA HIS I 154 32.89 10.51 12.90
CA HIS I 154 32.89 10.62 12.83
C HIS I 154 33.81 9.73 11.99
N SER I 155 35.12 9.88 12.20
CA SER I 155 36.13 9.26 11.33
C SER I 155 36.11 7.73 11.31
N ARG I 156 35.60 7.09 12.36
CA ARG I 156 35.49 5.63 12.35
C ARG I 156 34.41 5.17 11.39
N GLU I 157 33.50 6.08 11.04
CA GLU I 157 32.34 5.77 10.21
C GLU I 157 32.49 6.25 8.76
N ILE I 158 32.95 7.48 8.61
CA ILE I 158 33.22 8.05 7.30
C ILE I 158 34.57 8.75 7.30
N SER I 159 35.42 8.42 6.32
CA SER I 159 36.63 9.20 6.12
C SER I 159 36.48 9.98 4.83
N VAL I 160 36.61 11.30 4.90
CA VAL I 160 36.55 12.11 3.70
C VAL I 160 37.97 12.44 3.27
N ASP I 161 38.34 11.96 2.09
CA ASP I 161 39.69 12.07 1.60
C ASP I 161 39.80 12.96 0.36
N PRO I 162 40.89 13.72 0.27
CA PRO I 162 41.21 14.58 -0.88
C PRO I 162 42.01 13.82 -1.92
N SER I 167 45.59 21.70 -9.10
CA SER I 167 45.35 22.07 -10.49
C SER I 167 44.76 23.48 -10.60
N ASP I 168 44.75 24.06 -11.79
CA ASP I 168 44.18 25.38 -11.98
C ASP I 168 42.74 25.30 -12.52
N ASP I 169 42.22 24.07 -12.63
CA ASP I 169 40.83 23.85 -13.06
C ASP I 169 40.57 24.45 -14.45
N SER I 170 41.59 24.45 -15.30
CA SER I 170 41.50 25.14 -16.59
C SER I 170 40.42 24.56 -17.51
N GLU I 171 40.11 23.27 -17.35
CA GLU I 171 39.11 22.62 -18.18
C GLU I 171 37.70 22.95 -17.74
N TYR I 172 37.58 23.50 -16.54
CA TYR I 172 36.28 23.68 -15.92
C TYR I 172 35.87 25.12 -15.69
N PHE I 173 36.84 25.97 -15.38
CA PHE I 173 36.54 27.31 -14.93
C PHE I 173 36.19 28.24 -16.10
N SER I 174 35.10 28.98 -15.94
CA SER I 174 34.62 29.90 -16.98
C SER I 174 35.64 30.95 -17.41
N GLN I 175 35.89 31.05 -18.72
CA GLN I 175 36.74 32.11 -19.27
C GLN I 175 36.15 33.51 -19.07
N TYR I 176 34.88 33.57 -18.68
CA TYR I 176 34.18 34.85 -18.67
C TYR I 176 34.00 35.41 -17.27
N SER I 177 34.54 34.70 -16.29
CA SER I 177 34.58 35.22 -14.93
C SER I 177 35.44 36.47 -14.90
N ARG I 178 35.13 37.39 -13.99
CA ARG I 178 35.99 38.54 -13.71
C ARG I 178 37.28 38.11 -13.04
N PHE I 179 37.30 36.88 -12.56
CA PHE I 179 38.42 36.35 -11.79
C PHE I 179 39.10 35.20 -12.52
N GLU I 180 40.29 34.85 -12.06
CA GLU I 180 41.01 33.71 -12.60
C GLU I 180 41.59 32.88 -11.46
N ILE I 181 41.64 31.57 -11.67
CA ILE I 181 42.15 30.67 -10.66
C ILE I 181 43.64 30.46 -10.85
N LEU I 182 44.38 30.60 -9.76
CA LEU I 182 45.81 30.35 -9.79
C LEU I 182 46.10 28.92 -9.37
N ASP I 183 45.38 28.44 -8.35
CA ASP I 183 45.62 27.09 -7.87
C ASP I 183 44.49 26.59 -6.97
N VAL I 184 44.21 25.31 -7.04
CA VAL I 184 43.23 24.67 -6.17
C VAL I 184 43.88 23.46 -5.55
N THR I 185 43.96 23.42 -4.23
CA THR I 185 44.58 22.30 -3.55
C THR I 185 43.66 21.80 -2.45
N GLN I 186 43.86 20.56 -2.03
CA GLN I 186 43.08 19.98 -0.94
C GLN I 186 43.98 19.32 0.10
N LYS I 187 43.60 19.43 1.36
CA LYS I 187 44.35 18.81 2.43
C LYS I 187 43.38 18.10 3.35
N LYS I 188 43.72 16.88 3.73
CA LYS I 188 42.96 16.15 4.75
C LYS I 188 43.08 16.91 6.05
N ASN I 189 42.01 16.89 6.84
CA ASN I 189 41.89 17.73 8.02
C ASN I 189 41.10 17.01 9.11
N SER I 190 41.75 16.63 10.19
CA SER I 190 41.10 15.88 11.26
C SER I 190 40.73 16.79 12.42
N VAL I 191 39.46 16.82 12.79
CA VAL I 191 39.01 17.75 13.81
C VAL I 191 38.35 17.03 14.98
N THR I 192 38.82 17.34 16.18
CA THR I 192 38.20 16.83 17.37
C THR I 192 37.53 17.99 18.09
N TYR I 193 36.52 17.68 18.90
CA TYR I 193 35.90 18.69 19.75
C TYR I 193 36.13 18.26 21.19
N SER I 194 36.48 19.23 22.04
CA SER I 194 37.04 18.93 23.36
C SER I 194 36.21 17.92 24.17
N CYS I 195 34.88 18.00 24.04
CA CYS I 195 33.98 17.14 24.81
C CYS I 195 34.24 15.64 24.58
N CYS I 196 34.52 15.28 23.34
CA CYS I 196 34.49 13.87 22.95
C CYS I 196 35.78 13.42 22.28
N PRO I 197 36.02 12.09 22.29
CA PRO I 197 37.27 11.50 21.80
C PRO I 197 37.25 11.24 20.29
N GLU I 198 36.08 11.35 19.68
CA GLU I 198 35.94 11.00 18.27
C GLU I 198 36.12 12.22 17.37
N ALA I 199 36.97 12.05 16.36
CA ALA I 199 37.29 13.12 15.45
C ALA I 199 36.38 13.08 14.22
N TYR I 200 36.30 14.20 13.52
CA TYR I 200 35.66 14.24 12.21
C TYR I 200 36.72 14.44 11.15
N GLU I 201 36.60 13.74 10.03
CA GLU I 201 37.58 13.83 8.96
C GLU I 201 37.12 14.72 7.83
N ASP I 202 37.66 15.93 7.75
CA ASP I 202 37.24 16.87 6.73
C ASP I 202 38.30 17.05 5.65
N VAL I 203 37.91 17.66 4.54
CA VAL I 203 38.85 18.12 3.53
C VAL I 203 38.82 19.64 3.53
N GLU I 204 39.99 20.27 3.50
CA GLU I 204 40.08 21.71 3.30
C GLU I 204 40.46 21.96 1.85
N VAL I 205 39.59 22.64 1.13
CA VAL I 205 39.86 23.01 -0.26
C VAL I 205 40.34 24.45 -0.30
N SER I 206 41.55 24.67 -0.82
CA SER I 206 42.09 26.01 -0.89
C SER I 206 42.03 26.55 -2.32
N LEU I 207 41.21 27.57 -2.50
CA LEU I 207 41.02 28.19 -3.80
C LEU I 207 41.83 29.47 -3.85
N ASN I 208 42.93 29.45 -4.59
CA ASN I 208 43.80 30.61 -4.74
C ASN I 208 43.45 31.28 -6.06
N PHE I 209 42.86 32.48 -5.97
CA PHE I 209 42.31 33.18 -7.13
C PHE I 209 42.59 34.68 -7.05
N ARG I 210 42.42 35.37 -8.18
CA ARG I 210 42.62 36.82 -8.21
C ARG I 210 41.75 37.49 -9.28
N LYS I 211 41.55 38.79 -9.15
CA LYS I 211 40.82 39.53 -10.16
C LYS I 211 41.70 39.67 -11.42
N LYS I 212 41.12 39.48 -12.59
CA LYS I 212 41.88 39.61 -13.83
C LYS I 212 42.21 41.08 -14.12
N ASP J 1 29.67 -0.50 21.59
CA ASP J 1 31.07 -0.88 21.51
C ASP J 1 31.69 -0.30 20.24
N TYR J 2 32.73 0.52 20.40
CA TYR J 2 33.31 1.24 19.26
C TYR J 2 33.88 0.29 18.22
N LYS J 3 34.29 -0.91 18.67
CA LYS J 3 34.84 -1.92 17.77
C LYS J 3 33.77 -2.44 16.81
N ASP J 4 32.51 -2.20 17.15
CA ASP J 4 31.39 -2.72 16.39
C ASP J 4 30.68 -1.62 15.62
N ASP J 5 31.25 -0.42 15.62
CA ASP J 5 30.63 0.72 14.94
C ASP J 5 30.39 0.45 13.44
N ASP J 6 31.30 -0.25 12.78
CA ASP J 6 31.18 -0.43 11.33
C ASP J 6 30.51 -1.75 10.93
N ASP J 7 29.77 -2.36 11.86
CA ASP J 7 28.97 -3.54 11.55
C ASP J 7 27.66 -3.07 10.89
N LYS J 8 27.58 -3.15 9.57
CA LYS J 8 26.47 -2.53 8.85
C LYS J 8 25.12 -3.15 9.20
N LEU J 9 25.07 -4.47 9.33
CA LEU J 9 23.82 -5.16 9.67
C LEU J 9 23.32 -4.71 11.04
N ASP J 10 24.26 -4.55 11.98
CA ASP J 10 23.90 -4.02 13.29
C ASP J 10 23.28 -2.64 13.15
N ARG J 11 23.92 -1.75 12.38
CA ARG J 11 23.36 -0.40 12.21
C ARG J 11 21.97 -0.44 11.56
N ALA J 12 21.80 -1.27 10.54
CA ALA J 12 20.50 -1.40 9.90
C ALA J 12 19.44 -1.91 10.87
N ASP J 13 19.83 -2.83 11.75
CA ASP J 13 18.87 -3.36 12.72
C ASP J 13 18.52 -2.31 13.77
N ILE J 14 19.51 -1.50 14.18
CA ILE J 14 19.24 -0.45 15.14
C ILE J 14 18.24 0.56 14.54
N LEU J 15 18.46 0.90 13.28
CA LEU J 15 17.57 1.84 12.59
C LEU J 15 16.17 1.27 12.50
N TYR J 16 16.08 0.00 12.14
CA TYR J 16 14.80 -0.70 12.14
C TYR J 16 14.11 -0.64 13.50
N ASN J 17 14.86 -0.92 14.57
CA ASN J 17 14.30 -0.89 15.93
C ASN J 17 13.82 0.51 16.32
N ILE J 18 14.63 1.51 16.02
CA ILE J 18 14.25 2.90 16.31
C ILE J 18 12.96 3.22 15.58
N ARG J 19 12.86 2.82 14.33
CA ARG J 19 11.66 3.11 13.55
C ARG J 19 10.42 2.33 14.01
N GLN J 20 10.62 1.17 14.62
CA GLN J 20 9.49 0.40 15.14
C GLN J 20 8.95 1.04 16.41
N THR J 21 9.83 1.67 17.17
CA THR J 21 9.49 2.15 18.50
C THR J 21 9.13 3.63 18.48
N SER J 22 9.76 4.37 17.57
CA SER J 22 9.62 5.81 17.54
C SER J 22 8.19 6.24 17.25
N ARG J 23 7.72 7.23 17.98
CA ARG J 23 6.44 7.85 17.67
C ARG J 23 6.70 9.31 17.35
N PRO J 24 6.91 9.64 16.07
CA PRO J 24 7.40 10.99 15.74
C PRO J 24 6.46 12.13 16.12
N ASP J 25 5.18 11.85 16.37
CA ASP J 25 4.27 12.94 16.66
C ASP J 25 3.83 13.00 18.11
N VAL J 26 4.42 12.15 18.96
CA VAL J 26 4.05 12.12 20.38
C VAL J 26 5.24 12.49 21.26
N ILE J 27 5.06 13.41 22.20
CA ILE J 27 6.18 13.80 23.06
C ILE J 27 6.61 12.61 23.91
N PRO J 28 7.94 12.37 24.00
CA PRO J 28 8.45 11.21 24.75
C PRO J 28 8.53 11.50 26.25
N THR J 29 7.38 11.71 26.86
CA THR J 29 7.33 11.94 28.30
C THR J 29 7.56 10.62 29.02
N GLN J 30 8.49 10.65 29.98
CA GLN J 30 8.81 9.48 30.79
C GLN J 30 8.38 9.70 32.23
N ARG J 31 7.57 8.78 32.75
CA ARG J 31 7.13 8.85 34.14
C ARG J 31 6.24 10.06 34.38
N ASP J 32 5.44 10.42 33.38
CA ASP J 32 4.52 11.55 33.48
C ASP J 32 5.22 12.86 33.85
N ARG J 33 6.47 13.01 33.42
CA ARG J 33 7.24 14.23 33.66
C ARG J 33 7.49 14.94 32.33
N PRO J 34 7.71 16.25 32.35
CA PRO J 34 7.97 16.93 31.07
C PRO J 34 9.25 16.45 30.39
N VAL J 35 9.28 16.55 29.07
CA VAL J 35 10.47 16.23 28.30
C VAL J 35 11.49 17.31 28.54
N ALA J 36 12.67 16.92 29.02
CA ALA J 36 13.74 17.88 29.26
C ALA J 36 14.56 18.06 27.99
N VAL J 37 14.39 19.20 27.36
CA VAL J 37 15.10 19.53 26.14
C VAL J 37 16.17 20.55 26.47
N SER J 38 17.40 20.31 26.02
CA SER J 38 18.48 21.28 26.19
C SER J 38 18.81 21.92 24.86
N VAL J 39 19.02 23.23 24.85
CA VAL J 39 19.31 23.93 23.62
C VAL J 39 20.44 24.91 23.87
N SER J 40 21.43 24.91 22.99
CA SER J 40 22.48 25.92 23.03
C SER J 40 22.83 26.37 21.61
N LEU J 41 22.93 27.68 21.40
CA LEU J 41 23.27 28.19 20.08
C LEU J 41 24.77 28.43 20.01
N LYS J 42 25.43 27.87 19.00
CA LYS J 42 26.84 28.16 18.77
C LYS J 42 26.93 29.05 17.55
N PHE J 43 27.39 30.29 17.72
CA PHE J 43 27.32 31.23 16.60
C PHE J 43 28.47 31.05 15.62
N ILE J 44 28.12 31.06 14.34
CA ILE J 44 29.09 30.84 13.27
C ILE J 44 29.34 32.09 12.45
N ASN J 45 28.30 32.88 12.21
CA ASN J 45 28.48 34.11 11.46
C ASN J 45 27.33 35.09 11.67
N ILE J 46 27.64 36.35 11.41
CA ILE J 46 26.66 37.43 11.43
C ILE J 46 26.75 38.04 10.05
N LEU J 47 25.67 37.95 9.28
CA LEU J 47 25.71 38.22 7.85
C LEU J 47 25.28 39.62 7.48
N GLU J 48 24.21 40.08 8.10
CA GLU J 48 23.71 41.41 7.83
C GLU J 48 23.26 42.02 9.14
N VAL J 49 23.56 43.31 9.30
CA VAL J 49 23.08 44.04 10.45
C VAL J 49 22.46 45.33 9.93
N ASN J 50 21.16 45.46 10.07
CA ASN J 50 20.48 46.63 9.53
C ASN J 50 20.11 47.58 10.64
N GLU J 51 20.87 48.68 10.74
CA GLU J 51 20.65 49.69 11.77
C GLU J 51 19.36 50.47 11.51
N ILE J 52 18.96 50.53 10.25
CA ILE J 52 17.74 51.21 9.86
C ILE J 52 16.49 50.52 10.40
N THR J 53 16.51 49.18 10.42
CA THR J 53 15.31 48.40 10.74
C THR J 53 15.41 47.53 12.00
N ASN J 54 16.54 47.60 12.70
CA ASN J 54 16.79 46.74 13.85
C ASN J 54 16.62 45.27 13.49
N GLU J 55 17.36 44.80 12.49
CA GLU J 55 17.32 43.40 12.09
C GLU J 55 18.73 42.83 11.96
N VAL J 56 18.87 41.54 12.26
CA VAL J 56 20.15 40.88 12.11
C VAL J 56 19.94 39.52 11.48
N ASP J 57 20.81 39.16 10.55
CA ASP J 57 20.80 37.86 9.90
C ASP J 57 21.97 37.07 10.44
N VAL J 58 21.71 35.90 11.02
CA VAL J 58 22.76 35.16 11.71
C VAL J 58 22.82 33.69 11.26
N VAL J 59 24.00 33.10 11.34
CA VAL J 59 24.16 31.65 11.16
C VAL J 59 24.60 31.05 12.47
N PHE J 60 23.94 29.99 12.92
CA PHE J 60 24.30 29.38 14.18
C PHE J 60 24.01 27.89 14.16
N TRP J 61 24.78 27.13 14.94
CA TRP J 61 24.47 25.73 15.20
C TRP J 61 23.44 25.66 16.33
N GLN J 62 22.28 25.04 16.06
CA GLN J 62 21.26 24.91 17.11
C GLN J 62 21.38 23.56 17.82
N GLN J 63 22.28 23.49 18.80
CA GLN J 63 22.56 22.24 19.50
C GLN J 63 21.37 21.85 20.37
N THR J 64 20.72 20.73 20.03
CA THR J 64 19.48 20.34 20.67
C THR J 64 19.59 18.90 21.16
N THR J 65 19.35 18.66 22.44
CA THR J 65 19.39 17.29 22.93
C THR J 65 18.24 16.99 23.88
N TRP J 66 17.86 15.73 23.90
CA TRP J 66 16.82 15.25 24.79
C TRP J 66 16.96 13.74 24.84
N SER J 67 16.17 13.10 25.70
CA SER J 67 16.23 11.65 25.76
C SER J 67 14.89 11.01 25.44
N ASP J 68 14.95 9.85 24.82
CA ASP J 68 13.79 8.98 24.73
C ASP J 68 14.29 7.59 25.02
N ARG J 69 14.10 7.15 26.26
CA ARG J 69 14.69 5.91 26.74
C ARG J 69 14.10 4.69 26.03
N THR J 70 12.93 4.85 25.42
CA THR J 70 12.33 3.75 24.67
C THR J 70 13.17 3.39 23.45
N LEU J 71 14.05 4.32 23.02
CA LEU J 71 14.91 4.09 21.87
C LEU J 71 16.23 3.40 22.23
N ALA J 72 16.47 3.19 23.52
CA ALA J 72 17.75 2.65 23.97
C ALA J 72 17.96 1.19 23.56
N TRP J 73 19.23 0.83 23.38
CA TRP J 73 19.60 -0.55 23.12
C TRP J 73 20.89 -0.93 23.84
N ASN J 74 21.09 -2.23 24.00
CA ASN J 74 22.32 -2.75 24.57
C ASN J 74 23.44 -2.68 23.54
N SER J 75 24.45 -1.85 23.78
CA SER J 75 25.54 -1.68 22.82
C SER J 75 26.81 -2.40 23.25
N SER J 76 26.70 -3.42 24.11
CA SER J 76 27.87 -4.17 24.53
C SER J 76 28.60 -4.77 23.32
N HIS J 77 27.85 -5.20 22.30
CA HIS J 77 28.46 -5.74 21.09
C HIS J 77 27.86 -5.17 19.82
N SER J 78 27.55 -3.88 19.85
CA SER J 78 27.01 -3.20 18.68
C SER J 78 27.37 -1.73 18.73
N PRO J 79 27.10 -0.98 17.64
CA PRO J 79 27.40 0.45 17.58
C PRO J 79 26.83 1.24 18.76
N ASP J 80 27.54 2.25 19.23
CA ASP J 80 27.08 3.07 20.33
C ASP J 80 26.15 4.19 19.89
N GLN J 81 26.17 4.49 18.60
CA GLN J 81 25.44 5.61 18.04
C GLN J 81 25.14 5.36 16.58
N VAL J 82 24.01 5.87 16.10
CA VAL J 82 23.76 5.87 14.65
C VAL J 82 23.14 7.19 14.24
N SER J 83 23.25 7.50 12.95
CA SER J 83 22.57 8.67 12.39
C SER J 83 21.17 8.30 11.89
N VAL J 84 20.19 9.15 12.15
CA VAL J 84 18.79 8.85 11.82
C VAL J 84 18.15 10.07 11.17
N PRO J 85 17.42 9.89 10.07
CA PRO J 85 16.69 11.05 9.53
C PRO J 85 15.67 11.58 10.54
N ILE J 86 15.59 12.90 10.71
CA ILE J 86 14.69 13.44 11.74
C ILE J 86 13.23 13.10 11.46
N SER J 87 12.88 12.77 10.22
CA SER J 87 11.50 12.38 9.93
C SER J 87 11.10 11.06 10.62
N SER J 88 12.09 10.28 11.04
CA SER J 88 11.83 9.03 11.74
C SER J 88 11.68 9.23 13.25
N LEU J 89 11.94 10.45 13.72
CA LEU J 89 12.01 10.74 15.15
C LEU J 89 11.03 11.81 15.60
N TRP J 90 10.66 11.78 16.88
CA TRP J 90 10.07 12.97 17.47
C TRP J 90 11.20 13.98 17.67
N VAL J 91 10.96 15.22 17.26
CA VAL J 91 11.90 16.31 17.48
C VAL J 91 11.15 17.47 18.11
N PRO J 92 11.77 18.16 19.06
CA PRO J 92 11.02 19.22 19.73
C PRO J 92 10.59 20.30 18.74
N ASP J 93 9.38 20.82 18.92
CA ASP J 93 8.86 21.85 18.03
C ASP J 93 9.37 23.25 18.44
N LEU J 94 10.68 23.43 18.39
CA LEU J 94 11.27 24.72 18.82
C LEU J 94 11.01 25.81 17.80
N ALA J 95 10.87 27.04 18.31
CA ALA J 95 10.80 28.21 17.47
C ALA J 95 11.46 29.37 18.19
N ALA J 96 12.06 30.26 17.42
CA ALA J 96 12.56 31.50 18.00
C ALA J 96 11.44 32.52 17.99
N TYR J 97 11.05 32.96 19.17
CA TYR J 97 9.86 33.80 19.33
C TYR J 97 10.02 35.20 18.68
N ASN J 98 11.26 35.65 18.43
CA ASN J 98 11.45 36.93 17.73
C ASN J 98 12.05 36.77 16.33
N ALA J 99 11.92 35.60 15.74
CA ALA J 99 12.42 35.39 14.38
C ALA J 99 11.49 36.10 13.41
N ILE J 100 12.07 36.64 12.34
CA ILE J 100 11.26 37.29 11.30
C ILE J 100 11.49 36.64 9.94
N SER J 101 12.12 35.47 9.95
CA SER J 101 12.19 34.62 8.76
C SER J 101 12.13 33.18 9.20
N LYS J 102 11.80 32.28 8.27
CA LYS J 102 11.84 30.86 8.58
C LYS J 102 13.27 30.46 8.85
N PRO J 103 13.47 29.48 9.73
CA PRO J 103 14.82 28.93 9.87
C PRO J 103 15.23 28.20 8.60
N GLU J 104 16.33 28.64 8.01
CA GLU J 104 16.89 27.99 6.83
C GLU J 104 17.92 26.96 7.28
N VAL J 105 17.60 25.68 7.15
CA VAL J 105 18.52 24.65 7.60
C VAL J 105 19.58 24.38 6.53
N LEU J 106 20.84 24.61 6.89
CA LEU J 106 21.96 24.52 5.94
C LEU J 106 22.66 23.16 5.89
N THR J 107 22.27 22.25 6.77
CA THR J 107 22.97 20.98 6.90
C THR J 107 22.00 19.81 6.73
N PRO J 108 22.55 18.60 6.52
CA PRO J 108 21.70 17.40 6.41
C PRO J 108 20.79 17.20 7.63
N GLN J 109 19.52 16.85 7.37
CA GLN J 109 18.56 16.80 8.46
C GLN J 109 18.60 15.43 9.12
N LEU J 110 19.75 15.15 9.73
CA LEU J 110 20.00 13.91 10.46
C LEU J 110 20.26 14.22 11.94
N ALA J 111 19.78 13.34 12.79
CA ALA J 111 20.13 13.40 14.22
C ALA J 111 21.00 12.20 14.58
N ARG J 112 21.68 12.28 15.73
CA ARG J 112 22.42 11.15 16.25
C ARG J 112 21.63 10.54 17.38
N VAL J 113 21.42 9.23 17.35
CA VAL J 113 20.76 8.56 18.48
C VAL J 113 21.80 7.70 19.18
N VAL J 114 21.92 7.89 20.49
CA VAL J 114 22.90 7.20 21.29
C VAL J 114 22.23 5.99 21.95
N SER J 115 22.98 4.93 22.20
CA SER J 115 22.38 3.69 22.70
C SER J 115 21.72 3.84 24.07
N ASP J 116 21.99 4.93 24.79
CA ASP J 116 21.28 5.15 26.05
C ASP J 116 19.99 5.94 25.84
N GLY J 117 19.65 6.20 24.58
CA GLY J 117 18.44 6.92 24.26
C GLY J 117 18.57 8.42 24.12
N GLU J 118 19.76 8.97 24.33
CA GLU J 118 19.92 10.41 24.10
C GLU J 118 19.88 10.67 22.59
N VAL J 119 19.29 11.79 22.22
CA VAL J 119 19.27 12.24 20.83
C VAL J 119 19.96 13.60 20.75
N LEU J 120 20.80 13.79 19.73
CA LEU J 120 21.45 15.07 19.47
C LEU J 120 21.11 15.47 18.04
N TYR J 121 20.45 16.62 17.91
CA TYR J 121 20.12 17.15 16.59
C TYR J 121 20.74 18.54 16.60
N MET J 122 21.60 18.81 15.63
CA MET J 122 22.28 20.10 15.60
C MET J 122 22.35 20.66 14.18
N PRO J 123 21.23 21.21 13.72
CA PRO J 123 21.27 21.85 12.40
C PRO J 123 22.04 23.17 12.45
N SER J 124 22.71 23.50 11.36
CA SER J 124 23.18 24.87 11.16
C SER J 124 22.05 25.65 10.50
N ILE J 125 21.69 26.76 11.14
CA ILE J 125 20.51 27.53 10.76
C ILE J 125 20.91 28.94 10.39
N ARG J 126 20.37 29.43 9.27
CA ARG J 126 20.46 30.86 8.94
C ARG J 126 19.08 31.45 9.18
N GLN J 127 19.02 32.47 10.02
CA GLN J 127 17.73 33.05 10.40
C GLN J 127 17.86 34.54 10.69
N ARG J 128 16.78 35.27 10.46
CA ARG J 128 16.75 36.71 10.69
C ARG J 128 15.93 37.02 11.91
N PHE J 129 16.40 38.00 12.68
CA PHE J 129 15.75 38.40 13.93
C PHE J 129 15.56 39.89 14.02
N SER J 130 14.49 40.26 14.68
CA SER J 130 14.28 41.60 15.17
C SER J 130 14.86 41.63 16.58
N CYS J 131 15.83 42.51 16.78
CA CYS J 131 16.44 42.62 18.09
C CYS J 131 17.20 43.93 18.11
N ASP J 132 17.76 44.28 19.26
CA ASP J 132 18.36 45.59 19.44
C ASP J 132 19.76 45.68 18.83
N VAL J 133 19.91 46.49 17.78
CA VAL J 133 21.15 46.58 17.01
C VAL J 133 21.94 47.85 17.37
N SER J 134 21.33 48.71 18.18
CA SER J 134 22.00 49.95 18.58
C SER J 134 23.32 49.66 19.31
N GLY J 135 24.38 50.39 18.93
CA GLY J 135 25.68 50.19 19.56
C GLY J 135 26.64 49.28 18.83
N VAL J 136 26.20 48.72 17.70
CA VAL J 136 27.03 47.76 16.97
C VAL J 136 28.38 48.35 16.54
N ASP J 137 28.41 49.65 16.26
CA ASP J 137 29.63 50.28 15.78
C ASP J 137 30.34 51.04 16.91
N THR J 138 30.21 50.52 18.13
CA THR J 138 30.88 51.09 19.29
C THR J 138 31.66 50.02 20.04
N GLU J 139 32.47 50.45 20.99
CA GLU J 139 33.31 49.55 21.76
C GLU J 139 32.51 48.49 22.51
N SER J 140 31.42 48.91 23.13
CA SER J 140 30.61 48.02 23.95
C SER J 140 29.67 47.16 23.10
N GLY J 141 29.53 47.51 21.82
CA GLY J 141 28.76 46.70 20.88
C GLY J 141 27.25 46.75 21.06
N ALA J 142 26.55 45.96 20.23
CA ALA J 142 25.11 45.77 20.36
C ALA J 142 24.84 44.46 21.09
N THR J 143 23.66 44.36 21.69
CA THR J 143 23.24 43.11 22.33
C THR J 143 21.89 42.69 21.77
N CYS J 144 21.89 41.58 21.07
CA CYS J 144 20.70 41.02 20.43
C CYS J 144 20.24 39.82 21.23
N ARG J 145 18.96 39.81 21.61
CA ARG J 145 18.43 38.71 22.42
C ARG J 145 17.56 37.81 21.55
N ILE J 146 17.77 36.50 21.65
CA ILE J 146 16.97 35.52 20.93
C ILE J 146 16.34 34.59 21.93
N LYS J 147 15.02 34.41 21.83
CA LYS J 147 14.31 33.50 22.74
C LYS J 147 13.82 32.28 21.97
N ILE J 148 14.23 31.11 22.43
CA ILE J 148 13.85 29.86 21.77
C ILE J 148 13.11 28.92 22.73
N GLY J 149 11.95 28.41 22.31
CA GLY J 149 11.19 27.51 23.16
C GLY J 149 10.24 26.68 22.32
N SER J 150 9.50 25.77 22.96
CA SER J 150 8.53 24.99 22.22
C SER J 150 7.39 25.88 21.75
N TRP J 151 6.94 25.69 20.51
CA TRP J 151 5.86 26.55 20.01
C TRP J 151 4.49 26.13 20.57
N THR J 152 4.27 24.84 20.79
CA THR J 152 2.93 24.42 21.19
C THR J 152 2.87 23.68 22.52
N HIS J 153 4.02 23.39 23.12
CA HIS J 153 4.03 22.64 24.39
C HIS J 153 4.42 23.52 25.56
N HIS J 154 3.51 23.66 26.53
CA HIS J 154 3.79 24.46 27.73
C HIS J 154 4.68 23.69 28.72
N SER J 155 4.98 24.32 29.85
CA SER J 155 6.05 23.87 30.73
C SER J 155 5.78 22.51 31.40
N ARG J 156 4.52 22.11 31.48
CA ARG J 156 4.17 20.81 32.05
C ARG J 156 4.51 19.67 31.10
N GLU J 157 4.67 20.01 29.83
CA GLU J 157 4.92 19.04 28.75
C GLU J 157 6.37 19.05 28.28
N ILE J 158 6.93 20.23 28.10
CA ILE J 158 8.32 20.35 27.69
C ILE J 158 9.02 21.44 28.49
N SER J 159 10.18 21.11 29.03
CA SER J 159 11.07 22.12 29.61
C SER J 159 12.21 22.37 28.65
N VAL J 160 12.45 23.64 28.33
CA VAL J 160 13.59 23.98 27.48
C VAL J 160 14.62 24.68 28.34
N ASP J 161 15.78 24.05 28.49
CA ASP J 161 16.81 24.55 29.40
C ASP J 161 18.13 24.76 28.67
N PRO J 162 18.94 25.71 29.17
CA PRO J 162 20.25 25.92 28.58
C PRO J 162 21.22 24.82 28.99
N THR J 163 22.31 24.65 28.25
CA THR J 163 23.42 23.85 28.74
C THR J 163 24.28 24.77 29.61
N THR J 164 25.22 24.21 30.36
CA THR J 164 26.12 25.03 31.16
C THR J 164 27.48 25.18 30.46
N GLU J 165 27.61 24.59 29.28
CA GLU J 165 28.81 24.82 28.47
C GLU J 165 28.61 25.95 27.48
N ASN J 166 29.30 27.06 27.73
CA ASN J 166 29.21 28.24 26.89
C ASN J 166 30.53 28.63 26.23
N SER J 167 31.60 27.96 26.62
CA SER J 167 32.93 28.36 26.17
C SER J 167 33.12 28.20 24.66
N ASP J 168 32.26 27.40 24.04
CA ASP J 168 32.32 27.21 22.60
C ASP J 168 31.29 28.05 21.84
N ASP J 169 30.60 28.94 22.54
CA ASP J 169 29.55 29.75 21.92
C ASP J 169 30.02 30.59 20.73
N SER J 170 31.28 31.06 20.77
CA SER J 170 31.84 31.78 19.63
C SER J 170 33.11 31.11 19.10
N GLU J 171 33.39 29.90 19.56
CA GLU J 171 34.62 29.20 19.18
C GLU J 171 34.69 28.87 17.70
N TYR J 172 33.53 28.68 17.09
CA TYR J 172 33.46 28.33 15.68
C TYR J 172 33.00 29.49 14.83
N PHE J 173 32.97 30.67 15.44
CA PHE J 173 32.62 31.89 14.71
C PHE J 173 33.69 32.23 13.66
N SER J 174 33.23 32.62 12.47
CA SER J 174 34.16 32.91 11.37
C SER J 174 35.16 34.00 11.73
N GLN J 175 36.45 33.69 11.58
CA GLN J 175 37.49 34.69 11.85
C GLN J 175 37.50 35.80 10.79
N TYR J 176 36.79 35.58 9.69
CA TYR J 176 36.83 36.48 8.55
C TYR J 176 35.67 37.46 8.52
N SER J 177 34.68 37.26 9.38
CA SER J 177 33.54 38.16 9.49
C SER J 177 33.99 39.55 9.89
N ARG J 178 33.23 40.56 9.48
CA ARG J 178 33.56 41.94 9.82
C ARG J 178 33.09 42.25 11.22
N PHE J 179 32.39 41.28 11.81
CA PHE J 179 31.91 41.38 13.18
C PHE J 179 32.70 40.49 14.11
N GLU J 180 32.68 40.82 15.40
CA GLU J 180 33.29 39.94 16.37
C GLU J 180 32.35 39.81 17.56
N ILE J 181 32.31 38.62 18.13
CA ILE J 181 31.44 38.39 19.26
C ILE J 181 32.17 38.75 20.55
N LEU J 182 31.53 39.57 21.38
CA LEU J 182 32.13 39.99 22.66
C LEU J 182 31.74 39.08 23.81
N ASP J 183 30.47 38.69 23.85
CA ASP J 183 29.99 37.79 24.91
C ASP J 183 28.68 37.15 24.51
N VAL J 184 28.44 35.96 25.03
CA VAL J 184 27.17 35.28 24.82
C VAL J 184 26.72 34.75 26.17
N THR J 185 25.46 34.99 26.54
CA THR J 185 24.86 34.26 27.65
C THR J 185 23.64 33.50 27.19
N GLN J 186 23.39 32.36 27.81
CA GLN J 186 22.22 31.56 27.50
C GLN J 186 21.61 31.17 28.82
N LYS J 187 20.40 31.67 29.08
CA LYS J 187 19.79 31.57 30.39
C LYS J 187 18.36 31.02 30.33
N LYS J 188 17.93 30.42 31.43
CA LYS J 188 16.56 29.94 31.55
C LYS J 188 15.60 31.12 31.54
N ASN J 189 14.46 30.95 30.89
CA ASN J 189 13.44 31.99 30.87
C ASN J 189 12.05 31.37 30.80
N SER J 190 11.07 32.09 31.32
CA SER J 190 9.69 31.61 31.30
C SER J 190 8.81 32.72 30.75
N VAL J 191 7.96 32.36 29.81
CA VAL J 191 7.03 33.31 29.21
C VAL J 191 5.59 32.94 29.55
N THR J 192 4.84 33.91 30.05
CA THR J 192 3.43 33.72 30.32
C THR J 192 2.66 34.94 29.82
N TYR J 193 1.42 34.71 29.39
CA TYR J 193 0.57 35.78 28.89
C TYR J 193 -0.64 35.95 29.80
N SER J 194 -1.12 37.19 29.94
CA SER J 194 -2.16 37.50 30.91
C SER J 194 -3.46 36.77 30.59
N CYS J 195 -3.67 36.49 29.31
CA CYS J 195 -4.88 35.84 28.84
C CYS J 195 -5.06 34.43 29.40
N CYS J 196 -3.94 33.72 29.58
CA CYS J 196 -3.98 32.26 29.74
C CYS J 196 -3.00 31.76 30.79
N PRO J 197 -3.29 30.60 31.40
CA PRO J 197 -2.49 30.10 32.53
C PRO J 197 -1.19 29.39 32.11
N GLU J 198 -1.06 29.01 30.85
CA GLU J 198 0.13 28.29 30.41
C GLU J 198 1.40 29.12 30.56
N ALA J 199 2.49 28.47 30.96
CA ALA J 199 3.81 29.07 30.88
C ALA J 199 4.65 28.30 29.87
N TYR J 200 5.47 29.03 29.12
CA TYR J 200 6.36 28.42 28.13
C TYR J 200 7.80 28.63 28.53
N GLU J 201 8.52 27.54 28.74
CA GLU J 201 9.92 27.64 29.08
C GLU J 201 10.73 27.93 27.84
N ASP J 202 11.79 28.70 27.99
CA ASP J 202 12.62 28.99 26.84
C ASP J 202 14.03 29.25 27.30
N VAL J 203 14.94 29.25 26.34
CA VAL J 203 16.30 29.72 26.59
C VAL J 203 16.41 31.10 25.97
N GLU J 204 16.88 32.06 26.75
CA GLU J 204 17.11 33.40 26.22
C GLU J 204 18.59 33.58 25.95
N VAL J 205 18.94 33.80 24.70
CA VAL J 205 20.33 33.89 24.27
C VAL J 205 20.63 35.35 24.03
N SER J 206 21.65 35.86 24.72
CA SER J 206 22.04 37.26 24.55
C SER J 206 23.36 37.30 23.84
N LEU J 207 23.35 37.88 22.64
CA LEU J 207 24.51 37.96 21.78
C LEU J 207 25.04 39.37 21.78
N ASN J 208 26.20 39.58 22.38
CA ASN J 208 26.85 40.90 22.43
C ASN J 208 27.95 40.91 21.38
N PHE J 209 27.85 41.81 20.41
CA PHE J 209 28.77 41.81 19.29
C PHE J 209 29.00 43.23 18.77
N ARG J 210 30.04 43.40 17.97
CA ARG J 210 30.33 44.71 17.39
C ARG J 210 31.04 44.56 16.05
N LYS J 211 30.99 45.61 15.26
CA LYS J 211 31.78 45.68 14.04
C LYS J 211 33.24 45.85 14.43
N LYS J 212 34.14 45.09 13.83
CA LYS J 212 35.56 45.24 14.13
C LYS J 212 36.02 46.63 13.73
N GLY J 213 36.82 47.26 14.59
CA GLY J 213 37.26 48.63 14.36
C GLY J 213 38.40 48.71 13.37
P PO4 K . 10.93 -17.07 16.59
O1 PO4 K . 11.26 -16.14 17.74
O2 PO4 K . 11.70 -18.36 16.74
O3 PO4 K . 9.44 -17.30 16.47
O4 PO4 K . 11.37 -16.43 15.28
P PO4 L . 12.76 -20.16 -9.95
O1 PO4 L . 11.99 -19.02 -10.58
O2 PO4 L . 12.80 -21.34 -10.89
O3 PO4 L . 14.15 -19.70 -9.56
O4 PO4 L . 11.97 -20.57 -8.70
C17 4P7 M . 7.62 -29.17 -15.70
C16 4P7 M . 7.95 -30.49 -15.51
C4 4P7 M . 7.36 -35.38 -18.01
C18 4P7 M . 6.50 -28.65 -15.09
C14 4P7 M . 6.03 -30.63 -14.11
C3 4P7 M . 7.19 -35.69 -19.35
C1 4P7 M . 6.67 -33.53 -19.09
C15 4P7 M . 7.13 -31.23 -14.69
C5 4P7 M . 7.04 -34.00 -17.86
C12 4P7 M . 7.38 -32.64 -14.40
C11 4P7 M . 7.55 -33.61 -15.51
C6 4P7 M . 7.03 -33.22 -16.67
C10 4P7 M . 8.21 -34.90 -15.21
C9 4P7 M . 8.73 -34.87 -13.80
C8 4P7 M . 7.62 -34.39 -12.91
N13 4P7 M . 5.68 -29.35 -14.29
N7 4P7 M . 7.39 -32.97 -13.14
N2 4P7 M . 6.77 -34.55 -19.98
H32 4P7 M . 8.23 -28.54 -16.34
H31 4P7 M . 8.81 -30.93 -15.98
H22 4P7 M . 7.70 -36.07 -17.24
H33 4P7 M . 6.22 -27.62 -15.23
H30 4P7 M . 5.37 -31.21 -13.46
H21 4P7 M . 7.33 -36.61 -19.89
H19 4P7 M . 6.34 -32.54 -19.40
H23 4P7 M . 6.55 -32.25 -16.73
H28 4P7 M . 7.50 -35.72 -15.33
H29 4P7 M . 9.03 -35.06 -15.91
H27 4P7 M . 9.60 -34.21 -13.73
H26 4P7 M . 9.04 -35.88 -13.50
H24 4P7 M . 6.71 -34.95 -13.11
H25 4P7 M . 7.90 -34.54 -11.86
H20 4P7 M . 6.56 -34.48 -20.97
P PO4 N . -10.11 -11.94 -21.31
O1 PO4 N . -10.58 -10.76 -20.48
O2 PO4 N . -9.52 -12.92 -20.32
O3 PO4 N . -11.28 -12.57 -22.05
O4 PO4 N . -9.03 -11.48 -22.27
C17 4P7 O . -20.06 -18.35 -21.00
C16 4P7 O . -20.19 -19.56 -21.65
C4 4P7 O . -24.80 -20.93 -22.44
C18 4P7 O . -19.78 -18.35 -19.66
C14 4P7 O . -19.77 -20.61 -19.57
C3 4P7 O . -25.91 -21.47 -23.06
C1 4P7 O . -24.29 -23.00 -23.15
C15 4P7 O . -20.05 -20.72 -20.91
C5 4P7 O . -23.77 -21.90 -22.50
C12 4P7 O . -20.16 -22.05 -21.52
C11 4P7 O . -21.35 -22.40 -22.29
C6 4P7 O . -22.46 -21.74 -21.96
C10 4P7 O . -21.10 -23.48 -23.26
C9 4P7 O . -20.52 -24.60 -22.49
C8 4P7 O . -19.19 -24.21 -21.91
N13 4P7 O . -19.62 -19.45 -18.92
N7 4P7 O . -19.16 -22.87 -21.31
N2 4P7 O . -25.58 -22.73 -23.49
H32 4P7 O . -20.17 -17.43 -21.54
H31 4P7 O . -20.41 -19.61 -22.71
H22 4P7 O . -24.74 -19.95 -22.00
H33 4P7 O . -19.66 -17.41 -19.12
H30 4P7 O . -19.63 -21.50 -18.96
H21 4P7 O . -26.90 -21.07 -23.23
H19 4P7 O . -23.84 -23.96 -23.41
H23 4P7 O . -22.37 -21.00 -21.18
H28 4P7 O . -22.04 -23.79 -23.74
H29 4P7 O . -20.41 -23.15 -24.04
H27 4P7 O . -20.39 -25.48 -23.13
H26 4P7 O . -21.20 -24.88 -21.67
H24 4P7 O . -18.90 -24.94 -21.16
H25 4P7 O . -18.44 -24.23 -22.70
H20 4P7 O . -26.21 -23.35 -23.98
C17 4P7 P . -31.64 -11.41 5.23
C16 4P7 P . -32.59 -12.29 4.75
C4 4P7 P . -36.63 -15.64 6.63
C18 4P7 P . -30.36 -11.88 5.45
C14 4P7 P . -30.90 -13.94 4.76
C3 4P7 P . -37.40 -15.56 7.77
C1 4P7 P . -35.64 -14.21 8.07
C15 4P7 P . -32.20 -13.58 4.52
C5 4P7 P . -35.52 -14.78 6.81
C12 4P7 P . -33.10 -14.62 3.99
C11 4P7 P . -34.37 -14.94 4.67
C6 4P7 P . -34.43 -14.53 5.95
C10 4P7 P . -35.39 -15.72 3.92
C9 4P7 P . -34.98 -15.87 2.48
C8 4P7 P . -33.54 -16.31 2.46
N13 4P7 P . -29.95 -13.13 5.23
N7 4P7 P . -32.67 -15.26 2.96
N2 4P7 P . -36.78 -14.70 8.63
H32 4P7 P . -31.89 -10.38 5.43
H31 4P7 P . -33.61 -11.96 4.56
H22 4P7 P . -36.84 -16.24 5.76
H33 4P7 P . -29.60 -11.21 5.83
H30 4P7 P . -30.57 -14.96 4.58
H21 4P7 P . -38.32 -16.04 8.04
H19 4P7 P . -35.01 -13.51 8.60
H23 4P7 P . -33.59 -14.00 6.35
H28 4P7 P . -35.50 -16.71 4.38
H29 4P7 P . -36.36 -15.21 3.97
H27 4P7 P . -35.07 -14.90 1.96
H26 4P7 P . -35.61 -16.60 1.98
H24 4P7 P . -33.42 -17.21 3.09
H25 4P7 P . -33.26 -16.57 1.44
H20 4P7 P . -37.13 -14.45 9.55
P PO4 Q . -25.90 -3.58 -1.56
O1 PO4 Q . -26.20 -2.58 -2.64
O2 PO4 Q . -25.09 -4.73 -2.13
O3 PO4 Q . -25.02 -2.95 -0.50
O4 PO4 Q . -27.15 -4.08 -0.90
C17 4P7 R . -11.87 -17.42 27.06
C16 4P7 R . -12.91 -18.20 27.51
C4 4P7 R . -11.82 -21.51 30.95
C18 4P7 R . -11.33 -17.71 25.82
C14 4P7 R . -12.75 -19.42 25.48
C3 4P7 R . -12.00 -22.29 32.06
C1 4P7 R . -13.90 -22.37 30.89
C15 4P7 R . -13.36 -19.22 26.69
C5 4P7 R . -13.03 -21.55 30.21
C12 4P7 R . -14.47 -20.10 27.07
C11 4P7 R . -14.46 -20.79 28.38
C6 4P7 R . -13.27 -20.89 28.97
C10 4P7 R . -15.74 -21.32 28.90
C9 4P7 R . -16.86 -20.83 28.03
C8 4P7 R . -16.49 -21.13 26.60
N13 4P7 R . -11.73 -18.68 25.01
N7 4P7 R . -15.40 -20.25 26.19
N2 4P7 R . -13.27 -22.80 32.02
H32 4P7 R . -11.48 -16.62 27.66
H31 4P7 R . -13.37 -18.02 28.48
H22 4P7 R . -10.92 -20.97 30.69
H33 4P7 R . -10.50 -17.11 25.44
H30 4P7 R . -13.10 -20.21 24.82
H21 4P7 R . -11.33 -22.53 32.89
H19 4P7 R . -14.92 -22.67 30.68
H23 4P7 R . -12.40 -20.47 28.45
H28 4P7 R . -15.71 -22.41 28.91
H29 4P7 R . -15.89 -20.98 29.93
H27 4P7 R . -17.00 -19.76 28.16
H26 4P7 R . -17.80 -21.34 28.30
H24 4P7 R . -16.15 -22.17 26.51
H25 4P7 R . -17.35 -20.99 25.95
H20 4P7 R . -13.67 -23.42 32.73
P PO4 S . -13.13 -6.83 21.79
O1 PO4 S . -13.92 -5.56 22.02
O2 PO4 S . -13.22 -7.72 23.00
O3 PO4 S . -13.66 -7.50 20.54
O4 PO4 S . -11.68 -6.53 21.52
C17 4P7 T . 12.56 -28.53 13.87
C16 4P7 T . 12.31 -29.57 14.75
C4 4P7 T . 14.57 -33.84 13.78
C18 4P7 T . 11.61 -28.22 12.93
C14 4P7 T . 10.22 -29.84 13.66
C3 4P7 T . 15.18 -35.04 14.03
C1 4P7 T . 13.43 -34.91 15.38
C15 4P7 T . 11.12 -30.23 14.64
C5 4P7 T . 13.45 -33.75 14.65
C12 4P7 T . 10.72 -31.34 15.52
C11 4P7 T . 11.62 -32.52 15.67
C6 4P7 T . 12.53 -32.68 14.72
C10 4P7 T . 11.41 -33.41 16.84
C9 4P7 T . 10.38 -32.80 17.75
C8 4P7 T . 9.21 -32.40 16.91
N13 4P7 T . 10.44 -28.84 12.80
N7 4P7 T . 9.56 -31.24 16.07
N2 4P7 T . 14.48 -35.69 14.99
H32 4P7 T . 13.49 -27.99 13.93
H31 4P7 T . 13.04 -29.86 15.50
H22 4P7 T . 14.89 -33.09 13.06
H33 4P7 T . 11.79 -27.41 12.23
H30 4P7 T . 9.27 -30.35 13.57
H21 4P7 T . 16.06 -35.50 13.59
H19 4P7 T . 12.74 -35.26 16.15
H23 4P7 T . 12.56 -31.96 13.92
H28 4P7 T . 11.06 -34.39 16.50
H29 4P7 T . 12.34 -33.54 17.38
H27 4P7 T . 10.81 -31.92 18.26
H26 4P7 T . 10.07 -33.52 18.51
H24 4P7 T . 8.92 -33.23 16.27
H25 4P7 T . 8.36 -32.14 17.55
H20 4P7 T . 14.71 -36.60 15.38
P PO4 U . 1.77 15.41 21.44
O1 PO4 U . 1.39 16.70 22.15
O2 PO4 U . 2.21 14.34 22.39
O3 PO4 U . 0.55 14.91 20.66
O4 PO4 U . 2.85 15.70 20.41
P PO4 V . -15.94 20.85 2.13
O1 PO4 V . -16.55 22.08 1.52
O2 PO4 V . -14.57 21.18 2.68
O3 PO4 V . -15.71 19.80 1.05
O4 PO4 V . -16.83 20.36 3.22
C17 4P7 W . -15.17 30.51 -4.82
C16 4P7 W . -15.23 31.81 -4.36
C4 4P7 W . -16.04 36.88 -6.30
C18 4P7 W . -13.94 29.93 -5.03
C14 4P7 W . -12.86 31.79 -4.37
C3 4P7 W . -16.67 37.31 -7.44
C1 4P7 W . -16.15 35.16 -7.75
C15 4P7 W . -14.05 32.45 -4.14
C5 4P7 W . -15.70 35.52 -6.50
C12 4P7 W . -13.97 33.83 -3.63
C11 4P7 W . -14.72 34.90 -4.35
C6 4P7 W . -15.03 34.62 -5.63
C10 4P7 W . -15.01 36.16 -3.63
C9 4P7 W . -14.60 36.01 -2.20
C8 4P7 W . -13.21 35.46 -2.18
N13 4P7 W . -12.76 30.53 -4.82
N7 4P7 W . -13.22 34.06 -2.60
N2 4P7 W . -16.74 36.26 -8.31
H32 4P7 W . -16.08 29.95 -5.02
H31 4P7 W . -16.18 32.30 -4.18
H22 4P7 W . -15.83 37.48 -5.42
H33 4P7 W . -13.88 28.91 -5.39
H30 4P7 W . -11.91 32.29 -4.19
H21 4P7 W . -17.09 38.28 -7.71
H19 4P7 W . -16.10 34.23 -8.29
H23 4P7 W . -14.73 33.67 -6.03
H28 4P7 W . -14.46 36.99 -4.10
H29 4P7 W . -16.08 36.37 -3.70
H27 4P7 W . -15.29 35.33 -1.67
H26 4P7 W . -14.64 36.97 -1.70
H24 4P7 W . -12.57 36.03 -2.86
H25 4P7 W . -12.78 35.53 -1.18
H20 4P7 W . -17.16 36.30 -9.24
C17 4P7 X . 3.59 20.84 -27.06
C16 4P7 X . 3.28 22.09 -27.56
C4 4P7 X . 5.37 25.87 -30.94
C18 4P7 X . 4.09 20.73 -25.79
C14 4P7 X . 4.01 22.96 -25.47
C3 4P7 X . 6.03 25.65 -32.13
C1 4P7 X . 5.85 23.68 -31.10
C15 4P7 X . 3.51 23.16 -26.73
C5 4P7 X . 5.25 24.63 -30.29
C12 4P7 X . 3.21 24.52 -27.14
C11 4P7 X . 3.64 25.00 -28.46
C6 4P7 X . 4.65 24.33 -29.03
C10 4P7 X . 2.88 26.18 -28.93
C9 4P7 X . 2.94 27.17 -27.81
C8 4P7 X . 2.21 26.62 -26.62
N13 4P7 X . 4.31 21.76 -24.97
N7 4P7 X . 2.57 25.24 -26.27
N2 4P7 X . 6.31 24.32 -32.21
H32 4P7 X . 3.43 19.96 -27.68
H31 4P7 X . 2.89 22.22 -28.56
H22 4P7 X . 5.03 26.83 -30.58
H33 4P7 X . 4.34 19.76 -25.39
H30 4P7 X . 4.19 23.80 -24.80
H21 4P7 X . 6.33 26.33 -32.92
H19 4P7 X . 5.97 22.62 -30.98
H23 4P7 X . 5.06 23.49 -28.49
H28 4P7 X . 3.34 26.58 -29.83
H29 4P7 X . 1.85 25.90 -29.14
H27 4P7 X . 2.48 28.11 -28.13
H26 4P7 X . 3.98 27.37 -27.55
H24 4P7 X . 2.40 27.26 -25.76
H25 4P7 X . 1.13 26.65 -26.82
H20 4P7 X . 6.79 23.87 -32.99
P PO4 Y . 19.18 4.81 -16.58
O1 PO4 Y . 18.24 5.98 -16.43
O2 PO4 Y . 20.58 5.33 -16.75
O3 PO4 Y . 19.13 4.03 -15.27
O4 PO4 Y . 18.78 3.89 -17.69
P PO4 Z . -5.12 14.40 -21.54
O1 PO4 Z . -5.04 15.30 -20.33
O2 PO4 Z . -4.27 13.16 -21.32
O3 PO4 Z . -6.55 14.01 -21.75
O4 PO4 Z . -4.58 15.14 -22.76
C17 4P7 AA . 28.55 11.76 -14.21
C16 4P7 AA . 29.07 12.71 -15.06
C4 4P7 AA . 33.67 14.00 -14.15
C18 4P7 AA . 27.68 12.14 -13.23
C14 4P7 AA . 27.78 14.31 -13.87
C3 4P7 AA . 34.97 14.37 -14.42
C1 4P7 AA . 33.65 15.55 -15.78
C15 4P7 AA . 28.67 14.01 -14.88
C5 4P7 AA . 32.83 14.74 -15.02
C12 4P7 AA . 29.17 15.11 -15.75
C11 4P7 AA . 30.62 15.31 -15.94
C6 4P7 AA . 31.41 14.67 -15.06
C10 4P7 AA . 31.07 16.18 -17.05
C9 4P7 AA . 29.90 16.43 -17.97
C8 4P7 AA . 28.77 16.95 -17.12
N13 4P7 AA . 27.27 13.40 -13.03
N7 4P7 AA . 28.26 15.86 -16.28
N2 4P7 AA . 34.94 15.31 -15.42
H32 4P7 AA . 28.84 10.71 -14.33
H31 4P7 AA . 29.76 12.44 -15.85
H22 4P7 AA . 33.36 13.27 -13.41
H33 4P7 AA . 27.26 11.41 -12.55
H30 4P7 AA . 27.47 15.33 -13.72
H21 4P7 AA . 35.91 14.04 -13.99
H19 4P7 AA . 33.42 16.26 -16.56
H23 4P7 AA . 30.93 14.09 -14.29
H28 4P7 AA . 31.45 17.13 -16.66
H29 4P7 AA . 31.88 15.70 -17.60
H27 4P7 AA . 29.61 15.51 -18.47
H26 4P7 AA . 30.17 17.17 -18.73
H24 4P7 AA . 29.11 17.77 -16.49
H25 4P7 AA . 27.96 17.32 -17.77
H20 4P7 AA . 35.75 15.76 -15.81
P PO4 BA . 23.64 5.32 9.88
O1 PO4 BA . 24.49 6.13 10.84
O2 PO4 BA . 23.34 6.15 8.65
O3 PO4 BA . 24.35 4.03 9.49
O4 PO4 BA . 22.33 4.98 10.55
C17 4P7 CA . 25.95 15.42 15.93
C16 4P7 CA . 27.14 16.09 15.76
C4 4P7 CA . 29.16 18.35 19.35
C18 4P7 CA . 24.85 15.81 15.19
C14 4P7 CA . 26.02 17.43 14.15
C3 4P7 CA . 29.82 19.23 20.18
C1 4P7 CA . 29.77 20.15 18.15
C15 4P7 CA . 27.17 17.13 14.85
C5 4P7 CA . 29.13 18.94 18.07
C12 4P7 CA . 28.37 17.92 14.57
C11 4P7 CA . 29.10 18.52 15.68
C6 4P7 CA . 28.54 18.40 16.89
C10 4P7 CA . 30.37 19.20 15.39
C9 4P7 CA . 30.91 18.70 14.08
C8 4P7 CA . 29.85 18.88 13.03
N13 4P7 CA . 24.86 16.80 14.30
N7 4P7 CA . 28.67 18.06 13.31
N2 4P7 CA . 30.19 20.32 19.44
H32 4P7 CA . 25.88 14.60 16.64
H31 4P7 CA . 28.03 15.82 16.33
H22 4P7 CA . 28.73 17.40 19.65
H33 4P7 CA . 23.90 15.28 15.32
H30 4P7 CA . 26.02 18.24 13.43
H21 4P7 CA . 30.07 19.17 21.23
H19 4P7 CA . 29.98 20.91 17.40
H23 4P7 CA . 27.60 17.88 16.99
H28 4P7 CA . 30.22 20.28 15.35
H29 4P7 CA . 31.10 19.00 16.18
H27 4P7 CA . 31.17 17.65 14.16
H26 4P7 CA . 31.81 19.26 13.80
H24 4P7 CA . 29.55 19.93 12.96
H25 4P7 CA . 30.26 18.58 12.05
H20 4P7 CA . 30.71 21.11 19.79
C17 4P7 DA . -0.62 27.03 21.38
C16 4P7 DA . 0.17 27.99 21.97
C4 4P7 DA . -2.04 32.18 23.02
C18 4P7 DA . -0.50 26.81 20.03
C14 4P7 DA . 1.10 28.37 19.81
C3 4P7 DA . -2.32 33.33 23.73
C1 4P7 DA . -0.10 33.11 23.65
C15 4P7 DA . 1.05 28.67 21.16
C5 4P7 DA . -0.63 32.04 22.97
C12 4P7 DA . 1.96 29.71 21.64
C11 4P7 DA . 1.41 30.83 22.43
C6 4P7 DA . 0.09 31.00 22.32
C10 4P7 DA . 2.36 31.64 23.23
C9 4P7 DA . 3.71 30.98 23.20
C8 4P7 DA . 4.04 30.72 21.76
N13 4P7 DA . 0.35 27.45 19.21
N7 4P7 DA . 3.20 29.62 21.27
N2 4P7 DA . -1.13 33.88 24.11
H32 4P7 DA . -1.34 26.47 21.97
H31 4P7 DA . 0.11 28.20 23.04
H22 4P7 DA . -2.77 31.51 22.58
H33 4P7 DA . -1.11 26.06 19.55
H30 4P7 DA . 1.79 28.90 19.17
H21 4P7 DA . -3.25 33.79 23.99
H19 4P7 DA . 0.93 33.38 23.86
H23 4P7 DA . -0.46 30.34 21.68
H28 4P7 DA . 2.43 32.65 22.81
H29 4P7 DA . 2.00 31.72 24.26
H27 4P7 DA . 3.68 30.04 23.76
H26 4P7 DA . 4.46 31.63 23.65
H24 4P7 DA . 3.86 31.61 21.16
H25 4P7 DA . 5.09 30.44 21.66
H20 4P7 DA . -1.03 34.72 24.65
#